data_2GU9
# 
_entry.id   2GU9 
# 
_audit_conform.dict_name       mmcif_pdbx.dic 
_audit_conform.dict_version    5.388 
_audit_conform.dict_location   http://mmcif.pdb.org/dictionaries/ascii/mmcif_pdbx.dic 
# 
loop_
_database_2.database_id 
_database_2.database_code 
_database_2.pdbx_database_accession 
_database_2.pdbx_DOI 
PDB   2GU9         pdb_00002gu9 10.2210/pdb2gu9/pdb 
RCSB  RCSB037556   ?            ?                   
WWPDB D_1000037556 ?            ?                   
# 
loop_
_pdbx_audit_revision_history.ordinal 
_pdbx_audit_revision_history.data_content_type 
_pdbx_audit_revision_history.major_revision 
_pdbx_audit_revision_history.minor_revision 
_pdbx_audit_revision_history.revision_date 
1 'Structure model' 1 0 2006-11-07 
2 'Structure model' 1 1 2008-05-01 
3 'Structure model' 1 2 2011-07-13 
4 'Structure model' 1 3 2024-03-13 
# 
_pdbx_audit_revision_details.ordinal             1 
_pdbx_audit_revision_details.revision_ordinal    1 
_pdbx_audit_revision_details.data_content_type   'Structure model' 
_pdbx_audit_revision_details.provider            repository 
_pdbx_audit_revision_details.type                'Initial release' 
_pdbx_audit_revision_details.description         ? 
_pdbx_audit_revision_details.details             ? 
# 
loop_
_pdbx_audit_revision_group.ordinal 
_pdbx_audit_revision_group.revision_ordinal 
_pdbx_audit_revision_group.data_content_type 
_pdbx_audit_revision_group.group 
1 2 'Structure model' 'Version format compliance' 
2 3 'Structure model' 'Version format compliance' 
3 4 'Structure model' 'Data collection'           
4 4 'Structure model' 'Database references'       
# 
loop_
_pdbx_audit_revision_category.ordinal 
_pdbx_audit_revision_category.revision_ordinal 
_pdbx_audit_revision_category.data_content_type 
_pdbx_audit_revision_category.category 
1 4 'Structure model' chem_comp_atom 
2 4 'Structure model' chem_comp_bond 
3 4 'Structure model' database_2     
# 
loop_
_pdbx_audit_revision_item.ordinal 
_pdbx_audit_revision_item.revision_ordinal 
_pdbx_audit_revision_item.data_content_type 
_pdbx_audit_revision_item.item 
1 4 'Structure model' '_database_2.pdbx_DOI'                
2 4 'Structure model' '_database_2.pdbx_database_accession' 
# 
_pdbx_database_status.status_code                     REL 
_pdbx_database_status.entry_id                        2GU9 
_pdbx_database_status.recvd_initial_deposition_date   2006-04-28 
_pdbx_database_status.deposit_site                    RCSB 
_pdbx_database_status.process_site                    PDBJ 
_pdbx_database_status.status_code_sf                  ? 
_pdbx_database_status.status_code_mr                  ? 
_pdbx_database_status.SG_entry                        ? 
_pdbx_database_status.pdb_format_compatible           Y 
_pdbx_database_status.status_code_cs                  ? 
_pdbx_database_status.status_code_nmr_data            ? 
_pdbx_database_status.methods_development_category    ? 
# 
loop_
_audit_author.name 
_audit_author.pdbx_ordinal 
'Chin, K.-H.'   1 
'Chou, C.C.'    2 
'Wang, A.H.-J.' 3 
'Chou, S.-H.'   4 
# 
_citation.id                        primary 
_citation.title                     
;Crystal structure of XC5357 from Xanthomonas campestris: A putative tetracenomycin polyketide synthesis protein adopting a novel cupin subfamily structure
;
_citation.journal_abbrev            Proteins 
_citation.journal_volume            65 
_citation.page_first                1046 
_citation.page_last                 1050 
_citation.year                      2006 
_citation.journal_id_ASTM           PSFGEY 
_citation.country                   US 
_citation.journal_id_ISSN           0887-3585 
_citation.journal_id_CSD            0867 
_citation.book_publisher            ? 
_citation.pdbx_database_id_PubMed   17029242 
_citation.pdbx_database_id_DOI      10.1002/prot.21142 
# 
loop_
_citation_author.citation_id 
_citation_author.name 
_citation_author.ordinal 
_citation_author.identifier_ORCID 
primary 'Chin, K.-H.'   1 ? 
primary 'Chou, C.C.'    2 ? 
primary 'Wang, A.H.-J.' 3 ? 
primary 'Chou, S.-H.'   4 ? 
# 
_entity.id                         1 
_entity.type                       polymer 
_entity.src_method                 man 
_entity.pdbx_description           'tetracenomycin polyketide synthesis protein' 
_entity.formula_weight             12178.454 
_entity.pdbx_number_of_molecules   2 
_entity.pdbx_ec                    ? 
_entity.pdbx_mutation              ? 
_entity.pdbx_fragment              ? 
_entity.details                    ? 
# 
_entity_poly.entity_id                      1 
_entity_poly.type                           'polypeptide(L)' 
_entity_poly.nstd_linkage                   no 
_entity_poly.nstd_monomer                   no 
_entity_poly.pdbx_seq_one_letter_code       
;MQYATLELNNAFKVLFSLRQVQAAEMVIAPGDREGGPDNRHRGADQWLFVVDGAGEAIVDGHTQALQAGSLIAIERGQAH
EIRNTGDTPLKTVNFYHPPAYDAQGEPLPAGEG
;
_entity_poly.pdbx_seq_one_letter_code_can   
;MQYATLELNNAFKVLFSLRQVQAAEMVIAPGDREGGPDNRHRGADQWLFVVDGAGEAIVDGHTQALQAGSLIAIERGQAH
EIRNTGDTPLKTVNFYHPPAYDAQGEPLPAGEG
;
_entity_poly.pdbx_strand_id                 A,B 
_entity_poly.pdbx_target_identifier         ? 
# 
loop_
_entity_poly_seq.entity_id 
_entity_poly_seq.num 
_entity_poly_seq.mon_id 
_entity_poly_seq.hetero 
1 1   MET n 
1 2   GLN n 
1 3   TYR n 
1 4   ALA n 
1 5   THR n 
1 6   LEU n 
1 7   GLU n 
1 8   LEU n 
1 9   ASN n 
1 10  ASN n 
1 11  ALA n 
1 12  PHE n 
1 13  LYS n 
1 14  VAL n 
1 15  LEU n 
1 16  PHE n 
1 17  SER n 
1 18  LEU n 
1 19  ARG n 
1 20  GLN n 
1 21  VAL n 
1 22  GLN n 
1 23  ALA n 
1 24  ALA n 
1 25  GLU n 
1 26  MET n 
1 27  VAL n 
1 28  ILE n 
1 29  ALA n 
1 30  PRO n 
1 31  GLY n 
1 32  ASP n 
1 33  ARG n 
1 34  GLU n 
1 35  GLY n 
1 36  GLY n 
1 37  PRO n 
1 38  ASP n 
1 39  ASN n 
1 40  ARG n 
1 41  HIS n 
1 42  ARG n 
1 43  GLY n 
1 44  ALA n 
1 45  ASP n 
1 46  GLN n 
1 47  TRP n 
1 48  LEU n 
1 49  PHE n 
1 50  VAL n 
1 51  VAL n 
1 52  ASP n 
1 53  GLY n 
1 54  ALA n 
1 55  GLY n 
1 56  GLU n 
1 57  ALA n 
1 58  ILE n 
1 59  VAL n 
1 60  ASP n 
1 61  GLY n 
1 62  HIS n 
1 63  THR n 
1 64  GLN n 
1 65  ALA n 
1 66  LEU n 
1 67  GLN n 
1 68  ALA n 
1 69  GLY n 
1 70  SER n 
1 71  LEU n 
1 72  ILE n 
1 73  ALA n 
1 74  ILE n 
1 75  GLU n 
1 76  ARG n 
1 77  GLY n 
1 78  GLN n 
1 79  ALA n 
1 80  HIS n 
1 81  GLU n 
1 82  ILE n 
1 83  ARG n 
1 84  ASN n 
1 85  THR n 
1 86  GLY n 
1 87  ASP n 
1 88  THR n 
1 89  PRO n 
1 90  LEU n 
1 91  LYS n 
1 92  THR n 
1 93  VAL n 
1 94  ASN n 
1 95  PHE n 
1 96  TYR n 
1 97  HIS n 
1 98  PRO n 
1 99  PRO n 
1 100 ALA n 
1 101 TYR n 
1 102 ASP n 
1 103 ALA n 
1 104 GLN n 
1 105 GLY n 
1 106 GLU n 
1 107 PRO n 
1 108 LEU n 
1 109 PRO n 
1 110 ALA n 
1 111 GLY n 
1 112 GLU n 
1 113 GLY n 
# 
_entity_src_gen.entity_id                          1 
_entity_src_gen.pdbx_src_id                        1 
_entity_src_gen.pdbx_alt_source_flag               sample 
_entity_src_gen.pdbx_seq_type                      ? 
_entity_src_gen.pdbx_beg_seq_num                   ? 
_entity_src_gen.pdbx_end_seq_num                   ? 
_entity_src_gen.gene_src_common_name               ? 
_entity_src_gen.gene_src_genus                     Xanthomonas 
_entity_src_gen.pdbx_gene_src_gene                 ? 
_entity_src_gen.gene_src_species                   ? 
_entity_src_gen.gene_src_strain                    ? 
_entity_src_gen.gene_src_tissue                    ? 
_entity_src_gen.gene_src_tissue_fraction           ? 
_entity_src_gen.gene_src_details                   ? 
_entity_src_gen.pdbx_gene_src_fragment             ? 
_entity_src_gen.pdbx_gene_src_scientific_name      'Xanthomonas campestris' 
_entity_src_gen.pdbx_gene_src_ncbi_taxonomy_id     339 
_entity_src_gen.pdbx_gene_src_variant              ? 
_entity_src_gen.pdbx_gene_src_cell_line            ? 
_entity_src_gen.pdbx_gene_src_atcc                 ? 
_entity_src_gen.pdbx_gene_src_organ                ? 
_entity_src_gen.pdbx_gene_src_organelle            ? 
_entity_src_gen.pdbx_gene_src_cell                 ? 
_entity_src_gen.pdbx_gene_src_cellular_location    ? 
_entity_src_gen.host_org_common_name               ? 
_entity_src_gen.pdbx_host_org_scientific_name      'Escherichia coli BL21' 
_entity_src_gen.pdbx_host_org_ncbi_taxonomy_id     511693 
_entity_src_gen.host_org_genus                     Escherichia 
_entity_src_gen.pdbx_host_org_gene                 ? 
_entity_src_gen.pdbx_host_org_organ                ? 
_entity_src_gen.host_org_species                   'Escherichia coli' 
_entity_src_gen.pdbx_host_org_tissue               ? 
_entity_src_gen.pdbx_host_org_tissue_fraction      ? 
_entity_src_gen.pdbx_host_org_strain               BL21 
_entity_src_gen.pdbx_host_org_variant              ? 
_entity_src_gen.pdbx_host_org_cell_line            ? 
_entity_src_gen.pdbx_host_org_atcc                 ? 
_entity_src_gen.pdbx_host_org_culture_collection   ? 
_entity_src_gen.pdbx_host_org_cell                 ? 
_entity_src_gen.pdbx_host_org_organelle            ? 
_entity_src_gen.pdbx_host_org_cellular_location    ? 
_entity_src_gen.pdbx_host_org_vector_type          plasmid 
_entity_src_gen.pdbx_host_org_vector               ? 
_entity_src_gen.host_org_details                   ? 
_entity_src_gen.expression_system_id               ? 
_entity_src_gen.plasmid_name                       pET30 
_entity_src_gen.plasmid_details                    ? 
_entity_src_gen.pdbx_description                   ? 
# 
loop_
_chem_comp.id 
_chem_comp.type 
_chem_comp.mon_nstd_flag 
_chem_comp.name 
_chem_comp.pdbx_synonyms 
_chem_comp.formula 
_chem_comp.formula_weight 
ALA 'L-peptide linking' y ALANINE         ? 'C3 H7 N O2'     89.093  
ARG 'L-peptide linking' y ARGININE        ? 'C6 H15 N4 O2 1' 175.209 
ASN 'L-peptide linking' y ASPARAGINE      ? 'C4 H8 N2 O3'    132.118 
ASP 'L-peptide linking' y 'ASPARTIC ACID' ? 'C4 H7 N O4'     133.103 
GLN 'L-peptide linking' y GLUTAMINE       ? 'C5 H10 N2 O3'   146.144 
GLU 'L-peptide linking' y 'GLUTAMIC ACID' ? 'C5 H9 N O4'     147.129 
GLY 'peptide linking'   y GLYCINE         ? 'C2 H5 N O2'     75.067  
HIS 'L-peptide linking' y HISTIDINE       ? 'C6 H10 N3 O2 1' 156.162 
ILE 'L-peptide linking' y ISOLEUCINE      ? 'C6 H13 N O2'    131.173 
LEU 'L-peptide linking' y LEUCINE         ? 'C6 H13 N O2'    131.173 
LYS 'L-peptide linking' y LYSINE          ? 'C6 H15 N2 O2 1' 147.195 
MET 'L-peptide linking' y METHIONINE      ? 'C5 H11 N O2 S'  149.211 
PHE 'L-peptide linking' y PHENYLALANINE   ? 'C9 H11 N O2'    165.189 
PRO 'L-peptide linking' y PROLINE         ? 'C5 H9 N O2'     115.130 
SER 'L-peptide linking' y SERINE          ? 'C3 H7 N O3'     105.093 
THR 'L-peptide linking' y THREONINE       ? 'C4 H9 N O3'     119.119 
TRP 'L-peptide linking' y TRYPTOPHAN      ? 'C11 H12 N2 O2'  204.225 
TYR 'L-peptide linking' y TYROSINE        ? 'C9 H11 N O3'    181.189 
VAL 'L-peptide linking' y VALINE          ? 'C5 H11 N O2'    117.146 
# 
loop_
_pdbx_poly_seq_scheme.asym_id 
_pdbx_poly_seq_scheme.entity_id 
_pdbx_poly_seq_scheme.seq_id 
_pdbx_poly_seq_scheme.mon_id 
_pdbx_poly_seq_scheme.ndb_seq_num 
_pdbx_poly_seq_scheme.pdb_seq_num 
_pdbx_poly_seq_scheme.auth_seq_num 
_pdbx_poly_seq_scheme.pdb_mon_id 
_pdbx_poly_seq_scheme.auth_mon_id 
_pdbx_poly_seq_scheme.pdb_strand_id 
_pdbx_poly_seq_scheme.pdb_ins_code 
_pdbx_poly_seq_scheme.hetero 
A 1 1   MET 1   1   ?   ?   ?   A . n 
A 1 2   GLN 2   2   2   GLN GLN A . n 
A 1 3   TYR 3   3   3   TYR TYR A . n 
A 1 4   ALA 4   4   4   ALA ALA A . n 
A 1 5   THR 5   5   5   THR THR A . n 
A 1 6   LEU 6   6   6   LEU LEU A . n 
A 1 7   GLU 7   7   7   GLU GLU A . n 
A 1 8   LEU 8   8   8   LEU LEU A . n 
A 1 9   ASN 9   9   9   ASN ASN A . n 
A 1 10  ASN 10  10  10  ASN ASN A . n 
A 1 11  ALA 11  11  11  ALA ALA A . n 
A 1 12  PHE 12  12  12  PHE PHE A . n 
A 1 13  LYS 13  13  13  LYS LYS A . n 
A 1 14  VAL 14  14  14  VAL VAL A . n 
A 1 15  LEU 15  15  15  LEU LEU A . n 
A 1 16  PHE 16  16  16  PHE PHE A . n 
A 1 17  SER 17  17  17  SER SER A . n 
A 1 18  LEU 18  18  18  LEU LEU A . n 
A 1 19  ARG 19  19  19  ARG ARG A . n 
A 1 20  GLN 20  20  20  GLN GLN A . n 
A 1 21  VAL 21  21  21  VAL VAL A . n 
A 1 22  GLN 22  22  22  GLN GLN A . n 
A 1 23  ALA 23  23  23  ALA ALA A . n 
A 1 24  ALA 24  24  24  ALA ALA A . n 
A 1 25  GLU 25  25  25  GLU GLU A . n 
A 1 26  MET 26  26  26  MET MET A . n 
A 1 27  VAL 27  27  27  VAL VAL A . n 
A 1 28  ILE 28  28  28  ILE ILE A . n 
A 1 29  ALA 29  29  29  ALA ALA A . n 
A 1 30  PRO 30  30  30  PRO PRO A . n 
A 1 31  GLY 31  31  31  GLY GLY A . n 
A 1 32  ASP 32  32  32  ASP ASP A . n 
A 1 33  ARG 33  33  33  ARG ARG A . n 
A 1 34  GLU 34  34  34  GLU GLU A . n 
A 1 35  GLY 35  35  35  GLY GLY A . n 
A 1 36  GLY 36  36  36  GLY GLY A . n 
A 1 37  PRO 37  37  37  PRO PRO A . n 
A 1 38  ASP 38  38  38  ASP ASP A . n 
A 1 39  ASN 39  39  39  ASN ASN A . n 
A 1 40  ARG 40  40  40  ARG ARG A . n 
A 1 41  HIS 41  41  41  HIS HIS A . n 
A 1 42  ARG 42  42  42  ARG ARG A . n 
A 1 43  GLY 43  43  43  GLY GLY A . n 
A 1 44  ALA 44  44  44  ALA ALA A . n 
A 1 45  ASP 45  45  45  ASP ASP A . n 
A 1 46  GLN 46  46  46  GLN GLN A . n 
A 1 47  TRP 47  47  47  TRP TRP A . n 
A 1 48  LEU 48  48  48  LEU LEU A . n 
A 1 49  PHE 49  49  49  PHE PHE A . n 
A 1 50  VAL 50  50  50  VAL VAL A . n 
A 1 51  VAL 51  51  51  VAL VAL A . n 
A 1 52  ASP 52  52  52  ASP ASP A . n 
A 1 53  GLY 53  53  53  GLY GLY A . n 
A 1 54  ALA 54  54  54  ALA ALA A . n 
A 1 55  GLY 55  55  55  GLY GLY A . n 
A 1 56  GLU 56  56  56  GLU GLU A . n 
A 1 57  ALA 57  57  57  ALA ALA A . n 
A 1 58  ILE 58  58  58  ILE ILE A . n 
A 1 59  VAL 59  59  59  VAL VAL A . n 
A 1 60  ASP 60  60  60  ASP ASP A . n 
A 1 61  GLY 61  61  61  GLY GLY A . n 
A 1 62  HIS 62  62  62  HIS HIS A . n 
A 1 63  THR 63  63  63  THR THR A . n 
A 1 64  GLN 64  64  64  GLN GLU A . n 
A 1 65  ALA 65  65  65  ALA ALA A . n 
A 1 66  LEU 66  66  66  LEU LEU A . n 
A 1 67  GLN 67  67  67  GLN GLN A . n 
A 1 68  ALA 68  68  68  ALA ALA A . n 
A 1 69  GLY 69  69  69  GLY GLY A . n 
A 1 70  SER 70  70  70  SER SER A . n 
A 1 71  LEU 71  71  71  LEU LEU A . n 
A 1 72  ILE 72  72  72  ILE ILE A . n 
A 1 73  ALA 73  73  73  ALA ALA A . n 
A 1 74  ILE 74  74  74  ILE ILE A . n 
A 1 75  GLU 75  75  75  GLU GLU A . n 
A 1 76  ARG 76  76  76  ARG ARG A . n 
A 1 77  GLY 77  77  77  GLY GLY A . n 
A 1 78  GLN 78  78  78  GLN GLN A . n 
A 1 79  ALA 79  79  79  ALA ALA A . n 
A 1 80  HIS 80  80  80  HIS HIS A . n 
A 1 81  GLU 81  81  81  GLU GLU A . n 
A 1 82  ILE 82  82  82  ILE ILE A . n 
A 1 83  ARG 83  83  83  ARG ARG A . n 
A 1 84  ASN 84  84  84  ASN ASN A . n 
A 1 85  THR 85  85  85  THR THR A . n 
A 1 86  GLY 86  86  86  GLY GLY A . n 
A 1 87  ASP 87  87  87  ASP ASP A . n 
A 1 88  THR 88  88  88  THR THR A . n 
A 1 89  PRO 89  89  89  PRO PRO A . n 
A 1 90  LEU 90  90  90  LEU LEU A . n 
A 1 91  LYS 91  91  91  LYS LYS A . n 
A 1 92  THR 92  92  92  THR THR A . n 
A 1 93  VAL 93  93  93  VAL VAL A . n 
A 1 94  ASN 94  94  94  ASN ASN A . n 
A 1 95  PHE 95  95  95  PHE PHE A . n 
A 1 96  TYR 96  96  96  TYR TYR A . n 
A 1 97  HIS 97  97  97  HIS HIS A . n 
A 1 98  PRO 98  98  98  PRO PRO A . n 
A 1 99  PRO 99  99  99  PRO PRO A . n 
A 1 100 ALA 100 100 100 ALA ALA A . n 
A 1 101 TYR 101 101 101 TYR TYR A . n 
A 1 102 ASP 102 102 102 ASP ASP A . n 
A 1 103 ALA 103 103 103 ALA ALA A . n 
A 1 104 GLN 104 104 104 GLN GLN A . n 
A 1 105 GLY 105 105 105 GLY GLY A . n 
A 1 106 GLU 106 106 106 GLU GLU A . n 
A 1 107 PRO 107 107 107 PRO PRO A . n 
A 1 108 LEU 108 108 108 LEU LEU A . n 
A 1 109 PRO 109 109 109 PRO PRO A . n 
A 1 110 ALA 110 110 110 ALA ALA A . n 
A 1 111 GLY 111 111 111 GLY GLY A . n 
A 1 112 GLU 112 112 112 GLU GLU A . n 
A 1 113 GLY 113 113 ?   ?   ?   A . n 
B 1 1   MET 1   1   ?   ?   ?   B . n 
B 1 2   GLN 2   2   2   GLN GLN B . n 
B 1 3   TYR 3   3   3   TYR TYR B . n 
B 1 4   ALA 4   4   4   ALA ALA B . n 
B 1 5   THR 5   5   5   THR THR B . n 
B 1 6   LEU 6   6   6   LEU LEU B . n 
B 1 7   GLU 7   7   7   GLU GLU B . n 
B 1 8   LEU 8   8   8   LEU LEU B . n 
B 1 9   ASN 9   9   9   ASN ASN B . n 
B 1 10  ASN 10  10  10  ASN ASN B . n 
B 1 11  ALA 11  11  11  ALA ALA B . n 
B 1 12  PHE 12  12  12  PHE PHE B . n 
B 1 13  LYS 13  13  13  LYS LYS B . n 
B 1 14  VAL 14  14  14  VAL VAL B . n 
B 1 15  LEU 15  15  15  LEU LEU B . n 
B 1 16  PHE 16  16  16  PHE PHE B . n 
B 1 17  SER 17  17  17  SER SER B . n 
B 1 18  LEU 18  18  18  LEU LEU B . n 
B 1 19  ARG 19  19  19  ARG ARG B . n 
B 1 20  GLN 20  20  20  GLN GLN B . n 
B 1 21  VAL 21  21  21  VAL VAL B . n 
B 1 22  GLN 22  22  22  GLN GLN B . n 
B 1 23  ALA 23  23  23  ALA ALA B . n 
B 1 24  ALA 24  24  24  ALA ALA B . n 
B 1 25  GLU 25  25  25  GLU GLU B . n 
B 1 26  MET 26  26  26  MET MET B . n 
B 1 27  VAL 27  27  27  VAL VAL B . n 
B 1 28  ILE 28  28  28  ILE ILE B . n 
B 1 29  ALA 29  29  29  ALA ALA B . n 
B 1 30  PRO 30  30  30  PRO PRO B . n 
B 1 31  GLY 31  31  31  GLY GLY B . n 
B 1 32  ASP 32  32  32  ASP ASP B . n 
B 1 33  ARG 33  33  33  ARG ARG B . n 
B 1 34  GLU 34  34  34  GLU GLU B . n 
B 1 35  GLY 35  35  35  GLY GLY B . n 
B 1 36  GLY 36  36  36  GLY GLY B . n 
B 1 37  PRO 37  37  37  PRO PRO B . n 
B 1 38  ASP 38  38  38  ASP ASP B . n 
B 1 39  ASN 39  39  39  ASN ASN B . n 
B 1 40  ARG 40  40  40  ARG ARG B . n 
B 1 41  HIS 41  41  41  HIS HIS B . n 
B 1 42  ARG 42  42  42  ARG ARG B . n 
B 1 43  GLY 43  43  43  GLY GLY B . n 
B 1 44  ALA 44  44  44  ALA ALA B . n 
B 1 45  ASP 45  45  45  ASP ASP B . n 
B 1 46  GLN 46  46  46  GLN GLU B . n 
B 1 47  TRP 47  47  47  TRP TRP B . n 
B 1 48  LEU 48  48  48  LEU LEU B . n 
B 1 49  PHE 49  49  49  PHE PHE B . n 
B 1 50  VAL 50  50  50  VAL VAL B . n 
B 1 51  VAL 51  51  51  VAL VAL B . n 
B 1 52  ASP 52  52  52  ASP ASP B . n 
B 1 53  GLY 53  53  53  GLY GLY B . n 
B 1 54  ALA 54  54  54  ALA ALA B . n 
B 1 55  GLY 55  55  55  GLY GLY B . n 
B 1 56  GLU 56  56  56  GLU GLU B . n 
B 1 57  ALA 57  57  57  ALA ALA B . n 
B 1 58  ILE 58  58  58  ILE ILE B . n 
B 1 59  VAL 59  59  59  VAL VAL B . n 
B 1 60  ASP 60  60  60  ASP ASP B . n 
B 1 61  GLY 61  61  61  GLY GLY B . n 
B 1 62  HIS 62  62  62  HIS HIS B . n 
B 1 63  THR 63  63  63  THR THR B . n 
B 1 64  GLN 64  64  64  GLN GLN B . n 
B 1 65  ALA 65  65  65  ALA ALA B . n 
B 1 66  LEU 66  66  66  LEU LEU B . n 
B 1 67  GLN 67  67  67  GLN GLN B . n 
B 1 68  ALA 68  68  68  ALA ALA B . n 
B 1 69  GLY 69  69  69  GLY GLY B . n 
B 1 70  SER 70  70  70  SER SER B . n 
B 1 71  LEU 71  71  71  LEU LEU B . n 
B 1 72  ILE 72  72  72  ILE ILE B . n 
B 1 73  ALA 73  73  73  ALA ALA B . n 
B 1 74  ILE 74  74  74  ILE ILE B . n 
B 1 75  GLU 75  75  75  GLU GLU B . n 
B 1 76  ARG 76  76  76  ARG ARG B . n 
B 1 77  GLY 77  77  77  GLY GLY B . n 
B 1 78  GLN 78  78  78  GLN GLN B . n 
B 1 79  ALA 79  79  79  ALA ALA B . n 
B 1 80  HIS 80  80  80  HIS HIS B . n 
B 1 81  GLU 81  81  81  GLU GLU B . n 
B 1 82  ILE 82  82  82  ILE ILE B . n 
B 1 83  ARG 83  83  83  ARG ARG B . n 
B 1 84  ASN 84  84  84  ASN ASN B . n 
B 1 85  THR 85  85  85  THR THR B . n 
B 1 86  GLY 86  86  86  GLY GLY B . n 
B 1 87  ASP 87  87  87  ASP ASP B . n 
B 1 88  THR 88  88  88  THR THR B . n 
B 1 89  PRO 89  89  89  PRO PRO B . n 
B 1 90  LEU 90  90  90  LEU LEU B . n 
B 1 91  LYS 91  91  91  LYS LYS B . n 
B 1 92  THR 92  92  92  THR THR B . n 
B 1 93  VAL 93  93  93  VAL VAL B . n 
B 1 94  ASN 94  94  94  ASN ASN B . n 
B 1 95  PHE 95  95  95  PHE PHE B . n 
B 1 96  TYR 96  96  96  TYR TYR B . n 
B 1 97  HIS 97  97  97  HIS HIS B . n 
B 1 98  PRO 98  98  98  PRO PRO B . n 
B 1 99  PRO 99  99  99  PRO PRO B . n 
B 1 100 ALA 100 100 100 ALA ALA B . n 
B 1 101 TYR 101 101 101 TYR TYR B . n 
B 1 102 ASP 102 102 102 ASP ASP B . n 
B 1 103 ALA 103 103 103 ALA ALA B . n 
B 1 104 GLN 104 104 104 GLN GLN B . n 
B 1 105 GLY 105 105 105 GLY GLY B . n 
B 1 106 GLU 106 106 106 GLU GLU B . n 
B 1 107 PRO 107 107 107 PRO PRO B . n 
B 1 108 LEU 108 108 108 LEU LEU B . n 
B 1 109 PRO 109 109 109 PRO PRO B . n 
B 1 110 ALA 110 110 110 ALA ALA B . n 
B 1 111 GLY 111 111 111 GLY GLY B . n 
B 1 112 GLU 112 112 ?   ?   ?   B . n 
B 1 113 GLY 113 113 ?   ?   ?   B . n 
# 
loop_
_pdbx_unobs_or_zero_occ_atoms.id 
_pdbx_unobs_or_zero_occ_atoms.PDB_model_num 
_pdbx_unobs_or_zero_occ_atoms.polymer_flag 
_pdbx_unobs_or_zero_occ_atoms.occupancy_flag 
_pdbx_unobs_or_zero_occ_atoms.auth_asym_id 
_pdbx_unobs_or_zero_occ_atoms.auth_comp_id 
_pdbx_unobs_or_zero_occ_atoms.auth_seq_id 
_pdbx_unobs_or_zero_occ_atoms.PDB_ins_code 
_pdbx_unobs_or_zero_occ_atoms.auth_atom_id 
_pdbx_unobs_or_zero_occ_atoms.label_alt_id 
_pdbx_unobs_or_zero_occ_atoms.label_asym_id 
_pdbx_unobs_or_zero_occ_atoms.label_comp_id 
_pdbx_unobs_or_zero_occ_atoms.label_seq_id 
_pdbx_unobs_or_zero_occ_atoms.label_atom_id 
1 1 Y 1 A LEU 15 ? N  ? A LEU 15 N  
2 1 Y 1 B GLN 2  ? CB ? B GLN 2  CB 
# 
loop_
_software.name 
_software.classification 
_software.version 
_software.citation_id 
_software.pdbx_ordinal 
ADSC     'data collection' . ? 1 
HKL-2000 'data reduction'  . ? 2 
CNS      refinement        . ? 3 
HKL-2000 'data scaling'    . ? 4 
CNS      phasing           . ? 5 
# 
_cell.entry_id           2GU9 
_cell.length_a           43.7 
_cell.length_b           43.68 
_cell.length_c           46.5 
_cell.angle_alpha        65.0 
_cell.angle_beta         64.9 
_cell.angle_gamma        73.4 
_cell.Z_PDB              2 
_cell.pdbx_unique_axis   ? 
_cell.length_a_esd       ? 
_cell.length_b_esd       ? 
_cell.length_c_esd       ? 
_cell.angle_alpha_esd    ? 
_cell.angle_beta_esd     ? 
_cell.angle_gamma_esd    ? 
# 
_symmetry.entry_id                         2GU9 
_symmetry.space_group_name_H-M             'P 1' 
_symmetry.pdbx_full_space_group_name_H-M   ? 
_symmetry.cell_setting                     ? 
_symmetry.Int_Tables_number                1 
_symmetry.space_group_name_Hall            ? 
# 
_exptl.entry_id          2GU9 
_exptl.method            'X-RAY DIFFRACTION' 
_exptl.crystals_number   12 
# 
_exptl_crystal.id                    1 
_exptl_crystal.density_meas          ? 
_exptl_crystal.density_Matthews      2.96 
_exptl_crystal.density_percent_sol   58.50 
_exptl_crystal.description           ? 
_exptl_crystal.F_000                 ? 
_exptl_crystal.preparation           ? 
# 
_exptl_crystal_grow.crystal_id      1 
_exptl_crystal_grow.method          'VAPOR DIFFUSION, HANGING DROP' 
_exptl_crystal_grow.temp            293 
_exptl_crystal_grow.temp_details    ? 
_exptl_crystal_grow.pH              5.6 
_exptl_crystal_grow.pdbx_details    '0.1M NaOAC, 1.6M LiSO4, pH 5.6, VAPOR DIFFUSION, HANGING DROP, temperature 293K' 
_exptl_crystal_grow.pdbx_pH_range   . 
# 
loop_
_diffrn.id 
_diffrn.ambient_temp 
_diffrn.ambient_temp_details 
_diffrn.crystal_id 
1 100 ? 1 
2 100 ? 1 
# 
loop_
_diffrn_detector.diffrn_id 
_diffrn_detector.detector 
_diffrn_detector.type 
_diffrn_detector.pdbx_collection_date 
_diffrn_detector.details 
1 CCD 'ADSC QUANTUM 4' 2005-06-01 ? 
2 CCD 'ADSC QUANTUM 4' 2005-06-02 ? 
# 
loop_
_diffrn_radiation.diffrn_id 
_diffrn_radiation.wavelength_id 
_diffrn_radiation.pdbx_monochromatic_or_laue_m_l 
_diffrn_radiation.monochromator 
_diffrn_radiation.pdbx_diffrn_protocol 
_diffrn_radiation.pdbx_scattering_type 
1 1 M Se-Met MAD                 x-ray 
2 1 M ?      'SINGLE WAVELENGTH' x-ray 
# 
loop_
_diffrn_radiation_wavelength.id 
_diffrn_radiation_wavelength.wavelength 
_diffrn_radiation_wavelength.wt 
1 0.97963 1.0 
2 0.96389 1.0 
# 
loop_
_diffrn_source.diffrn_id 
_diffrn_source.source 
_diffrn_source.type 
_diffrn_source.pdbx_synchrotron_site 
_diffrn_source.pdbx_synchrotron_beamline 
_diffrn_source.pdbx_wavelength 
_diffrn_source.pdbx_wavelength_list 
1 SYNCHROTRON 'SPRING-8 BEAMLINE BL12B2' SPring-8 BL12B2 ? '0.97963, 0.96389' 
2 SYNCHROTRON 'SPRING-8 BEAMLINE BL12B2' SPring-8 BL12B2 ? 0.97963            
# 
_reflns.entry_id                     2GU9 
_reflns.observed_criterion_sigma_I   2.0 
_reflns.observed_criterion_sigma_F   2.0 
_reflns.d_resolution_low             30 
_reflns.d_resolution_high            1.4 
_reflns.number_obs                   32312 
_reflns.number_all                   33553 
_reflns.percent_possible_obs         96.3 
_reflns.pdbx_Rmerge_I_obs            ? 
_reflns.pdbx_Rsym_value              ? 
_reflns.pdbx_netI_over_sigmaI        ? 
_reflns.B_iso_Wilson_estimate        ? 
_reflns.pdbx_redundancy              ? 
_reflns.R_free_details               ? 
_reflns.limit_h_max                  ? 
_reflns.limit_h_min                  ? 
_reflns.limit_k_max                  ? 
_reflns.limit_k_min                  ? 
_reflns.limit_l_max                  ? 
_reflns.limit_l_min                  ? 
_reflns.observed_criterion_F_max     ? 
_reflns.observed_criterion_F_min     ? 
_reflns.pdbx_chi_squared             ? 
_reflns.pdbx_scaling_rejects         ? 
_reflns.pdbx_diffrn_id               1,2 
_reflns.pdbx_ordinal                 1 
# 
_reflns_shell.d_res_high             1.4 
_reflns_shell.d_res_low              1.46 
_reflns_shell.percent_possible_all   96.3 
_reflns_shell.Rmerge_I_obs           ? 
_reflns_shell.pdbx_Rsym_value        ? 
_reflns_shell.meanI_over_sigI_obs    ? 
_reflns_shell.pdbx_redundancy        ? 
_reflns_shell.percent_possible_obs   ? 
_reflns_shell.number_unique_all      ? 
_reflns_shell.number_measured_all    ? 
_reflns_shell.number_measured_obs    ? 
_reflns_shell.number_unique_obs      ? 
_reflns_shell.pdbx_chi_squared       ? 
_reflns_shell.pdbx_diffrn_id         ? 
_reflns_shell.pdbx_ordinal           1 
# 
_refine.entry_id                                 2GU9 
_refine.ls_number_reflns_obs                     32312 
_refine.ls_number_reflns_all                     33553 
_refine.pdbx_ls_sigma_I                          ? 
_refine.pdbx_ls_sigma_F                          2.0 
_refine.pdbx_data_cutoff_high_absF               ? 
_refine.pdbx_data_cutoff_low_absF                ? 
_refine.pdbx_data_cutoff_high_rms_absF           ? 
_refine.ls_d_res_low                             30.0 
_refine.ls_d_res_high                            1.4 
_refine.ls_percent_reflns_obs                    ? 
_refine.ls_R_factor_obs                          0.231 
_refine.ls_R_factor_all                          0.25 
_refine.ls_R_factor_R_work                       0.22 
_refine.ls_R_factor_R_free                       0.253 
_refine.ls_R_factor_R_free_error                 ? 
_refine.ls_R_factor_R_free_error_details         ? 
_refine.ls_percent_reflns_R_free                 ? 
_refine.ls_number_reflns_R_free                  2854 
_refine.ls_number_parameters                     ? 
_refine.ls_number_restraints                     ? 
_refine.occupancy_min                            ? 
_refine.occupancy_max                            ? 
_refine.correlation_coeff_Fo_to_Fc               ? 
_refine.correlation_coeff_Fo_to_Fc_free          ? 
_refine.B_iso_mean                               ? 
_refine.aniso_B[1][1]                            ? 
_refine.aniso_B[2][2]                            ? 
_refine.aniso_B[3][3]                            ? 
_refine.aniso_B[1][2]                            ? 
_refine.aniso_B[1][3]                            ? 
_refine.aniso_B[2][3]                            ? 
_refine.solvent_model_details                    ? 
_refine.solvent_model_param_ksol                 ? 
_refine.solvent_model_param_bsol                 ? 
_refine.pdbx_solvent_vdw_probe_radii             ? 
_refine.pdbx_solvent_ion_probe_radii             ? 
_refine.pdbx_solvent_shrinkage_radii             ? 
_refine.pdbx_ls_cross_valid_method               THROUGHOUT 
_refine.details                                  ? 
_refine.pdbx_starting_model                      ? 
_refine.pdbx_method_to_determine_struct          MAD 
_refine.pdbx_isotropic_thermal_model             ? 
_refine.pdbx_stereochemistry_target_values       'Engh & Huber' 
_refine.pdbx_stereochem_target_val_spec_case     ? 
_refine.pdbx_R_Free_selection_details            Radom 
_refine.pdbx_overall_ESU_R                       ? 
_refine.pdbx_overall_ESU_R_Free                  ? 
_refine.overall_SU_ML                            ? 
_refine.overall_SU_B                             ? 
_refine.ls_redundancy_reflns_obs                 ? 
_refine.B_iso_min                                ? 
_refine.B_iso_max                                ? 
_refine.overall_SU_R_Cruickshank_DPI             ? 
_refine.overall_SU_R_free                        ? 
_refine.ls_wR_factor_R_free                      ? 
_refine.ls_wR_factor_R_work                      ? 
_refine.overall_FOM_free_R_set                   ? 
_refine.overall_FOM_work_R_set                   ? 
_refine.pdbx_refine_id                           'X-RAY DIFFRACTION' 
_refine.pdbx_diffrn_id                           1 
_refine.pdbx_TLS_residual_ADP_flag               ? 
_refine.pdbx_overall_phase_error                 ? 
_refine.pdbx_overall_SU_R_free_Cruickshank_DPI   ? 
_refine.pdbx_overall_SU_R_Blow_DPI               ? 
_refine.pdbx_overall_SU_R_free_Blow_DPI          ? 
# 
_refine_hist.pdbx_refine_id                   'X-RAY DIFFRACTION' 
_refine_hist.cycle_id                         LAST 
_refine_hist.pdbx_number_atoms_protein        1681 
_refine_hist.pdbx_number_atoms_nucleic_acid   0 
_refine_hist.pdbx_number_atoms_ligand         0 
_refine_hist.number_atoms_solvent             0 
_refine_hist.number_atoms_total               1681 
_refine_hist.d_res_high                       1.4 
_refine_hist.d_res_low                        30.0 
# 
_refine_ls_restr.type                      c_angle_deg 
_refine_ls_restr.dev_ideal                 0.02 
_refine_ls_restr.dev_ideal_target          ? 
_refine_ls_restr.weight                    ? 
_refine_ls_restr.number                    ? 
_refine_ls_restr.pdbx_refine_id            'X-RAY DIFFRACTION' 
_refine_ls_restr.pdbx_restraint_function   ? 
# 
_struct.entry_id                  2GU9 
_struct.title                     
;Crystal structure of XC5357 from Xanthomonas campestris: A putative tetracenomycin polyketide synthesis protein adopting a novel cupin subfamily structure
;
_struct.pdbx_model_details        ? 
_struct.pdbx_CASP_flag            ? 
_struct.pdbx_model_type_details   ? 
# 
_struct_keywords.entry_id        2GU9 
_struct_keywords.pdbx_keywords   'IMMUNE SYSTEM' 
_struct_keywords.text            'Xanthomonas campestris, cupin, tetracenomycin polyketide, IMMUNE SYSTEM' 
# 
loop_
_struct_asym.id 
_struct_asym.pdbx_blank_PDB_chainid_flag 
_struct_asym.pdbx_modified 
_struct_asym.entity_id 
_struct_asym.details 
A N N 1 ? 
B N N 1 ? 
# 
_struct_ref.id                         1 
_struct_ref.db_name                    UNP 
_struct_ref.db_code                    Q8PBM3_XANCP 
_struct_ref.pdbx_db_accession          Q8PBM3 
_struct_ref.entity_id                  1 
_struct_ref.pdbx_seq_one_letter_code   
;MQYATLELNNAFKVLFSLRQVQAAEMVIAPGDREGGPDNRHRGADQWLFVVDGAGEAIVDGHTQALQAGSLIAIERGQAH
EIRNTGDTPLKTVNFYHPPAYDAQGEPLPAGEG
;
_struct_ref.pdbx_align_begin           1 
_struct_ref.pdbx_db_isoform            ? 
# 
loop_
_struct_ref_seq.align_id 
_struct_ref_seq.ref_id 
_struct_ref_seq.pdbx_PDB_id_code 
_struct_ref_seq.pdbx_strand_id 
_struct_ref_seq.seq_align_beg 
_struct_ref_seq.pdbx_seq_align_beg_ins_code 
_struct_ref_seq.seq_align_end 
_struct_ref_seq.pdbx_seq_align_end_ins_code 
_struct_ref_seq.pdbx_db_accession 
_struct_ref_seq.db_align_beg 
_struct_ref_seq.pdbx_db_align_beg_ins_code 
_struct_ref_seq.db_align_end 
_struct_ref_seq.pdbx_db_align_end_ins_code 
_struct_ref_seq.pdbx_auth_seq_align_beg 
_struct_ref_seq.pdbx_auth_seq_align_end 
1 1 2GU9 A 1 ? 113 ? Q8PBM3 1 ? 113 ? 1 113 
2 1 2GU9 B 1 ? 113 ? Q8PBM3 1 ? 113 ? 1 113 
# 
_pdbx_struct_assembly.id                   1 
_pdbx_struct_assembly.details              author_and_software_defined_assembly 
_pdbx_struct_assembly.method_details       PISA 
_pdbx_struct_assembly.oligomeric_details   dimeric 
_pdbx_struct_assembly.oligomeric_count     2 
# 
loop_
_pdbx_struct_assembly_prop.biol_id 
_pdbx_struct_assembly_prop.type 
_pdbx_struct_assembly_prop.value 
_pdbx_struct_assembly_prop.details 
1 'ABSA (A^2)' 2810 ? 
1 MORE         -20  ? 
1 'SSA (A^2)'  9730 ? 
# 
_pdbx_struct_assembly_gen.assembly_id       1 
_pdbx_struct_assembly_gen.oper_expression   1 
_pdbx_struct_assembly_gen.asym_id_list      A,B 
# 
_pdbx_struct_oper_list.id                   1 
_pdbx_struct_oper_list.type                 'identity operation' 
_pdbx_struct_oper_list.name                 1_555 
_pdbx_struct_oper_list.symmetry_operation   x,y,z 
_pdbx_struct_oper_list.matrix[1][1]         1.0000000000 
_pdbx_struct_oper_list.matrix[1][2]         0.0000000000 
_pdbx_struct_oper_list.matrix[1][3]         0.0000000000 
_pdbx_struct_oper_list.vector[1]            0.0000000000 
_pdbx_struct_oper_list.matrix[2][1]         0.0000000000 
_pdbx_struct_oper_list.matrix[2][2]         1.0000000000 
_pdbx_struct_oper_list.matrix[2][3]         0.0000000000 
_pdbx_struct_oper_list.vector[2]            0.0000000000 
_pdbx_struct_oper_list.matrix[3][1]         0.0000000000 
_pdbx_struct_oper_list.matrix[3][2]         0.0000000000 
_pdbx_struct_oper_list.matrix[3][3]         1.0000000000 
_pdbx_struct_oper_list.vector[3]            0.0000000000 
# 
loop_
_struct_mon_prot_cis.pdbx_id 
_struct_mon_prot_cis.label_comp_id 
_struct_mon_prot_cis.label_seq_id 
_struct_mon_prot_cis.label_asym_id 
_struct_mon_prot_cis.label_alt_id 
_struct_mon_prot_cis.pdbx_PDB_ins_code 
_struct_mon_prot_cis.auth_comp_id 
_struct_mon_prot_cis.auth_seq_id 
_struct_mon_prot_cis.auth_asym_id 
_struct_mon_prot_cis.pdbx_label_comp_id_2 
_struct_mon_prot_cis.pdbx_label_seq_id_2 
_struct_mon_prot_cis.pdbx_label_asym_id_2 
_struct_mon_prot_cis.pdbx_PDB_ins_code_2 
_struct_mon_prot_cis.pdbx_auth_comp_id_2 
_struct_mon_prot_cis.pdbx_auth_seq_id_2 
_struct_mon_prot_cis.pdbx_auth_asym_id_2 
_struct_mon_prot_cis.pdbx_PDB_model_num 
_struct_mon_prot_cis.pdbx_omega_angle 
1 HIS 97 A . ? HIS 97 A PRO 98 A ? PRO 98 A 1 -0.34 
2 HIS 97 B . ? HIS 97 B PRO 98 B ? PRO 98 B 1 -0.29 
# 
loop_
_struct_sheet.id 
_struct_sheet.type 
_struct_sheet.number_strands 
_struct_sheet.details 
A ? 6 ? 
B ? 6 ? 
C ? 4 ? 
D ? 4 ? 
# 
loop_
_struct_sheet_order.sheet_id 
_struct_sheet_order.range_id_1 
_struct_sheet_order.range_id_2 
_struct_sheet_order.offset 
_struct_sheet_order.sense 
A 1 2 ? anti-parallel 
A 2 3 ? anti-parallel 
A 3 4 ? anti-parallel 
A 4 5 ? anti-parallel 
A 5 6 ? anti-parallel 
B 1 2 ? anti-parallel 
B 2 3 ? anti-parallel 
B 3 4 ? anti-parallel 
B 4 5 ? anti-parallel 
B 5 6 ? anti-parallel 
C 1 2 ? anti-parallel 
C 2 3 ? anti-parallel 
C 3 4 ? anti-parallel 
D 1 2 ? anti-parallel 
D 2 3 ? anti-parallel 
D 3 4 ? anti-parallel 
# 
loop_
_struct_sheet_range.sheet_id 
_struct_sheet_range.id 
_struct_sheet_range.beg_label_comp_id 
_struct_sheet_range.beg_label_asym_id 
_struct_sheet_range.beg_label_seq_id 
_struct_sheet_range.pdbx_beg_PDB_ins_code 
_struct_sheet_range.end_label_comp_id 
_struct_sheet_range.end_label_asym_id 
_struct_sheet_range.end_label_seq_id 
_struct_sheet_range.pdbx_end_PDB_ins_code 
_struct_sheet_range.beg_auth_comp_id 
_struct_sheet_range.beg_auth_asym_id 
_struct_sheet_range.beg_auth_seq_id 
_struct_sheet_range.end_auth_comp_id 
_struct_sheet_range.end_auth_asym_id 
_struct_sheet_range.end_auth_seq_id 
A 1 TYR A 3  ? THR A 5  ? TYR A 3  THR A 5  
A 2 SER B 70 ? ILE B 74 ? SER B 70 ILE B 74 
A 3 ASP B 45 ? ASP B 52 ? ASP B 45 ASP B 52 
A 4 LEU B 90 ? HIS B 97 ? LEU B 90 HIS B 97 
A 5 VAL B 21 ? ILE B 28 ? VAL B 21 ILE B 28 
A 6 PHE B 12 ? LEU B 18 ? PHE B 12 LEU B 18 
B 1 LYS A 13 ? LEU A 18 ? LYS A 13 LEU A 18 
B 2 VAL A 21 ? ILE A 28 ? VAL A 21 ILE A 28 
B 3 LEU A 90 ? HIS A 97 ? LEU A 90 HIS A 97 
B 4 ASP A 45 ? ASP A 52 ? ASP A 45 ASP A 52 
B 5 SER A 70 ? ILE A 74 ? SER A 70 ILE A 74 
B 6 TYR B 3  ? THR B 5  ? TYR B 3  THR B 5  
C 1 ARG A 33 ? GLY A 35 ? ARG A 33 GLY A 35 
C 2 HIS A 80 ? ARG A 83 ? HIS A 80 ARG A 83 
C 3 GLY A 55 ? VAL A 59 ? GLY A 55 VAL A 59 
C 4 HIS A 62 ? LEU A 66 ? HIS A 62 LEU A 66 
D 1 ARG B 33 ? GLU B 34 ? ARG B 33 GLU B 34 
D 2 HIS B 80 ? ASN B 84 ? HIS B 80 ASN B 84 
D 3 GLY B 55 ? VAL B 59 ? GLY B 55 VAL B 59 
D 4 HIS B 62 ? LEU B 66 ? HIS B 62 LEU B 66 
# 
loop_
_pdbx_struct_sheet_hbond.sheet_id 
_pdbx_struct_sheet_hbond.range_id_1 
_pdbx_struct_sheet_hbond.range_id_2 
_pdbx_struct_sheet_hbond.range_1_label_atom_id 
_pdbx_struct_sheet_hbond.range_1_label_comp_id 
_pdbx_struct_sheet_hbond.range_1_label_asym_id 
_pdbx_struct_sheet_hbond.range_1_label_seq_id 
_pdbx_struct_sheet_hbond.range_1_PDB_ins_code 
_pdbx_struct_sheet_hbond.range_1_auth_atom_id 
_pdbx_struct_sheet_hbond.range_1_auth_comp_id 
_pdbx_struct_sheet_hbond.range_1_auth_asym_id 
_pdbx_struct_sheet_hbond.range_1_auth_seq_id 
_pdbx_struct_sheet_hbond.range_2_label_atom_id 
_pdbx_struct_sheet_hbond.range_2_label_comp_id 
_pdbx_struct_sheet_hbond.range_2_label_asym_id 
_pdbx_struct_sheet_hbond.range_2_label_seq_id 
_pdbx_struct_sheet_hbond.range_2_PDB_ins_code 
_pdbx_struct_sheet_hbond.range_2_auth_atom_id 
_pdbx_struct_sheet_hbond.range_2_auth_comp_id 
_pdbx_struct_sheet_hbond.range_2_auth_asym_id 
_pdbx_struct_sheet_hbond.range_2_auth_seq_id 
A 1 2 N ALA A 4  ? N ALA A 4  O LEU B 71 ? O LEU B 71 
A 2 3 O ILE B 74 ? O ILE B 74 N GLN B 46 ? N GLN B 46 
A 3 4 N ASP B 45 ? N ASP B 45 O HIS B 97 ? O HIS B 97 
A 4 5 O ASN B 94 ? O ASN B 94 N ALA B 24 ? N ALA B 24 
A 5 6 O GLU B 25 ? O GLU B 25 N LYS B 13 ? N LYS B 13 
B 1 2 N LYS A 13 ? N LYS A 13 O GLU A 25 ? O GLU A 25 
B 2 3 N ALA A 24 ? N ALA A 24 O ASN A 94 ? O ASN A 94 
B 3 4 O HIS A 97 ? O HIS A 97 N ASP A 45 ? N ASP A 45 
B 4 5 N GLN A 46 ? N GLN A 46 O ILE A 74 ? O ILE A 74 
B 5 6 N LEU A 71 ? N LEU A 71 O ALA B 4  ? O ALA B 4  
C 1 2 N GLU A 34 ? N GLU A 34 O ILE A 82 ? O ILE A 82 
C 2 3 O GLU A 81 ? O GLU A 81 N ILE A 58 ? N ILE A 58 
C 3 4 N GLY A 55 ? N GLY A 55 O LEU A 66 ? O LEU A 66 
D 1 2 N GLU B 34 ? N GLU B 34 O ILE B 82 ? O ILE B 82 
D 2 3 O ARG B 83 ? O ARG B 83 N GLU B 56 ? N GLU B 56 
D 3 4 N GLY B 55 ? N GLY B 55 O LEU B 66 ? O LEU B 66 
# 
loop_
_pdbx_validate_torsion.id 
_pdbx_validate_torsion.PDB_model_num 
_pdbx_validate_torsion.auth_comp_id 
_pdbx_validate_torsion.auth_asym_id 
_pdbx_validate_torsion.auth_seq_id 
_pdbx_validate_torsion.PDB_ins_code 
_pdbx_validate_torsion.label_alt_id 
_pdbx_validate_torsion.phi 
_pdbx_validate_torsion.psi 
1  1 PHE A 12 ? ? -163.87 113.09  
2  1 ARG A 19 ? ? 38.53   59.92   
3  1 ASP A 38 ? ? -120.24 -139.52 
4  1 HIS A 41 ? ? -114.70 -159.69 
5  1 ASP A 60 ? ? 63.09   -119.70 
6  1 PHE B 12 ? ? -160.89 114.63  
7  1 LEU B 15 ? ? -91.78  -69.64  
8  1 ARG B 19 ? ? 37.82   59.57   
9  1 ASP B 38 ? ? -129.55 -136.92 
10 1 HIS B 41 ? ? -114.12 -158.22 
11 1 ASP B 60 ? ? 61.79   -36.14  
# 
loop_
_pdbx_unobs_or_zero_occ_residues.id 
_pdbx_unobs_or_zero_occ_residues.PDB_model_num 
_pdbx_unobs_or_zero_occ_residues.polymer_flag 
_pdbx_unobs_or_zero_occ_residues.occupancy_flag 
_pdbx_unobs_or_zero_occ_residues.auth_asym_id 
_pdbx_unobs_or_zero_occ_residues.auth_comp_id 
_pdbx_unobs_or_zero_occ_residues.auth_seq_id 
_pdbx_unobs_or_zero_occ_residues.PDB_ins_code 
_pdbx_unobs_or_zero_occ_residues.label_asym_id 
_pdbx_unobs_or_zero_occ_residues.label_comp_id 
_pdbx_unobs_or_zero_occ_residues.label_seq_id 
1 1 Y 1 A MET 1   ? A MET 1   
2 1 Y 1 A GLY 113 ? A GLY 113 
3 1 Y 1 B MET 1   ? B MET 1   
4 1 Y 1 B GLU 112 ? B GLU 112 
5 1 Y 1 B GLY 113 ? B GLY 113 
# 
loop_
_chem_comp_atom.comp_id 
_chem_comp_atom.atom_id 
_chem_comp_atom.type_symbol 
_chem_comp_atom.pdbx_aromatic_flag 
_chem_comp_atom.pdbx_stereo_config 
_chem_comp_atom.pdbx_ordinal 
ALA N    N N N 1   
ALA CA   C N S 2   
ALA C    C N N 3   
ALA O    O N N 4   
ALA CB   C N N 5   
ALA OXT  O N N 6   
ALA H    H N N 7   
ALA H2   H N N 8   
ALA HA   H N N 9   
ALA HB1  H N N 10  
ALA HB2  H N N 11  
ALA HB3  H N N 12  
ALA HXT  H N N 13  
ARG N    N N N 14  
ARG CA   C N S 15  
ARG C    C N N 16  
ARG O    O N N 17  
ARG CB   C N N 18  
ARG CG   C N N 19  
ARG CD   C N N 20  
ARG NE   N N N 21  
ARG CZ   C N N 22  
ARG NH1  N N N 23  
ARG NH2  N N N 24  
ARG OXT  O N N 25  
ARG H    H N N 26  
ARG H2   H N N 27  
ARG HA   H N N 28  
ARG HB2  H N N 29  
ARG HB3  H N N 30  
ARG HG2  H N N 31  
ARG HG3  H N N 32  
ARG HD2  H N N 33  
ARG HD3  H N N 34  
ARG HE   H N N 35  
ARG HH11 H N N 36  
ARG HH12 H N N 37  
ARG HH21 H N N 38  
ARG HH22 H N N 39  
ARG HXT  H N N 40  
ASN N    N N N 41  
ASN CA   C N S 42  
ASN C    C N N 43  
ASN O    O N N 44  
ASN CB   C N N 45  
ASN CG   C N N 46  
ASN OD1  O N N 47  
ASN ND2  N N N 48  
ASN OXT  O N N 49  
ASN H    H N N 50  
ASN H2   H N N 51  
ASN HA   H N N 52  
ASN HB2  H N N 53  
ASN HB3  H N N 54  
ASN HD21 H N N 55  
ASN HD22 H N N 56  
ASN HXT  H N N 57  
ASP N    N N N 58  
ASP CA   C N S 59  
ASP C    C N N 60  
ASP O    O N N 61  
ASP CB   C N N 62  
ASP CG   C N N 63  
ASP OD1  O N N 64  
ASP OD2  O N N 65  
ASP OXT  O N N 66  
ASP H    H N N 67  
ASP H2   H N N 68  
ASP HA   H N N 69  
ASP HB2  H N N 70  
ASP HB3  H N N 71  
ASP HD2  H N N 72  
ASP HXT  H N N 73  
GLN N    N N N 74  
GLN CA   C N S 75  
GLN C    C N N 76  
GLN O    O N N 77  
GLN CB   C N N 78  
GLN CG   C N N 79  
GLN CD   C N N 80  
GLN OE1  O N N 81  
GLN NE2  N N N 82  
GLN OXT  O N N 83  
GLN H    H N N 84  
GLN H2   H N N 85  
GLN HA   H N N 86  
GLN HB2  H N N 87  
GLN HB3  H N N 88  
GLN HG2  H N N 89  
GLN HG3  H N N 90  
GLN HE21 H N N 91  
GLN HE22 H N N 92  
GLN HXT  H N N 93  
GLU N    N N N 94  
GLU CA   C N S 95  
GLU C    C N N 96  
GLU O    O N N 97  
GLU CB   C N N 98  
GLU CG   C N N 99  
GLU CD   C N N 100 
GLU OE1  O N N 101 
GLU OE2  O N N 102 
GLU OXT  O N N 103 
GLU H    H N N 104 
GLU H2   H N N 105 
GLU HA   H N N 106 
GLU HB2  H N N 107 
GLU HB3  H N N 108 
GLU HG2  H N N 109 
GLU HG3  H N N 110 
GLU HE2  H N N 111 
GLU HXT  H N N 112 
GLY N    N N N 113 
GLY CA   C N N 114 
GLY C    C N N 115 
GLY O    O N N 116 
GLY OXT  O N N 117 
GLY H    H N N 118 
GLY H2   H N N 119 
GLY HA2  H N N 120 
GLY HA3  H N N 121 
GLY HXT  H N N 122 
HIS N    N N N 123 
HIS CA   C N S 124 
HIS C    C N N 125 
HIS O    O N N 126 
HIS CB   C N N 127 
HIS CG   C Y N 128 
HIS ND1  N Y N 129 
HIS CD2  C Y N 130 
HIS CE1  C Y N 131 
HIS NE2  N Y N 132 
HIS OXT  O N N 133 
HIS H    H N N 134 
HIS H2   H N N 135 
HIS HA   H N N 136 
HIS HB2  H N N 137 
HIS HB3  H N N 138 
HIS HD1  H N N 139 
HIS HD2  H N N 140 
HIS HE1  H N N 141 
HIS HE2  H N N 142 
HIS HXT  H N N 143 
ILE N    N N N 144 
ILE CA   C N S 145 
ILE C    C N N 146 
ILE O    O N N 147 
ILE CB   C N S 148 
ILE CG1  C N N 149 
ILE CG2  C N N 150 
ILE CD1  C N N 151 
ILE OXT  O N N 152 
ILE H    H N N 153 
ILE H2   H N N 154 
ILE HA   H N N 155 
ILE HB   H N N 156 
ILE HG12 H N N 157 
ILE HG13 H N N 158 
ILE HG21 H N N 159 
ILE HG22 H N N 160 
ILE HG23 H N N 161 
ILE HD11 H N N 162 
ILE HD12 H N N 163 
ILE HD13 H N N 164 
ILE HXT  H N N 165 
LEU N    N N N 166 
LEU CA   C N S 167 
LEU C    C N N 168 
LEU O    O N N 169 
LEU CB   C N N 170 
LEU CG   C N N 171 
LEU CD1  C N N 172 
LEU CD2  C N N 173 
LEU OXT  O N N 174 
LEU H    H N N 175 
LEU H2   H N N 176 
LEU HA   H N N 177 
LEU HB2  H N N 178 
LEU HB3  H N N 179 
LEU HG   H N N 180 
LEU HD11 H N N 181 
LEU HD12 H N N 182 
LEU HD13 H N N 183 
LEU HD21 H N N 184 
LEU HD22 H N N 185 
LEU HD23 H N N 186 
LEU HXT  H N N 187 
LYS N    N N N 188 
LYS CA   C N S 189 
LYS C    C N N 190 
LYS O    O N N 191 
LYS CB   C N N 192 
LYS CG   C N N 193 
LYS CD   C N N 194 
LYS CE   C N N 195 
LYS NZ   N N N 196 
LYS OXT  O N N 197 
LYS H    H N N 198 
LYS H2   H N N 199 
LYS HA   H N N 200 
LYS HB2  H N N 201 
LYS HB3  H N N 202 
LYS HG2  H N N 203 
LYS HG3  H N N 204 
LYS HD2  H N N 205 
LYS HD3  H N N 206 
LYS HE2  H N N 207 
LYS HE3  H N N 208 
LYS HZ1  H N N 209 
LYS HZ2  H N N 210 
LYS HZ3  H N N 211 
LYS HXT  H N N 212 
MET N    N N N 213 
MET CA   C N S 214 
MET C    C N N 215 
MET O    O N N 216 
MET CB   C N N 217 
MET CG   C N N 218 
MET SD   S N N 219 
MET CE   C N N 220 
MET OXT  O N N 221 
MET H    H N N 222 
MET H2   H N N 223 
MET HA   H N N 224 
MET HB2  H N N 225 
MET HB3  H N N 226 
MET HG2  H N N 227 
MET HG3  H N N 228 
MET HE1  H N N 229 
MET HE2  H N N 230 
MET HE3  H N N 231 
MET HXT  H N N 232 
PHE N    N N N 233 
PHE CA   C N S 234 
PHE C    C N N 235 
PHE O    O N N 236 
PHE CB   C N N 237 
PHE CG   C Y N 238 
PHE CD1  C Y N 239 
PHE CD2  C Y N 240 
PHE CE1  C Y N 241 
PHE CE2  C Y N 242 
PHE CZ   C Y N 243 
PHE OXT  O N N 244 
PHE H    H N N 245 
PHE H2   H N N 246 
PHE HA   H N N 247 
PHE HB2  H N N 248 
PHE HB3  H N N 249 
PHE HD1  H N N 250 
PHE HD2  H N N 251 
PHE HE1  H N N 252 
PHE HE2  H N N 253 
PHE HZ   H N N 254 
PHE HXT  H N N 255 
PRO N    N N N 256 
PRO CA   C N S 257 
PRO C    C N N 258 
PRO O    O N N 259 
PRO CB   C N N 260 
PRO CG   C N N 261 
PRO CD   C N N 262 
PRO OXT  O N N 263 
PRO H    H N N 264 
PRO HA   H N N 265 
PRO HB2  H N N 266 
PRO HB3  H N N 267 
PRO HG2  H N N 268 
PRO HG3  H N N 269 
PRO HD2  H N N 270 
PRO HD3  H N N 271 
PRO HXT  H N N 272 
SER N    N N N 273 
SER CA   C N S 274 
SER C    C N N 275 
SER O    O N N 276 
SER CB   C N N 277 
SER OG   O N N 278 
SER OXT  O N N 279 
SER H    H N N 280 
SER H2   H N N 281 
SER HA   H N N 282 
SER HB2  H N N 283 
SER HB3  H N N 284 
SER HG   H N N 285 
SER HXT  H N N 286 
THR N    N N N 287 
THR CA   C N S 288 
THR C    C N N 289 
THR O    O N N 290 
THR CB   C N R 291 
THR OG1  O N N 292 
THR CG2  C N N 293 
THR OXT  O N N 294 
THR H    H N N 295 
THR H2   H N N 296 
THR HA   H N N 297 
THR HB   H N N 298 
THR HG1  H N N 299 
THR HG21 H N N 300 
THR HG22 H N N 301 
THR HG23 H N N 302 
THR HXT  H N N 303 
TRP N    N N N 304 
TRP CA   C N S 305 
TRP C    C N N 306 
TRP O    O N N 307 
TRP CB   C N N 308 
TRP CG   C Y N 309 
TRP CD1  C Y N 310 
TRP CD2  C Y N 311 
TRP NE1  N Y N 312 
TRP CE2  C Y N 313 
TRP CE3  C Y N 314 
TRP CZ2  C Y N 315 
TRP CZ3  C Y N 316 
TRP CH2  C Y N 317 
TRP OXT  O N N 318 
TRP H    H N N 319 
TRP H2   H N N 320 
TRP HA   H N N 321 
TRP HB2  H N N 322 
TRP HB3  H N N 323 
TRP HD1  H N N 324 
TRP HE1  H N N 325 
TRP HE3  H N N 326 
TRP HZ2  H N N 327 
TRP HZ3  H N N 328 
TRP HH2  H N N 329 
TRP HXT  H N N 330 
TYR N    N N N 331 
TYR CA   C N S 332 
TYR C    C N N 333 
TYR O    O N N 334 
TYR CB   C N N 335 
TYR CG   C Y N 336 
TYR CD1  C Y N 337 
TYR CD2  C Y N 338 
TYR CE1  C Y N 339 
TYR CE2  C Y N 340 
TYR CZ   C Y N 341 
TYR OH   O N N 342 
TYR OXT  O N N 343 
TYR H    H N N 344 
TYR H2   H N N 345 
TYR HA   H N N 346 
TYR HB2  H N N 347 
TYR HB3  H N N 348 
TYR HD1  H N N 349 
TYR HD2  H N N 350 
TYR HE1  H N N 351 
TYR HE2  H N N 352 
TYR HH   H N N 353 
TYR HXT  H N N 354 
VAL N    N N N 355 
VAL CA   C N S 356 
VAL C    C N N 357 
VAL O    O N N 358 
VAL CB   C N N 359 
VAL CG1  C N N 360 
VAL CG2  C N N 361 
VAL OXT  O N N 362 
VAL H    H N N 363 
VAL H2   H N N 364 
VAL HA   H N N 365 
VAL HB   H N N 366 
VAL HG11 H N N 367 
VAL HG12 H N N 368 
VAL HG13 H N N 369 
VAL HG21 H N N 370 
VAL HG22 H N N 371 
VAL HG23 H N N 372 
VAL HXT  H N N 373 
# 
loop_
_chem_comp_bond.comp_id 
_chem_comp_bond.atom_id_1 
_chem_comp_bond.atom_id_2 
_chem_comp_bond.value_order 
_chem_comp_bond.pdbx_aromatic_flag 
_chem_comp_bond.pdbx_stereo_config 
_chem_comp_bond.pdbx_ordinal 
ALA N   CA   sing N N 1   
ALA N   H    sing N N 2   
ALA N   H2   sing N N 3   
ALA CA  C    sing N N 4   
ALA CA  CB   sing N N 5   
ALA CA  HA   sing N N 6   
ALA C   O    doub N N 7   
ALA C   OXT  sing N N 8   
ALA CB  HB1  sing N N 9   
ALA CB  HB2  sing N N 10  
ALA CB  HB3  sing N N 11  
ALA OXT HXT  sing N N 12  
ARG N   CA   sing N N 13  
ARG N   H    sing N N 14  
ARG N   H2   sing N N 15  
ARG CA  C    sing N N 16  
ARG CA  CB   sing N N 17  
ARG CA  HA   sing N N 18  
ARG C   O    doub N N 19  
ARG C   OXT  sing N N 20  
ARG CB  CG   sing N N 21  
ARG CB  HB2  sing N N 22  
ARG CB  HB3  sing N N 23  
ARG CG  CD   sing N N 24  
ARG CG  HG2  sing N N 25  
ARG CG  HG3  sing N N 26  
ARG CD  NE   sing N N 27  
ARG CD  HD2  sing N N 28  
ARG CD  HD3  sing N N 29  
ARG NE  CZ   sing N N 30  
ARG NE  HE   sing N N 31  
ARG CZ  NH1  sing N N 32  
ARG CZ  NH2  doub N N 33  
ARG NH1 HH11 sing N N 34  
ARG NH1 HH12 sing N N 35  
ARG NH2 HH21 sing N N 36  
ARG NH2 HH22 sing N N 37  
ARG OXT HXT  sing N N 38  
ASN N   CA   sing N N 39  
ASN N   H    sing N N 40  
ASN N   H2   sing N N 41  
ASN CA  C    sing N N 42  
ASN CA  CB   sing N N 43  
ASN CA  HA   sing N N 44  
ASN C   O    doub N N 45  
ASN C   OXT  sing N N 46  
ASN CB  CG   sing N N 47  
ASN CB  HB2  sing N N 48  
ASN CB  HB3  sing N N 49  
ASN CG  OD1  doub N N 50  
ASN CG  ND2  sing N N 51  
ASN ND2 HD21 sing N N 52  
ASN ND2 HD22 sing N N 53  
ASN OXT HXT  sing N N 54  
ASP N   CA   sing N N 55  
ASP N   H    sing N N 56  
ASP N   H2   sing N N 57  
ASP CA  C    sing N N 58  
ASP CA  CB   sing N N 59  
ASP CA  HA   sing N N 60  
ASP C   O    doub N N 61  
ASP C   OXT  sing N N 62  
ASP CB  CG   sing N N 63  
ASP CB  HB2  sing N N 64  
ASP CB  HB3  sing N N 65  
ASP CG  OD1  doub N N 66  
ASP CG  OD2  sing N N 67  
ASP OD2 HD2  sing N N 68  
ASP OXT HXT  sing N N 69  
GLN N   CA   sing N N 70  
GLN N   H    sing N N 71  
GLN N   H2   sing N N 72  
GLN CA  C    sing N N 73  
GLN CA  CB   sing N N 74  
GLN CA  HA   sing N N 75  
GLN C   O    doub N N 76  
GLN C   OXT  sing N N 77  
GLN CB  CG   sing N N 78  
GLN CB  HB2  sing N N 79  
GLN CB  HB3  sing N N 80  
GLN CG  CD   sing N N 81  
GLN CG  HG2  sing N N 82  
GLN CG  HG3  sing N N 83  
GLN CD  OE1  doub N N 84  
GLN CD  NE2  sing N N 85  
GLN NE2 HE21 sing N N 86  
GLN NE2 HE22 sing N N 87  
GLN OXT HXT  sing N N 88  
GLU N   CA   sing N N 89  
GLU N   H    sing N N 90  
GLU N   H2   sing N N 91  
GLU CA  C    sing N N 92  
GLU CA  CB   sing N N 93  
GLU CA  HA   sing N N 94  
GLU C   O    doub N N 95  
GLU C   OXT  sing N N 96  
GLU CB  CG   sing N N 97  
GLU CB  HB2  sing N N 98  
GLU CB  HB3  sing N N 99  
GLU CG  CD   sing N N 100 
GLU CG  HG2  sing N N 101 
GLU CG  HG3  sing N N 102 
GLU CD  OE1  doub N N 103 
GLU CD  OE2  sing N N 104 
GLU OE2 HE2  sing N N 105 
GLU OXT HXT  sing N N 106 
GLY N   CA   sing N N 107 
GLY N   H    sing N N 108 
GLY N   H2   sing N N 109 
GLY CA  C    sing N N 110 
GLY CA  HA2  sing N N 111 
GLY CA  HA3  sing N N 112 
GLY C   O    doub N N 113 
GLY C   OXT  sing N N 114 
GLY OXT HXT  sing N N 115 
HIS N   CA   sing N N 116 
HIS N   H    sing N N 117 
HIS N   H2   sing N N 118 
HIS CA  C    sing N N 119 
HIS CA  CB   sing N N 120 
HIS CA  HA   sing N N 121 
HIS C   O    doub N N 122 
HIS C   OXT  sing N N 123 
HIS CB  CG   sing N N 124 
HIS CB  HB2  sing N N 125 
HIS CB  HB3  sing N N 126 
HIS CG  ND1  sing Y N 127 
HIS CG  CD2  doub Y N 128 
HIS ND1 CE1  doub Y N 129 
HIS ND1 HD1  sing N N 130 
HIS CD2 NE2  sing Y N 131 
HIS CD2 HD2  sing N N 132 
HIS CE1 NE2  sing Y N 133 
HIS CE1 HE1  sing N N 134 
HIS NE2 HE2  sing N N 135 
HIS OXT HXT  sing N N 136 
ILE N   CA   sing N N 137 
ILE N   H    sing N N 138 
ILE N   H2   sing N N 139 
ILE CA  C    sing N N 140 
ILE CA  CB   sing N N 141 
ILE CA  HA   sing N N 142 
ILE C   O    doub N N 143 
ILE C   OXT  sing N N 144 
ILE CB  CG1  sing N N 145 
ILE CB  CG2  sing N N 146 
ILE CB  HB   sing N N 147 
ILE CG1 CD1  sing N N 148 
ILE CG1 HG12 sing N N 149 
ILE CG1 HG13 sing N N 150 
ILE CG2 HG21 sing N N 151 
ILE CG2 HG22 sing N N 152 
ILE CG2 HG23 sing N N 153 
ILE CD1 HD11 sing N N 154 
ILE CD1 HD12 sing N N 155 
ILE CD1 HD13 sing N N 156 
ILE OXT HXT  sing N N 157 
LEU N   CA   sing N N 158 
LEU N   H    sing N N 159 
LEU N   H2   sing N N 160 
LEU CA  C    sing N N 161 
LEU CA  CB   sing N N 162 
LEU CA  HA   sing N N 163 
LEU C   O    doub N N 164 
LEU C   OXT  sing N N 165 
LEU CB  CG   sing N N 166 
LEU CB  HB2  sing N N 167 
LEU CB  HB3  sing N N 168 
LEU CG  CD1  sing N N 169 
LEU CG  CD2  sing N N 170 
LEU CG  HG   sing N N 171 
LEU CD1 HD11 sing N N 172 
LEU CD1 HD12 sing N N 173 
LEU CD1 HD13 sing N N 174 
LEU CD2 HD21 sing N N 175 
LEU CD2 HD22 sing N N 176 
LEU CD2 HD23 sing N N 177 
LEU OXT HXT  sing N N 178 
LYS N   CA   sing N N 179 
LYS N   H    sing N N 180 
LYS N   H2   sing N N 181 
LYS CA  C    sing N N 182 
LYS CA  CB   sing N N 183 
LYS CA  HA   sing N N 184 
LYS C   O    doub N N 185 
LYS C   OXT  sing N N 186 
LYS CB  CG   sing N N 187 
LYS CB  HB2  sing N N 188 
LYS CB  HB3  sing N N 189 
LYS CG  CD   sing N N 190 
LYS CG  HG2  sing N N 191 
LYS CG  HG3  sing N N 192 
LYS CD  CE   sing N N 193 
LYS CD  HD2  sing N N 194 
LYS CD  HD3  sing N N 195 
LYS CE  NZ   sing N N 196 
LYS CE  HE2  sing N N 197 
LYS CE  HE3  sing N N 198 
LYS NZ  HZ1  sing N N 199 
LYS NZ  HZ2  sing N N 200 
LYS NZ  HZ3  sing N N 201 
LYS OXT HXT  sing N N 202 
MET N   CA   sing N N 203 
MET N   H    sing N N 204 
MET N   H2   sing N N 205 
MET CA  C    sing N N 206 
MET CA  CB   sing N N 207 
MET CA  HA   sing N N 208 
MET C   O    doub N N 209 
MET C   OXT  sing N N 210 
MET CB  CG   sing N N 211 
MET CB  HB2  sing N N 212 
MET CB  HB3  sing N N 213 
MET CG  SD   sing N N 214 
MET CG  HG2  sing N N 215 
MET CG  HG3  sing N N 216 
MET SD  CE   sing N N 217 
MET CE  HE1  sing N N 218 
MET CE  HE2  sing N N 219 
MET CE  HE3  sing N N 220 
MET OXT HXT  sing N N 221 
PHE N   CA   sing N N 222 
PHE N   H    sing N N 223 
PHE N   H2   sing N N 224 
PHE CA  C    sing N N 225 
PHE CA  CB   sing N N 226 
PHE CA  HA   sing N N 227 
PHE C   O    doub N N 228 
PHE C   OXT  sing N N 229 
PHE CB  CG   sing N N 230 
PHE CB  HB2  sing N N 231 
PHE CB  HB3  sing N N 232 
PHE CG  CD1  doub Y N 233 
PHE CG  CD2  sing Y N 234 
PHE CD1 CE1  sing Y N 235 
PHE CD1 HD1  sing N N 236 
PHE CD2 CE2  doub Y N 237 
PHE CD2 HD2  sing N N 238 
PHE CE1 CZ   doub Y N 239 
PHE CE1 HE1  sing N N 240 
PHE CE2 CZ   sing Y N 241 
PHE CE2 HE2  sing N N 242 
PHE CZ  HZ   sing N N 243 
PHE OXT HXT  sing N N 244 
PRO N   CA   sing N N 245 
PRO N   CD   sing N N 246 
PRO N   H    sing N N 247 
PRO CA  C    sing N N 248 
PRO CA  CB   sing N N 249 
PRO CA  HA   sing N N 250 
PRO C   O    doub N N 251 
PRO C   OXT  sing N N 252 
PRO CB  CG   sing N N 253 
PRO CB  HB2  sing N N 254 
PRO CB  HB3  sing N N 255 
PRO CG  CD   sing N N 256 
PRO CG  HG2  sing N N 257 
PRO CG  HG3  sing N N 258 
PRO CD  HD2  sing N N 259 
PRO CD  HD3  sing N N 260 
PRO OXT HXT  sing N N 261 
SER N   CA   sing N N 262 
SER N   H    sing N N 263 
SER N   H2   sing N N 264 
SER CA  C    sing N N 265 
SER CA  CB   sing N N 266 
SER CA  HA   sing N N 267 
SER C   O    doub N N 268 
SER C   OXT  sing N N 269 
SER CB  OG   sing N N 270 
SER CB  HB2  sing N N 271 
SER CB  HB3  sing N N 272 
SER OG  HG   sing N N 273 
SER OXT HXT  sing N N 274 
THR N   CA   sing N N 275 
THR N   H    sing N N 276 
THR N   H2   sing N N 277 
THR CA  C    sing N N 278 
THR CA  CB   sing N N 279 
THR CA  HA   sing N N 280 
THR C   O    doub N N 281 
THR C   OXT  sing N N 282 
THR CB  OG1  sing N N 283 
THR CB  CG2  sing N N 284 
THR CB  HB   sing N N 285 
THR OG1 HG1  sing N N 286 
THR CG2 HG21 sing N N 287 
THR CG2 HG22 sing N N 288 
THR CG2 HG23 sing N N 289 
THR OXT HXT  sing N N 290 
TRP N   CA   sing N N 291 
TRP N   H    sing N N 292 
TRP N   H2   sing N N 293 
TRP CA  C    sing N N 294 
TRP CA  CB   sing N N 295 
TRP CA  HA   sing N N 296 
TRP C   O    doub N N 297 
TRP C   OXT  sing N N 298 
TRP CB  CG   sing N N 299 
TRP CB  HB2  sing N N 300 
TRP CB  HB3  sing N N 301 
TRP CG  CD1  doub Y N 302 
TRP CG  CD2  sing Y N 303 
TRP CD1 NE1  sing Y N 304 
TRP CD1 HD1  sing N N 305 
TRP CD2 CE2  doub Y N 306 
TRP CD2 CE3  sing Y N 307 
TRP NE1 CE2  sing Y N 308 
TRP NE1 HE1  sing N N 309 
TRP CE2 CZ2  sing Y N 310 
TRP CE3 CZ3  doub Y N 311 
TRP CE3 HE3  sing N N 312 
TRP CZ2 CH2  doub Y N 313 
TRP CZ2 HZ2  sing N N 314 
TRP CZ3 CH2  sing Y N 315 
TRP CZ3 HZ3  sing N N 316 
TRP CH2 HH2  sing N N 317 
TRP OXT HXT  sing N N 318 
TYR N   CA   sing N N 319 
TYR N   H    sing N N 320 
TYR N   H2   sing N N 321 
TYR CA  C    sing N N 322 
TYR CA  CB   sing N N 323 
TYR CA  HA   sing N N 324 
TYR C   O    doub N N 325 
TYR C   OXT  sing N N 326 
TYR CB  CG   sing N N 327 
TYR CB  HB2  sing N N 328 
TYR CB  HB3  sing N N 329 
TYR CG  CD1  doub Y N 330 
TYR CG  CD2  sing Y N 331 
TYR CD1 CE1  sing Y N 332 
TYR CD1 HD1  sing N N 333 
TYR CD2 CE2  doub Y N 334 
TYR CD2 HD2  sing N N 335 
TYR CE1 CZ   doub Y N 336 
TYR CE1 HE1  sing N N 337 
TYR CE2 CZ   sing Y N 338 
TYR CE2 HE2  sing N N 339 
TYR CZ  OH   sing N N 340 
TYR OH  HH   sing N N 341 
TYR OXT HXT  sing N N 342 
VAL N   CA   sing N N 343 
VAL N   H    sing N N 344 
VAL N   H2   sing N N 345 
VAL CA  C    sing N N 346 
VAL CA  CB   sing N N 347 
VAL CA  HA   sing N N 348 
VAL C   O    doub N N 349 
VAL C   OXT  sing N N 350 
VAL CB  CG1  sing N N 351 
VAL CB  CG2  sing N N 352 
VAL CB  HB   sing N N 353 
VAL CG1 HG11 sing N N 354 
VAL CG1 HG12 sing N N 355 
VAL CG1 HG13 sing N N 356 
VAL CG2 HG21 sing N N 357 
VAL CG2 HG22 sing N N 358 
VAL CG2 HG23 sing N N 359 
VAL OXT HXT  sing N N 360 
# 
_atom_sites.entry_id                    2GU9 
_atom_sites.fract_transf_matrix[1][1]   0.01481650 
_atom_sites.fract_transf_matrix[1][2]   0.02068554 
_atom_sites.fract_transf_matrix[1][3]   0.00142561 
_atom_sites.fract_transf_matrix[2][1]   0.01236821 
_atom_sites.fract_transf_matrix[2][2]   -0.01411572 
_atom_sites.fract_transf_matrix[2][3]   0.01722681 
_atom_sites.fract_transf_matrix[3][1]   0.00175953 
_atom_sites.fract_transf_matrix[3][2]   -0.01058024 
_atom_sites.fract_transf_matrix[3][3]   -0.02294162 
_atom_sites.fract_transf_vector[1]      -0.185199 
_atom_sites.fract_transf_vector[2]      0.903498 
_atom_sites.fract_transf_vector[3]      0.893537 
# 
loop_
_atom_type.symbol 
C 
N 
O 
S 
# 
loop_
_atom_site.group_PDB 
_atom_site.id 
_atom_site.type_symbol 
_atom_site.label_atom_id 
_atom_site.label_alt_id 
_atom_site.label_comp_id 
_atom_site.label_asym_id 
_atom_site.label_entity_id 
_atom_site.label_seq_id 
_atom_site.pdbx_PDB_ins_code 
_atom_site.Cartn_x 
_atom_site.Cartn_y 
_atom_site.Cartn_z 
_atom_site.occupancy 
_atom_site.B_iso_or_equiv 
_atom_site.pdbx_formal_charge 
_atom_site.auth_seq_id 
_atom_site.auth_comp_id 
_atom_site.auth_asym_id 
_atom_site.auth_atom_id 
_atom_site.pdbx_PDB_model_num 
ATOM 1    N N   . GLN A 1 2   ? 0.439   -9.106  -10.823 1.00 12.13 ? 2   GLN A N   1 
ATOM 2    C CA  . GLN A 1 2   ? -0.800  -8.343  -11.134 1.00 11.86 ? 2   GLN A CA  1 
ATOM 3    C C   . GLN A 1 2   ? -0.500  -6.858  -11.203 1.00 12.37 ? 2   GLN A C   1 
ATOM 4    O O   . GLN A 1 2   ? 0.366   -6.361  -10.489 1.00 11.05 ? 2   GLN A O   1 
ATOM 5    C CB  . GLN A 1 2   ? -1.858  -8.640  -10.076 1.00 13.01 ? 2   GLN A CB  1 
ATOM 6    C CG  . GLN A 1 2   ? -2.342  -10.080 -10.150 1.00 14.57 ? 2   GLN A CG  1 
ATOM 7    C CD  . GLN A 1 2   ? -3.132  -10.486 -8.939  1.00 15.63 ? 2   GLN A CD  1 
ATOM 8    O OE1 . GLN A 1 2   ? -2.582  -10.646 -7.847  1.00 16.88 ? 2   GLN A OE1 1 
ATOM 9    N NE2 . GLN A 1 2   ? -4.435  -10.648 -9.116  1.00 15.87 ? 2   GLN A NE2 1 
ATOM 10   N N   . TYR A 1 3   ? -1.215  -6.154  -12.069 1.00 11.16 ? 3   TYR A N   1 
ATOM 11   C CA  . TYR A 1 3   ? -0.978  -4.731  -12.248 1.00 11.03 ? 3   TYR A CA  1 
ATOM 12   C C   . TYR A 1 3   ? -2.220  -3.910  -12.572 1.00 11.37 ? 3   TYR A C   1 
ATOM 13   O O   . TYR A 1 3   ? -3.151  -4.388  -13.214 1.00 11.55 ? 3   TYR A O   1 
ATOM 14   C CB  . TYR A 1 3   ? 0.063   -4.533  -13.364 1.00 10.74 ? 3   TYR A CB  1 
ATOM 15   C CG  . TYR A 1 3   ? 0.247   -3.088  -13.775 1.00 11.14 ? 3   TYR A CG  1 
ATOM 16   C CD1 . TYR A 1 3   ? -0.651  -2.470  -14.647 1.00 11.86 ? 3   TYR A CD1 1 
ATOM 17   C CD2 . TYR A 1 3   ? 1.261   -2.312  -13.219 1.00 11.72 ? 3   TYR A CD2 1 
ATOM 18   C CE1 . TYR A 1 3   ? -0.548  -1.114  -14.940 1.00 12.23 ? 3   TYR A CE1 1 
ATOM 19   C CE2 . TYR A 1 3   ? 1.368   -0.961  -13.506 1.00 11.79 ? 3   TYR A CE2 1 
ATOM 20   C CZ  . TYR A 1 3   ? 0.458   -0.369  -14.362 1.00 11.17 ? 3   TYR A CZ  1 
ATOM 21   O OH  . TYR A 1 3   ? 0.521   0.980   -14.601 1.00 12.54 ? 3   TYR A OH  1 
ATOM 22   N N   . ALA A 1 4   ? -2.221  -2.662  -12.122 1.00 10.84 ? 4   ALA A N   1 
ATOM 23   C CA  . ALA A 1 4   ? -3.314  -1.744  -12.402 1.00 11.16 ? 4   ALA A CA  1 
ATOM 24   C C   . ALA A 1 4   ? -2.790  -0.320  -12.302 1.00 11.65 ? 4   ALA A C   1 
ATOM 25   O O   . ALA A 1 4   ? -1.858  -0.048  -11.549 1.00 10.84 ? 4   ALA A O   1 
ATOM 26   C CB  . ALA A 1 4   ? -4.447  -1.948  -11.409 1.00 13.26 ? 4   ALA A CB  1 
ATOM 27   N N   . THR A 1 5   ? -3.366  0.574   -13.094 1.00 12.49 ? 5   THR A N   1 
ATOM 28   C CA  . THR A 1 5   ? -3.001  1.983   -13.033 1.00 12.70 ? 5   THR A CA  1 
ATOM 29   C C   . THR A 1 5   ? -4.182  2.653   -12.344 1.00 12.83 ? 5   THR A C   1 
ATOM 30   O O   . THR A 1 5   ? -5.271  2.717   -12.908 1.00 14.50 ? 5   THR A O   1 
ATOM 31   C CB  . THR A 1 5   ? -2.848  2.616   -14.430 1.00 13.97 ? 5   THR A CB  1 
ATOM 32   O OG1 . THR A 1 5   ? -1.857  1.903   -15.179 1.00 16.14 ? 5   THR A OG1 1 
ATOM 33   C CG2 . THR A 1 5   ? -2.429  4.080   -14.303 1.00 14.30 ? 5   THR A CG2 1 
ATOM 34   N N   . LEU A 1 6   ? -3.984  3.134   -11.121 1.00 11.52 ? 6   LEU A N   1 
ATOM 35   C CA  . LEU A 1 6   ? -5.069  3.794   -10.409 1.00 12.42 ? 6   LEU A CA  1 
ATOM 36   C C   . LEU A 1 6   ? -5.326  5.188   -10.951 1.00 12.50 ? 6   LEU A C   1 
ATOM 37   O O   . LEU A 1 6   ? -4.403  5.988   -11.096 1.00 14.75 ? 6   LEU A O   1 
ATOM 38   C CB  . LEU A 1 6   ? -4.771  3.887   -8.912  1.00 11.76 ? 6   LEU A CB  1 
ATOM 39   C CG  . LEU A 1 6   ? -4.990  2.623   -8.078  1.00 11.77 ? 6   LEU A CG  1 
ATOM 40   C CD1 . LEU A 1 6   ? -3.939  1.590   -8.427  1.00 11.87 ? 6   LEU A CD1 1 
ATOM 41   C CD2 . LEU A 1 6   ? -4.931  2.980   -6.597  1.00 13.79 ? 6   LEU A CD2 1 
ATOM 42   N N   . GLU A 1 7   ? -6.588  5.465   -11.252 1.00 12.87 ? 7   GLU A N   1 
ATOM 43   C CA  . GLU A 1 7   ? -6.985  6.771   -11.771 1.00 14.18 ? 7   GLU A CA  1 
ATOM 44   C C   . GLU A 1 7   ? -7.445  7.664   -10.623 1.00 14.03 ? 7   GLU A C   1 
ATOM 45   O O   . GLU A 1 7   ? -7.625  8.866   -10.789 1.00 14.02 ? 7   GLU A O   1 
ATOM 46   C CB  . GLU A 1 7   ? -8.119  6.611   -12.786 1.00 17.22 ? 7   GLU A CB  1 
ATOM 47   C CG  . GLU A 1 7   ? -7.738  5.811   -14.022 1.00 22.21 ? 7   GLU A CG  1 
ATOM 48   C CD  . GLU A 1 7   ? -6.816  6.564   -14.981 1.00 25.52 ? 7   GLU A CD  1 
ATOM 49   O OE1 . GLU A 1 7   ? -6.343  5.947   -15.966 1.00 28.61 ? 7   GLU A OE1 1 
ATOM 50   O OE2 . GLU A 1 7   ? -6.568  7.768   -14.764 1.00 28.69 ? 7   GLU A OE2 1 
ATOM 51   N N   . LEU A 1 8   ? -7.639  7.060   -9.455  1.00 11.71 ? 8   LEU A N   1 
ATOM 52   C CA  . LEU A 1 8   ? -8.068  7.793   -8.273  1.00 13.39 ? 8   LEU A CA  1 
ATOM 53   C C   . LEU A 1 8   ? -9.315  8.658   -8.500  1.00 13.14 ? 8   LEU A C   1 
ATOM 54   O O   . LEU A 1 8   ? -9.332  9.847   -8.187  1.00 13.78 ? 8   LEU A O   1 
ATOM 55   C CB  . LEU A 1 8   ? -6.897  8.636   -7.734  1.00 13.76 ? 8   LEU A CB  1 
ATOM 56   C CG  . LEU A 1 8   ? -5.677  7.824   -7.265  1.00 12.94 ? 8   LEU A CG  1 
ATOM 57   C CD1 . LEU A 1 8   ? -4.535  8.747   -6.859  1.00 15.11 ? 8   LEU A CD1 1 
ATOM 58   C CD2 . LEU A 1 8   ? -6.085  6.928   -6.104  1.00 12.96 ? 8   LEU A CD2 1 
ATOM 59   N N   . ASN A 1 9   ? -10.360 8.042   -9.047  1.00 11.77 ? 9   ASN A N   1 
ATOM 60   C CA  . ASN A 1 9   ? -11.621 8.732   -9.290  1.00 12.70 ? 9   ASN A CA  1 
ATOM 61   C C   . ASN A 1 9   ? -12.828 7.898   -8.852  1.00 12.21 ? 9   ASN A C   1 
ATOM 62   O O   . ASN A 1 9   ? -13.970 8.254   -9.143  1.00 12.99 ? 9   ASN A O   1 
ATOM 63   C CB  . ASN A 1 9   ? -11.762 9.116   -10.770 1.00 15.75 ? 9   ASN A CB  1 
ATOM 64   C CG  . ASN A 1 9   ? -11.393 7.987   -11.706 1.00 17.94 ? 9   ASN A CG  1 
ATOM 65   O OD1 . ASN A 1 9   ? -11.617 6.820   -11.400 1.00 19.22 ? 9   ASN A OD1 1 
ATOM 66   N ND2 . ASN A 1 9   ? -10.836 8.333   -12.868 1.00 19.41 ? 9   ASN A ND2 1 
ATOM 67   N N   . ASN A 1 10  ? -12.575 6.802   -8.137  1.00 10.40 ? 10  ASN A N   1 
ATOM 68   C CA  . ASN A 1 10  ? -13.646 5.926   -7.657  1.00 11.04 ? 10  ASN A CA  1 
ATOM 69   C C   . ASN A 1 10  ? -13.847 6.048   -6.149  1.00 10.15 ? 10  ASN A C   1 
ATOM 70   O O   . ASN A 1 10  ? -12.878 6.129   -5.391  1.00 10.90 ? 10  ASN A O   1 
ATOM 71   C CB  . ASN A 1 10  ? -13.327 4.470   -7.989  1.00 11.30 ? 10  ASN A CB  1 
ATOM 72   C CG  . ASN A 1 10  ? -13.333 4.196   -9.472  1.00 12.55 ? 10  ASN A CG  1 
ATOM 73   O OD1 . ASN A 1 10  ? -14.390 4.133   -10.100 1.00 15.57 ? 10  ASN A OD1 1 
ATOM 74   N ND2 . ASN A 1 10  ? -12.153 4.042   -10.043 1.00 12.25 ? 10  ASN A ND2 1 
ATOM 75   N N   . ALA A 1 11  ? -15.106 6.064   -5.715  1.00 10.01 ? 11  ALA A N   1 
ATOM 76   C CA  . ALA A 1 11  ? -15.422 6.160   -4.292  1.00 9.47  ? 11  ALA A CA  1 
ATOM 77   C C   . ALA A 1 11  ? -14.803 4.957   -3.585  1.00 9.71  ? 11  ALA A C   1 
ATOM 78   O O   . ALA A 1 11  ? -14.224 5.081   -2.506  1.00 10.77 ? 11  ALA A O   1 
ATOM 79   C CB  . ALA A 1 11  ? -16.937 6.179   -4.084  1.00 11.76 ? 11  ALA A CB  1 
ATOM 80   N N   . PHE A 1 12  ? -14.939 3.786   -4.199  1.00 9.69  ? 12  PHE A N   1 
ATOM 81   C CA  . PHE A 1 12  ? -14.360 2.563   -3.658  1.00 10.45 ? 12  PHE A CA  1 
ATOM 82   C C   . PHE A 1 12  ? -14.331 1.499   -4.741  1.00 10.88 ? 12  PHE A C   1 
ATOM 83   O O   . PHE A 1 12  ? -15.373 1.031   -5.189  1.00 13.16 ? 12  PHE A O   1 
ATOM 84   C CB  . PHE A 1 12  ? -15.153 2.036   -2.459  1.00 10.52 ? 12  PHE A CB  1 
ATOM 85   C CG  . PHE A 1 12  ? -14.405 0.996   -1.665  1.00 11.15 ? 12  PHE A CG  1 
ATOM 86   C CD1 . PHE A 1 12  ? -13.349 1.362   -0.830  1.00 11.58 ? 12  PHE A CD1 1 
ATOM 87   C CD2 . PHE A 1 12  ? -14.726 -0.351  -1.780  1.00 11.88 ? 12  PHE A CD2 1 
ATOM 88   C CE1 . PHE A 1 12  ? -12.623 0.398   -0.123  1.00 11.94 ? 12  PHE A CE1 1 
ATOM 89   C CE2 . PHE A 1 12  ? -14.003 -1.323  -1.078  1.00 11.00 ? 12  PHE A CE2 1 
ATOM 90   C CZ  . PHE A 1 12  ? -12.949 -0.947  -0.249  1.00 12.05 ? 12  PHE A CZ  1 
ATOM 91   N N   . LYS A 1 13  ? -13.131 1.125   -5.163  1.00 9.42  ? 13  LYS A N   1 
ATOM 92   C CA  . LYS A 1 13  ? -12.974 0.116   -6.203  1.00 9.85  ? 13  LYS A CA  1 
ATOM 93   C C   . LYS A 1 13  ? -11.958 -0.935  -5.789  1.00 10.05 ? 13  LYS A C   1 
ATOM 94   O O   . LYS A 1 13  ? -10.783 -0.628  -5.598  1.00 9.03  ? 13  LYS A O   1 
ATOM 95   C CB  . LYS A 1 13  ? -12.521 0.767   -7.516  1.00 12.13 ? 13  LYS A CB  1 
ATOM 96   C CG  . LYS A 1 13  ? -12.422 -0.215  -8.679  1.00 12.47 ? 13  LYS A CG  1 
ATOM 97   C CD  . LYS A 1 13  ? -11.976 0.453   -9.972  1.00 16.95 ? 13  LYS A CD  1 
ATOM 98   C CE  . LYS A 1 13  ? -12.123 -0.498  -11.155 1.00 19.74 ? 13  LYS A CE  1 
ATOM 99   N NZ  . LYS A 1 13  ? -11.361 -1.759  -10.939 1.00 24.53 ? 13  LYS A NZ  1 
ATOM 100  N N   . VAL A 1 14  ? -12.425 -2.173  -5.649  1.00 9.77  ? 14  VAL A N   1 
ATOM 101  C CA  . VAL A 1 14  ? -11.560 -3.287  -5.284  1.00 9.76  ? 14  VAL A CA  1 
ATOM 102  C C   . VAL A 1 14  ? -10.709 -3.602  -6.510  1.00 10.98 ? 14  VAL A C   1 
ATOM 103  O O   . VAL A 1 14  ? -11.236 -3.778  -7.604  1.00 11.07 ? 14  VAL A O   1 
ATOM 104  C CB  . VAL A 1 14  ? -12.397 -4.521  -4.882  1.00 10.23 ? 14  VAL A CB  1 
ATOM 105  C CG1 . VAL A 1 14  ? -11.486 -5.713  -4.639  1.00 12.23 ? 14  VAL A CG1 1 
ATOM 106  C CG2 . VAL A 1 14  ? -13.202 -4.204  -3.632  1.00 11.58 ? 14  VAL A CG2 1 
ATOM 107  C CA  . LEU A 1 15  ? -8.458  -3.895  -7.422  1.00 11.74 ? 15  LEU A CA  1 
ATOM 108  C C   . LEU A 1 15  ? -8.143  -5.363  -7.676  1.00 12.87 ? 15  LEU A C   1 
ATOM 109  O O   . LEU A 1 15  ? -8.586  -5.927  -8.676  1.00 16.23 ? 15  LEU A O   1 
ATOM 110  C CB  . LEU A 1 15  ? -7.172  -3.101  -7.168  1.00 11.18 ? 15  LEU A CB  1 
ATOM 111  C CG  . LEU A 1 15  ? -7.421  -1.588  -7.104  1.00 12.49 ? 15  LEU A CG  1 
ATOM 112  C CD1 . LEU A 1 15  ? -6.173  -0.853  -6.609  1.00 12.46 ? 15  LEU A CD1 1 
ATOM 113  C CD2 . LEU A 1 15  ? -7.839  -1.103  -8.489  1.00 12.85 ? 15  LEU A CD2 1 
ATOM 114  N N   . PHE A 1 16  ? -7.352  -5.968  -6.800  1.00 11.21 ? 16  PHE A N   1 
ATOM 115  C CA  . PHE A 1 16  ? -7.007  -7.383  -6.905  1.00 11.36 ? 16  PHE A CA  1 
ATOM 116  C C   . PHE A 1 16  ? -6.402  -7.871  -5.596  1.00 10.78 ? 16  PHE A C   1 
ATOM 117  O O   . PHE A 1 16  ? -6.067  -7.065  -4.730  1.00 10.20 ? 16  PHE A O   1 
ATOM 118  C CB  . PHE A 1 16  ? -6.045  -7.651  -8.076  1.00 12.55 ? 16  PHE A CB  1 
ATOM 119  C CG  . PHE A 1 16  ? -4.879  -6.704  -8.156  1.00 12.08 ? 16  PHE A CG  1 
ATOM 120  C CD1 . PHE A 1 16  ? -4.911  -5.612  -9.017  1.00 14.32 ? 16  PHE A CD1 1 
ATOM 121  C CD2 . PHE A 1 16  ? -3.734  -6.923  -7.397  1.00 14.04 ? 16  PHE A CD2 1 
ATOM 122  C CE1 . PHE A 1 16  ? -3.814  -4.752  -9.124  1.00 14.93 ? 16  PHE A CE1 1 
ATOM 123  C CE2 . PHE A 1 16  ? -2.635  -6.073  -7.495  1.00 15.14 ? 16  PHE A CE2 1 
ATOM 124  C CZ  . PHE A 1 16  ? -2.673  -4.985  -8.361  1.00 14.13 ? 16  PHE A CZ  1 
ATOM 125  N N   . SER A 1 17  ? -6.288  -9.187  -5.450  1.00 10.64 ? 17  SER A N   1 
ATOM 126  C CA  . SER A 1 17  ? -5.735  -9.788  -4.233  1.00 9.06  ? 17  SER A CA  1 
ATOM 127  C C   . SER A 1 17  ? -4.560  -10.702 -4.542  1.00 9.64  ? 17  SER A C   1 
ATOM 128  O O   . SER A 1 17  ? -4.433  -11.215 -5.650  1.00 10.62 ? 17  SER A O   1 
ATOM 129  C CB  . SER A 1 17  ? -6.799  -10.621 -3.503  1.00 10.34 ? 17  SER A CB  1 
ATOM 130  O OG  . SER A 1 17  ? -7.848  -9.827  -2.989  1.00 11.67 ? 17  SER A OG  1 
ATOM 131  N N   . LEU A 1 18  ? -3.700  -10.898 -3.548  1.00 9.80  ? 18  LEU A N   1 
ATOM 132  C CA  . LEU A 1 18  ? -2.554  -11.786 -3.671  1.00 10.10 ? 18  LEU A CA  1 
ATOM 133  C C   . LEU A 1 18  ? -2.210  -12.304 -2.291  1.00 11.47 ? 18  LEU A C   1 
ATOM 134  O O   . LEU A 1 18  ? -1.940  -11.525 -1.382  1.00 10.88 ? 18  LEU A O   1 
ATOM 135  C CB  . LEU A 1 18  ? -1.327  -11.071 -4.244  1.00 11.40 ? 18  LEU A CB  1 
ATOM 136  C CG  . LEU A 1 18  ? -0.071  -11.957 -4.233  1.00 12.53 ? 18  LEU A CG  1 
ATOM 137  C CD1 . LEU A 1 18  ? -0.297  -13.173 -5.133  1.00 14.13 ? 18  LEU A CD1 1 
ATOM 138  C CD2 . LEU A 1 18  ? 1.145   -11.156 -4.681  1.00 12.74 ? 18  LEU A CD2 1 
ATOM 139  N N   . ARG A 1 19  ? -2.237  -13.622 -2.141  1.00 11.51 ? 19  ARG A N   1 
ATOM 140  C CA  . ARG A 1 19  ? -1.913  -14.276 -0.881  1.00 12.13 ? 19  ARG A CA  1 
ATOM 141  C C   . ARG A 1 19  ? -2.414  -13.564 0.374   1.00 11.66 ? 19  ARG A C   1 
ATOM 142  O O   . ARG A 1 19  ? -1.627  -13.174 1.239   1.00 12.26 ? 19  ARG A O   1 
ATOM 143  C CB  . ARG A 1 19  ? -0.403  -14.494 -0.788  1.00 12.16 ? 19  ARG A CB  1 
ATOM 144  C CG  . ARG A 1 19  ? 0.139   -15.505 -1.793  1.00 16.28 ? 19  ARG A CG  1 
ATOM 145  C CD  . ARG A 1 19  ? 1.654   -15.630 -1.687  1.00 18.43 ? 19  ARG A CD  1 
ATOM 146  N NE  . ARG A 1 19  ? 2.212   -16.595 -2.632  1.00 22.42 ? 19  ARG A NE  1 
ATOM 147  C CZ  . ARG A 1 19  ? 2.606   -17.824 -2.311  1.00 21.34 ? 19  ARG A CZ  1 
ATOM 148  N NH1 . ARG A 1 19  ? 3.106   -18.626 -3.245  1.00 23.12 ? 19  ARG A NH1 1 
ATOM 149  N NH2 . ARG A 1 19  ? 2.504   -18.254 -1.059  1.00 22.29 ? 19  ARG A NH2 1 
ATOM 150  N N   . GLN A 1 20  ? -3.730  -13.399 0.457   1.00 12.09 ? 20  GLN A N   1 
ATOM 151  C CA  . GLN A 1 20  ? -4.391  -12.793 1.604   1.00 11.28 ? 20  GLN A CA  1 
ATOM 152  C C   . GLN A 1 20  ? -4.247  -11.291 1.829   1.00 10.19 ? 20  GLN A C   1 
ATOM 153  O O   . GLN A 1 20  ? -4.516  -10.787 2.926   1.00 11.32 ? 20  GLN A O   1 
ATOM 154  C CB  . GLN A 1 20  ? -4.018  -13.557 2.877   1.00 13.39 ? 20  GLN A CB  1 
ATOM 155  C CG  . GLN A 1 20  ? -4.640  -14.957 2.939   1.00 18.81 ? 20  GLN A CG  1 
ATOM 156  C CD  . GLN A 1 20  ? -6.159  -14.928 2.771   1.00 20.29 ? 20  GLN A CD  1 
ATOM 157  O OE1 . GLN A 1 20  ? -6.676  -15.033 1.658   1.00 24.71 ? 20  GLN A OE1 1 
ATOM 158  N NE2 . GLN A 1 20  ? -6.874  -14.768 3.877   1.00 23.40 ? 20  GLN A NE2 1 
ATOM 159  N N   . VAL A 1 21  ? -3.820  -10.581 0.789   1.00 9.98  ? 21  VAL A N   1 
ATOM 160  C CA  . VAL A 1 21  ? -3.730  -9.124  0.857   1.00 8.37  ? 21  VAL A CA  1 
ATOM 161  C C   . VAL A 1 21  ? -4.549  -8.603  -0.326  1.00 7.99  ? 21  VAL A C   1 
ATOM 162  O O   . VAL A 1 21  ? -4.404  -9.082  -1.455  1.00 8.55  ? 21  VAL A O   1 
ATOM 163  C CB  . VAL A 1 21  ? -2.280  -8.605  0.763   1.00 7.89  ? 21  VAL A CB  1 
ATOM 164  C CG1 . VAL A 1 21  ? -2.282  -7.089  0.698   1.00 9.54  ? 21  VAL A CG1 1 
ATOM 165  C CG2 . VAL A 1 21  ? -1.486  -9.054  1.985   1.00 8.82  ? 21  VAL A CG2 1 
ATOM 166  N N   . GLN A 1 22  ? -5.414  -7.632  -0.053  1.00 7.62  ? 22  GLN A N   1 
ATOM 167  C CA  . GLN A 1 22  ? -6.297  -7.069  -1.073  1.00 8.42  ? 22  GLN A CA  1 
ATOM 168  C C   . GLN A 1 22  ? -6.134  -5.562  -1.189  1.00 7.70  ? 22  GLN A C   1 
ATOM 169  O O   . GLN A 1 22  ? -6.117  -4.853  -0.184  1.00 8.23  ? 22  GLN A O   1 
ATOM 170  C CB  . GLN A 1 22  ? -7.743  -7.415  -0.708  1.00 8.53  ? 22  GLN A CB  1 
ATOM 171  C CG  . GLN A 1 22  ? -8.819  -6.710  -1.514  1.00 8.78  ? 22  GLN A CG  1 
ATOM 172  C CD  . GLN A 1 22  ? -10.207 -7.199  -1.144  1.00 9.28  ? 22  GLN A CD  1 
ATOM 173  O OE1 . GLN A 1 22  ? -10.872 -7.881  -1.927  1.00 11.90 ? 22  GLN A OE1 1 
ATOM 174  N NE2 . GLN A 1 22  ? -10.644 -6.868  0.061   1.00 7.48  ? 22  GLN A NE2 1 
ATOM 175  N N   . ALA A 1 23  ? -6.023  -5.074  -2.418  1.00 7.87  ? 23  ALA A N   1 
ATOM 176  C CA  . ALA A 1 23  ? -5.860  -3.646  -2.654  1.00 8.32  ? 23  ALA A CA  1 
ATOM 177  C C   . ALA A 1 23  ? -7.154  -3.008  -3.150  1.00 8.55  ? 23  ALA A C   1 
ATOM 178  O O   . ALA A 1 23  ? -7.944  -3.632  -3.855  1.00 9.25  ? 23  ALA A O   1 
ATOM 179  C CB  . ALA A 1 23  ? -4.735  -3.415  -3.660  1.00 8.93  ? 23  ALA A CB  1 
ATOM 180  N N   . ALA A 1 24  ? -7.371  -1.756  -2.767  1.00 7.82  ? 24  ALA A N   1 
ATOM 181  C CA  . ALA A 1 24  ? -8.557  -1.039  -3.186  1.00 8.45  ? 24  ALA A CA  1 
ATOM 182  C C   . ALA A 1 24  ? -8.292  0.454   -3.267  1.00 8.89  ? 24  ALA A C   1 
ATOM 183  O O   . ALA A 1 24  ? -7.515  1.010   -2.493  1.00 9.60  ? 24  ALA A O   1 
ATOM 184  C CB  . ALA A 1 24  ? -9.701  -1.303  -2.222  1.00 8.37  ? 24  ALA A CB  1 
ATOM 185  N N   . GLU A 1 25  ? -8.942  1.098   -4.224  1.00 9.03  ? 25  GLU A N   1 
ATOM 186  C CA  . GLU A 1 25  ? -8.821  2.539   -4.391  1.00 8.54  ? 25  GLU A CA  1 
ATOM 187  C C   . GLU A 1 25  ? -10.012 3.146   -3.664  1.00 8.02  ? 25  GLU A C   1 
ATOM 188  O O   . GLU A 1 25  ? -11.118 2.608   -3.719  1.00 8.92  ? 25  GLU A O   1 
ATOM 189  C CB  . GLU A 1 25  ? -8.882  2.896   -5.876  1.00 9.89  ? 25  GLU A CB  1 
ATOM 190  C CG  . GLU A 1 25  ? -9.079  4.374   -6.162  1.00 12.00 ? 25  GLU A CG  1 
ATOM 191  C CD  . GLU A 1 25  ? -9.105  4.661   -7.648  1.00 10.84 ? 25  GLU A CD  1 
ATOM 192  O OE1 . GLU A 1 25  ? -8.098  4.374   -8.323  1.00 11.54 ? 25  GLU A OE1 1 
ATOM 193  O OE2 . GLU A 1 25  ? -10.135 5.172   -8.135  1.00 12.42 ? 25  GLU A OE2 1 
ATOM 194  N N   . MET A 1 26  ? -9.789  4.243   -2.953  1.00 8.87  ? 26  MET A N   1 
ATOM 195  C CA  . MET A 1 26  ? -10.878 4.893   -2.243  1.00 9.64  ? 26  MET A CA  1 
ATOM 196  C C   . MET A 1 26  ? -10.688 6.403   -2.296  1.00 9.80  ? 26  MET A C   1 
ATOM 197  O O   . MET A 1 26  ? -9.660  6.929   -1.874  1.00 9.87  ? 26  MET A O   1 
ATOM 198  C CB  . MET A 1 26  ? -10.952 4.411   -0.784  1.00 9.33  ? 26  MET A CB  1 
ATOM 199  C CG  . MET A 1 26  ? -12.116 5.013   0.023   1.00 10.32 ? 26  MET A CG  1 
ATOM 200  S SD  . MET A 1 26  ? -12.322 4.384   1.740   1.00 8.11  ? 26  MET A SD  1 
ATOM 201  C CE  . MET A 1 26  ? -10.825 4.907   2.437   1.00 10.30 ? 26  MET A CE  1 
ATOM 202  N N   . VAL A 1 27  ? -11.677 7.089   -2.851  1.00 9.53  ? 27  VAL A N   1 
ATOM 203  C CA  . VAL A 1 27  ? -11.631 8.541   -2.943  1.00 9.14  ? 27  VAL A CA  1 
ATOM 204  C C   . VAL A 1 27  ? -12.836 9.048   -2.177  1.00 9.26  ? 27  VAL A C   1 
ATOM 205  O O   . VAL A 1 27  ? -13.978 8.697   -2.490  1.00 10.49 ? 27  VAL A O   1 
ATOM 206  C CB  . VAL A 1 27  ? -11.699 9.025   -4.410  1.00 10.78 ? 27  VAL A CB  1 
ATOM 207  C CG1 . VAL A 1 27  ? -11.708 10.547  -4.458  1.00 11.89 ? 27  VAL A CG1 1 
ATOM 208  C CG2 . VAL A 1 27  ? -10.518 8.477   -5.185  1.00 10.66 ? 27  VAL A CG2 1 
ATOM 209  N N   . ILE A 1 28  ? -12.576 9.866   -1.161  1.00 9.61  ? 28  ILE A N   1 
ATOM 210  C CA  . ILE A 1 28  ? -13.629 10.413  -0.318  1.00 9.76  ? 28  ILE A CA  1 
ATOM 211  C C   . ILE A 1 28  ? -13.826 11.895  -0.595  1.00 10.74 ? 28  ILE A C   1 
ATOM 212  O O   . ILE A 1 28  ? -12.905 12.696  -0.441  1.00 11.38 ? 28  ILE A O   1 
ATOM 213  C CB  . ILE A 1 28  ? -13.286 10.223  1.168   1.00 11.34 ? 28  ILE A CB  1 
ATOM 214  C CG1 . ILE A 1 28  ? -12.919 8.758   1.433   1.00 12.38 ? 28  ILE A CG1 1 
ATOM 215  C CG2 . ILE A 1 28  ? -14.480 10.609  2.030   1.00 10.78 ? 28  ILE A CG2 1 
ATOM 216  C CD1 . ILE A 1 28  ? -12.451 8.498   2.864   1.00 14.23 ? 28  ILE A CD1 1 
ATOM 217  N N   . ALA A 1 29  ? -15.035 12.251  -1.004  1.00 10.57 ? 29  ALA A N   1 
ATOM 218  C CA  . ALA A 1 29  ? -15.353 13.636  -1.318  1.00 12.09 ? 29  ALA A CA  1 
ATOM 219  C C   . ALA A 1 29  ? -15.367 14.485  -0.050  1.00 12.51 ? 29  ALA A C   1 
ATOM 220  O O   . ALA A 1 29  ? -15.521 13.961  1.045   1.00 11.60 ? 29  ALA A O   1 
ATOM 221  C CB  . ALA A 1 29  ? -16.708 13.700  -2.014  1.00 12.96 ? 29  ALA A CB  1 
ATOM 222  N N   . PRO A 1 30  ? -15.202 15.811  -0.192  1.00 12.25 ? 30  PRO A N   1 
ATOM 223  C CA  . PRO A 1 30  ? -15.206 16.704  0.968   1.00 13.35 ? 30  PRO A CA  1 
ATOM 224  C C   . PRO A 1 30  ? -16.442 16.515  1.841   1.00 15.54 ? 30  PRO A C   1 
ATOM 225  O O   . PRO A 1 30  ? -17.565 16.478  1.340   1.00 15.59 ? 30  PRO A O   1 
ATOM 226  C CB  . PRO A 1 30  ? -15.163 18.091  0.329   1.00 14.03 ? 30  PRO A CB  1 
ATOM 227  C CG  . PRO A 1 30  ? -14.357 17.861  -0.908  1.00 14.02 ? 30  PRO A CG  1 
ATOM 228  C CD  . PRO A 1 30  ? -14.933 16.567  -1.431  1.00 13.41 ? 30  PRO A CD  1 
ATOM 229  N N   . GLY A 1 31  ? -16.232 16.379  3.147   1.00 16.22 ? 31  GLY A N   1 
ATOM 230  C CA  . GLY A 1 31  ? -17.348 16.223  4.065   1.00 16.67 ? 31  GLY A CA  1 
ATOM 231  C C   . GLY A 1 31  ? -17.909 14.824  4.200   1.00 17.36 ? 31  GLY A C   1 
ATOM 232  O O   . GLY A 1 31  ? -18.765 14.570  5.048   1.00 19.62 ? 31  GLY A O   1 
ATOM 233  N N   . ASP A 1 32  ? -17.429 13.906  3.370   1.00 16.26 ? 32  ASP A N   1 
ATOM 234  C CA  . ASP A 1 32  ? -17.910 12.536  3.424   1.00 16.99 ? 32  ASP A CA  1 
ATOM 235  C C   . ASP A 1 32  ? -17.032 11.666  4.311   1.00 15.68 ? 32  ASP A C   1 
ATOM 236  O O   . ASP A 1 32  ? -15.957 12.089  4.752   1.00 15.75 ? 32  ASP A O   1 
ATOM 237  C CB  . ASP A 1 32  ? -17.989 11.956  2.011   1.00 18.27 ? 32  ASP A CB  1 
ATOM 238  C CG  . ASP A 1 32  ? -19.129 12.561  1.200   1.00 22.05 ? 32  ASP A CG  1 
ATOM 239  O OD1 . ASP A 1 32  ? -19.177 12.344  -0.031  1.00 23.68 ? 32  ASP A OD1 1 
ATOM 240  O OD2 . ASP A 1 32  ? -19.982 13.256  1.801   1.00 23.92 ? 32  ASP A OD2 1 
ATOM 241  N N   . ARG A 1 33  ? -17.512 10.456  4.576   1.00 15.33 ? 33  ARG A N   1 
ATOM 242  C CA  . ARG A 1 33  ? -16.800 9.497   5.404   1.00 16.69 ? 33  ARG A CA  1 
ATOM 243  C C   . ARG A 1 33  ? -17.046 8.074   4.902   1.00 16.75 ? 33  ARG A C   1 
ATOM 244  O O   . ARG A 1 33  ? -18.042 7.801   4.226   1.00 18.39 ? 33  ARG A O   1 
ATOM 245  C CB  . ARG A 1 33  ? -17.258 9.630   6.860   1.00 18.48 ? 33  ARG A CB  1 
ATOM 246  C CG  . ARG A 1 33  ? -18.744 9.942   7.005   1.00 21.25 ? 33  ARG A CG  1 
ATOM 247  C CD  . ARG A 1 33  ? -19.093 10.434  8.400   1.00 22.47 ? 33  ARG A CD  1 
ATOM 248  N NE  . ARG A 1 33  ? -20.393 11.104  8.436   1.00 25.49 ? 33  ARG A NE  1 
ATOM 249  C CZ  . ARG A 1 33  ? -20.961 11.582  9.538   1.00 25.61 ? 33  ARG A CZ  1 
ATOM 250  N NH1 . ARG A 1 33  ? -20.343 11.464  10.707  1.00 26.88 ? 33  ARG A NH1 1 
ATOM 251  N NH2 . ARG A 1 33  ? -22.139 12.193  9.475   1.00 27.10 ? 33  ARG A NH2 1 
ATOM 252  N N   . GLU A 1 34  ? -16.119 7.180   5.231   1.00 16.89 ? 34  GLU A N   1 
ATOM 253  C CA  . GLU A 1 34  ? -16.200 5.778   4.836   1.00 17.17 ? 34  GLU A CA  1 
ATOM 254  C C   . GLU A 1 34  ? -15.831 4.906   6.027   1.00 17.57 ? 34  GLU A C   1 
ATOM 255  O O   . GLU A 1 34  ? -14.759 5.066   6.604   1.00 17.51 ? 34  GLU A O   1 
ATOM 256  C CB  . GLU A 1 34  ? -15.225 5.503   3.694   1.00 19.02 ? 34  GLU A CB  1 
ATOM 257  C CG  . GLU A 1 34  ? -15.622 6.108   2.356   1.00 22.16 ? 34  GLU A CG  1 
ATOM 258  C CD  . GLU A 1 34  ? -16.774 5.361   1.711   1.00 24.91 ? 34  GLU A CD  1 
ATOM 259  O OE1 . GLU A 1 34  ? -17.881 5.391   2.286   1.00 25.62 ? 34  GLU A OE1 1 
ATOM 260  O OE2 . GLU A 1 34  ? -16.566 4.737   0.636   1.00 27.03 ? 34  GLU A OE2 1 
ATOM 261  N N   . GLY A 1 35  ? -16.716 3.980   6.382   1.00 16.95 ? 35  GLY A N   1 
ATOM 262  C CA  . GLY A 1 35  ? -16.456 3.101   7.508   1.00 18.94 ? 35  GLY A CA  1 
ATOM 263  C C   . GLY A 1 35  ? -15.772 1.829   7.057   1.00 20.38 ? 35  GLY A C   1 
ATOM 264  O O   . GLY A 1 35  ? -16.354 1.049   6.290   1.00 21.22 ? 35  GLY A O   1 
ATOM 265  N N   . GLY A 1 36  ? -14.539 1.623   7.522   1.00 19.38 ? 36  GLY A N   1 
ATOM 266  C CA  . GLY A 1 36  ? -13.777 0.440   7.149   1.00 18.57 ? 36  GLY A CA  1 
ATOM 267  C C   . GLY A 1 36  ? -14.217 -0.812  7.881   1.00 17.06 ? 36  GLY A C   1 
ATOM 268  O O   . GLY A 1 36  ? -15.195 -0.780  8.629   1.00 19.63 ? 36  GLY A O   1 
ATOM 269  N N   . PRO A 1 37  ? -13.505 -1.938  7.696   1.00 16.40 ? 37  PRO A N   1 
ATOM 270  C CA  . PRO A 1 37  ? -13.885 -3.182  8.373   1.00 16.98 ? 37  PRO A CA  1 
ATOM 271  C C   . PRO A 1 37  ? -13.898 -3.108  9.902   1.00 18.62 ? 37  PRO A C   1 
ATOM 272  O O   . PRO A 1 37  ? -12.981 -2.570  10.523  1.00 20.07 ? 37  PRO A O   1 
ATOM 273  C CB  . PRO A 1 37  ? -12.863 -4.190  7.849   1.00 16.37 ? 37  PRO A CB  1 
ATOM 274  C CG  . PRO A 1 37  ? -11.677 -3.344  7.522   1.00 18.15 ? 37  PRO A CG  1 
ATOM 275  C CD  . PRO A 1 37  ? -12.296 -2.136  6.879   1.00 15.81 ? 37  PRO A CD  1 
ATOM 276  N N   . ASP A 1 38  ? -14.951 -3.657  10.495  1.00 20.45 ? 38  ASP A N   1 
ATOM 277  C CA  . ASP A 1 38  ? -15.116 -3.691  11.943  1.00 21.03 ? 38  ASP A CA  1 
ATOM 278  C C   . ASP A 1 38  ? -15.208 -5.156  12.373  1.00 21.25 ? 38  ASP A C   1 
ATOM 279  O O   . ASP A 1 38  ? -14.479 -6.004  11.855  1.00 21.03 ? 38  ASP A O   1 
ATOM 280  C CB  . ASP A 1 38  ? -16.383 -2.918  12.330  1.00 22.87 ? 38  ASP A CB  1 
ATOM 281  C CG  . ASP A 1 38  ? -17.602 -3.349  11.527  1.00 24.26 ? 38  ASP A CG  1 
ATOM 282  O OD1 . ASP A 1 38  ? -18.585 -2.574  11.465  1.00 25.75 ? 38  ASP A OD1 1 
ATOM 283  O OD2 . ASP A 1 38  ? -17.586 -4.462  10.966  1.00 23.78 ? 38  ASP A OD2 1 
ATOM 284  N N   . ASN A 1 39  ? -16.094 -5.461  13.313  1.00 21.18 ? 39  ASN A N   1 
ATOM 285  C CA  . ASN A 1 39  ? -16.257 -6.840  13.759  1.00 21.93 ? 39  ASN A CA  1 
ATOM 286  C C   . ASN A 1 39  ? -17.597 -7.430  13.293  1.00 20.98 ? 39  ASN A C   1 
ATOM 287  O O   . ASN A 1 39  ? -17.952 -8.547  13.658  1.00 22.26 ? 39  ASN A O   1 
ATOM 288  C CB  . ASN A 1 39  ? -16.120 -6.934  15.291  1.00 24.23 ? 39  ASN A CB  1 
ATOM 289  C CG  . ASN A 1 39  ? -16.666 -5.714  16.010  1.00 25.43 ? 39  ASN A CG  1 
ATOM 290  O OD1 . ASN A 1 39  ? -15.951 -4.723  16.219  1.00 27.58 ? 39  ASN A OD1 1 
ATOM 291  N ND2 . ASN A 1 39  ? -17.936 -5.773  16.393  1.00 27.42 ? 39  ASN A ND2 1 
ATOM 292  N N   . ARG A 1 40  ? -18.334 -6.684  12.476  1.00 19.71 ? 40  ARG A N   1 
ATOM 293  C CA  . ARG A 1 40  ? -19.626 -7.158  11.968  1.00 19.32 ? 40  ARG A CA  1 
ATOM 294  C C   . ARG A 1 40  ? -19.466 -8.114  10.786  1.00 17.50 ? 40  ARG A C   1 
ATOM 295  O O   . ARG A 1 40  ? -20.220 -9.081  10.645  1.00 17.29 ? 40  ARG A O   1 
ATOM 296  C CB  . ARG A 1 40  ? -20.502 -5.988  11.522  1.00 20.74 ? 40  ARG A CB  1 
ATOM 297  C CG  . ARG A 1 40  ? -20.933 -5.038  12.623  1.00 23.04 ? 40  ARG A CG  1 
ATOM 298  C CD  . ARG A 1 40  ? -21.931 -4.029  12.084  1.00 24.33 ? 40  ARG A CD  1 
ATOM 299  N NE  . ARG A 1 40  ? -21.350 -3.176  11.049  1.00 26.51 ? 40  ARG A NE  1 
ATOM 300  C CZ  . ARG A 1 40  ? -22.058 -2.372  10.259  1.00 27.37 ? 40  ARG A CZ  1 
ATOM 301  N NH1 . ARG A 1 40  ? -23.381 -2.313  10.381  1.00 28.22 ? 40  ARG A NH1 1 
ATOM 302  N NH2 . ARG A 1 40  ? -21.443 -1.627  9.349   1.00 27.51 ? 40  ARG A NH2 1 
ATOM 303  N N   . HIS A 1 41  ? -18.508 -7.816  9.918   1.00 15.90 ? 41  HIS A N   1 
ATOM 304  C CA  . HIS A 1 41  ? -18.238 -8.660  8.765   1.00 15.39 ? 41  HIS A CA  1 
ATOM 305  C C   . HIS A 1 41  ? -16.845 -9.237  8.962   1.00 14.05 ? 41  HIS A C   1 
ATOM 306  O O   . HIS A 1 41  ? -16.350 -9.271  10.089  1.00 14.77 ? 41  HIS A O   1 
ATOM 307  C CB  . HIS A 1 41  ? -18.329 -7.843  7.470   1.00 16.87 ? 41  HIS A CB  1 
ATOM 308  C CG  . HIS A 1 41  ? -19.692 -7.275  7.216   1.00 19.45 ? 41  HIS A CG  1 
ATOM 309  N ND1 . HIS A 1 41  ? -20.078 -6.033  7.669   1.00 22.44 ? 41  HIS A ND1 1 
ATOM 310  C CD2 . HIS A 1 41  ? -20.774 -7.803  6.597   1.00 22.25 ? 41  HIS A CD2 1 
ATOM 311  C CE1 . HIS A 1 41  ? -21.339 -5.820  7.342   1.00 23.17 ? 41  HIS A CE1 1 
ATOM 312  N NE2 . HIS A 1 41  ? -21.787 -6.880  6.690   1.00 21.69 ? 41  HIS A NE2 1 
ATOM 313  N N   . ARG A 1 42  ? -16.206 -9.695  7.891   1.00 13.79 ? 42  ARG A N   1 
ATOM 314  C CA  . ARG A 1 42  ? -14.880 -10.268 8.041   1.00 14.11 ? 42  ARG A CA  1 
ATOM 315  C C   . ARG A 1 42  ? -13.881 -9.267  8.613   1.00 13.04 ? 42  ARG A C   1 
ATOM 316  O O   . ARG A 1 42  ? -13.736 -8.153  8.110   1.00 13.21 ? 42  ARG A O   1 
ATOM 317  C CB  . ARG A 1 42  ? -14.350 -10.798 6.713   1.00 14.98 ? 42  ARG A CB  1 
ATOM 318  C CG  . ARG A 1 42  ? -13.171 -11.723 6.921   1.00 17.50 ? 42  ARG A CG  1 
ATOM 319  C CD  . ARG A 1 42  ? -12.524 -12.125 5.625   1.00 19.70 ? 42  ARG A CD  1 
ATOM 320  N NE  . ARG A 1 42  ? -11.558 -13.199 5.822   1.00 19.37 ? 42  ARG A NE  1 
ATOM 321  C CZ  . ARG A 1 42  ? -10.746 -13.647 4.872   1.00 18.72 ? 42  ARG A CZ  1 
ATOM 322  N NH1 . ARG A 1 42  ? -10.782 -13.106 3.660   1.00 15.76 ? 42  ARG A NH1 1 
ATOM 323  N NH2 . ARG A 1 42  ? -9.905  -14.640 5.130   1.00 20.47 ? 42  ARG A NH2 1 
ATOM 324  N N   . GLY A 1 43  ? -13.184 -9.678  9.667   1.00 13.17 ? 43  GLY A N   1 
ATOM 325  C CA  . GLY A 1 43  ? -12.209 -8.799  10.288  1.00 12.17 ? 43  GLY A CA  1 
ATOM 326  C C   . GLY A 1 43  ? -10.981 -8.656  9.415   1.00 10.87 ? 43  GLY A C   1 
ATOM 327  O O   . GLY A 1 43  ? -10.573 -9.611  8.769   1.00 12.48 ? 43  GLY A O   1 
ATOM 328  N N   . ALA A 1 44  ? -10.388 -7.467  9.381   1.00 10.61 ? 44  ALA A N   1 
ATOM 329  C CA  . ALA A 1 44  ? -9.205  -7.256  8.561   1.00 10.02 ? 44  ALA A CA  1 
ATOM 330  C C   . ALA A 1 44  ? -8.430  -5.997  8.929   1.00 9.48  ? 44  ALA A C   1 
ATOM 331  O O   . ALA A 1 44  ? -9.010  -4.992  9.335   1.00 10.75 ? 44  ALA A O   1 
ATOM 332  C CB  . ALA A 1 44  ? -9.599  -7.204  7.086   1.00 11.34 ? 44  ALA A CB  1 
ATOM 333  N N   . ASP A 1 45  ? -7.113  -6.067  8.794   1.00 9.07  ? 45  ASP A N   1 
ATOM 334  C CA  . ASP A 1 45  ? -6.276  -4.912  9.070   1.00 8.99  ? 45  ASP A CA  1 
ATOM 335  C C   . ASP A 1 45  ? -6.446  -4.010  7.852   1.00 9.10  ? 45  ASP A C   1 
ATOM 336  O O   . ASP A 1 45  ? -6.628  -4.500  6.735   1.00 9.25  ? 45  ASP A O   1 
ATOM 337  C CB  . ASP A 1 45  ? -4.801  -5.315  9.158   1.00 8.45  ? 45  ASP A CB  1 
ATOM 338  C CG  . ASP A 1 45  ? -4.535  -6.392  10.191  1.00 7.54  ? 45  ASP A CG  1 
ATOM 339  O OD1 . ASP A 1 45  ? -3.583  -7.165  9.974   1.00 9.22  ? 45  ASP A OD1 1 
ATOM 340  O OD2 . ASP A 1 45  ? -5.252  -6.454  11.210  1.00 10.55 ? 45  ASP A OD2 1 
ATOM 341  N N   . GLN A 1 46  ? -6.406  -2.702  8.058   1.00 8.91  ? 46  GLN A N   1 
ATOM 342  C CA  . GLN A 1 46  ? -6.510  -1.777  6.937   1.00 8.97  ? 46  GLN A CA  1 
ATOM 343  C C   . GLN A 1 46  ? -5.302  -0.852  6.907   1.00 8.19  ? 46  GLN A C   1 
ATOM 344  O O   . GLN A 1 46  ? -5.010  -0.157  7.886   1.00 8.78  ? 46  GLN A O   1 
ATOM 345  C CB  . GLN A 1 46  ? -7.791  -0.937  7.007   1.00 8.92  ? 46  GLN A CB  1 
ATOM 346  C CG  . GLN A 1 46  ? -7.857  0.140   5.909   1.00 8.90  ? 46  GLN A CG  1 
ATOM 347  C CD  . GLN A 1 46  ? -9.164  0.922   5.883   1.00 9.38  ? 46  GLN A CD  1 
ATOM 348  O OE1 . GLN A 1 46  ? -9.970  0.844   6.799   1.00 12.37 ? 46  GLN A OE1 1 
ATOM 349  N NE2 . GLN A 1 46  ? -9.362  1.696   4.825   1.00 10.78 ? 46  GLN A NE2 1 
ATOM 350  N N   . TRP A 1 47  ? -4.584  -0.876  5.790   1.00 7.83  ? 47  TRP A N   1 
ATOM 351  C CA  . TRP A 1 47  ? -3.430  -0.014  5.580   1.00 8.54  ? 47  TRP A CA  1 
ATOM 352  C C   . TRP A 1 47  ? -3.916  1.043   4.596   1.00 8.65  ? 47  TRP A C   1 
ATOM 353  O O   . TRP A 1 47  ? -4.407  0.714   3.516   1.00 8.91  ? 47  TRP A O   1 
ATOM 354  C CB  . TRP A 1 47  ? -2.261  -0.778  4.954   1.00 8.75  ? 47  TRP A CB  1 
ATOM 355  C CG  . TRP A 1 47  ? -1.651  -1.841  5.811   1.00 7.46  ? 47  TRP A CG  1 
ATOM 356  C CD1 . TRP A 1 47  ? -2.175  -3.066  6.110   1.00 8.33  ? 47  TRP A CD1 1 
ATOM 357  C CD2 . TRP A 1 47  ? -0.373  -1.782  6.454   1.00 7.48  ? 47  TRP A CD2 1 
ATOM 358  N NE1 . TRP A 1 47  ? -1.295  -3.780  6.895   1.00 8.10  ? 47  TRP A NE1 1 
ATOM 359  C CE2 . TRP A 1 47  ? -0.182  -3.012  7.122   1.00 8.12  ? 47  TRP A CE2 1 
ATOM 360  C CE3 . TRP A 1 47  ? 0.633   -0.807  6.526   1.00 8.61  ? 47  TRP A CE3 1 
ATOM 361  C CZ2 . TRP A 1 47  ? 0.975   -3.296  7.856   1.00 8.81  ? 47  TRP A CZ2 1 
ATOM 362  C CZ3 . TRP A 1 47  ? 1.785   -1.091  7.255   1.00 9.97  ? 47  TRP A CZ3 1 
ATOM 363  C CH2 . TRP A 1 47  ? 1.945   -2.326  7.910   1.00 10.16 ? 47  TRP A CH2 1 
ATOM 364  N N   . LEU A 1 48  ? -3.785  2.309   4.956   1.00 8.26  ? 48  LEU A N   1 
ATOM 365  C CA  . LEU A 1 48  ? -4.243  3.372   4.077   1.00 8.43  ? 48  LEU A CA  1 
ATOM 366  C C   . LEU A 1 48  ? -3.146  4.389   3.818   1.00 8.92  ? 48  LEU A C   1 
ATOM 367  O O   . LEU A 1 48  ? -2.548  4.917   4.752   1.00 8.89  ? 48  LEU A O   1 
ATOM 368  C CB  . LEU A 1 48  ? -5.472  4.053   4.692   1.00 8.78  ? 48  LEU A CB  1 
ATOM 369  C CG  . LEU A 1 48  ? -6.146  5.184   3.904   1.00 10.11 ? 48  LEU A CG  1 
ATOM 370  C CD1 . LEU A 1 48  ? -7.586  5.298   4.350   1.00 10.64 ? 48  LEU A CD1 1 
ATOM 371  C CD2 . LEU A 1 48  ? -5.401  6.515   4.104   1.00 9.62  ? 48  LEU A CD2 1 
ATOM 372  N N   . PHE A 1 49  ? -2.880  4.648   2.542   1.00 7.84  ? 49  PHE A N   1 
ATOM 373  C CA  . PHE A 1 49  ? -1.875  5.623   2.145   1.00 8.80  ? 49  PHE A CA  1 
ATOM 374  C C   . PHE A 1 49  ? -2.588  6.767   1.438   1.00 8.66  ? 49  PHE A C   1 
ATOM 375  O O   . PHE A 1 49  ? -3.381  6.546   0.523   1.00 8.91  ? 49  PHE A O   1 
ATOM 376  C CB  . PHE A 1 49  ? -0.854  4.998   1.190   1.00 8.19  ? 49  PHE A CB  1 
ATOM 377  C CG  . PHE A 1 49  ? 0.110   5.994   0.611   1.00 9.00  ? 49  PHE A CG  1 
ATOM 378  C CD1 . PHE A 1 49  ? 1.098   6.566   1.401   1.00 9.84  ? 49  PHE A CD1 1 
ATOM 379  C CD2 . PHE A 1 49  ? 0.005   6.389   -0.716  1.00 9.26  ? 49  PHE A CD2 1 
ATOM 380  C CE1 . PHE A 1 49  ? 1.963   7.518   0.880   1.00 11.30 ? 49  PHE A CE1 1 
ATOM 381  C CE2 . PHE A 1 49  ? 0.869   7.343   -1.248  1.00 9.96  ? 49  PHE A CE2 1 
ATOM 382  C CZ  . PHE A 1 49  ? 1.848   7.908   -0.449  1.00 10.68 ? 49  PHE A CZ  1 
ATOM 383  N N   . VAL A 1 50  ? -2.304  7.993   1.857   1.00 8.89  ? 50  VAL A N   1 
ATOM 384  C CA  . VAL A 1 50  ? -2.937  9.157   1.254   1.00 8.32  ? 50  VAL A CA  1 
ATOM 385  C C   . VAL A 1 50  ? -2.121  9.725   0.097   1.00 8.41  ? 50  VAL A C   1 
ATOM 386  O O   . VAL A 1 50  ? -0.968  10.144  0.269   1.00 9.37  ? 50  VAL A O   1 
ATOM 387  C CB  . VAL A 1 50  ? -3.157  10.276  2.294   1.00 9.35  ? 50  VAL A CB  1 
ATOM 388  C CG1 . VAL A 1 50  ? -3.926  11.434  1.660   1.00 9.81  ? 50  VAL A CG1 1 
ATOM 389  C CG2 . VAL A 1 50  ? -3.909  9.728   3.498   1.00 9.90  ? 50  VAL A CG2 1 
ATOM 390  N N   . VAL A 1 51  ? -2.732  9.737   -1.083  1.00 9.16  ? 51  VAL A N   1 
ATOM 391  C CA  . VAL A 1 51  ? -2.079  10.277  -2.265  1.00 11.18 ? 51  VAL A CA  1 
ATOM 392  C C   . VAL A 1 51  ? -2.310  11.790  -2.354  1.00 11.03 ? 51  VAL A C   1 
ATOM 393  O O   . VAL A 1 51  ? -1.385  12.546  -2.652  1.00 13.31 ? 51  VAL A O   1 
ATOM 394  C CB  . VAL A 1 51  ? -2.615  9.616   -3.547  1.00 11.98 ? 51  VAL A CB  1 
ATOM 395  C CG1 . VAL A 1 51  ? -1.845  10.124  -4.753  1.00 13.25 ? 51  VAL A CG1 1 
ATOM 396  C CG2 . VAL A 1 51  ? -2.501  8.109   -3.435  1.00 11.11 ? 51  VAL A CG2 1 
ATOM 397  N N   . ASP A 1 52  ? -3.545  12.221  -2.094  1.00 10.82 ? 52  ASP A N   1 
ATOM 398  C CA  . ASP A 1 52  ? -3.909  13.640  -2.134  1.00 12.49 ? 52  ASP A CA  1 
ATOM 399  C C   . ASP A 1 52  ? -4.999  13.932  -1.121  1.00 11.38 ? 52  ASP A C   1 
ATOM 400  O O   . ASP A 1 52  ? -5.785  13.057  -0.769  1.00 11.25 ? 52  ASP A O   1 
ATOM 401  C CB  . ASP A 1 52  ? -4.486  14.077  -3.495  1.00 16.27 ? 52  ASP A CB  1 
ATOM 402  C CG  . ASP A 1 52  ? -3.746  13.510  -4.681  1.00 21.02 ? 52  ASP A CG  1 
ATOM 403  O OD1 . ASP A 1 52  ? -4.163  12.440  -5.178  1.00 23.76 ? 52  ASP A OD1 1 
ATOM 404  O OD2 . ASP A 1 52  ? -2.761  14.137  -5.126  1.00 25.22 ? 52  ASP A OD2 1 
ATOM 405  N N   . GLY A 1 53  ? -5.065  15.184  -0.684  1.00 11.78 ? 53  GLY A N   1 
ATOM 406  C CA  . GLY A 1 53  ? -6.096  15.580  0.252   1.00 10.35 ? 53  GLY A CA  1 
ATOM 407  C C   . GLY A 1 53  ? -5.722  15.512  1.713   1.00 11.21 ? 53  GLY A C   1 
ATOM 408  O O   . GLY A 1 53  ? -4.613  15.110  2.072   1.00 13.03 ? 53  GLY A O   1 
ATOM 409  N N   . ALA A 1 54  ? -6.666  15.911  2.552   1.00 11.52 ? 54  ALA A N   1 
ATOM 410  C CA  . ALA A 1 54  ? -6.468  15.918  3.990   1.00 13.06 ? 54  ALA A CA  1 
ATOM 411  C C   . ALA A 1 54  ? -7.709  15.389  4.676   1.00 13.25 ? 54  ALA A C   1 
ATOM 412  O O   . ALA A 1 54  ? -8.824  15.495  4.158   1.00 14.65 ? 54  ALA A O   1 
ATOM 413  C CB  . ALA A 1 54  ? -6.166  17.331  4.473   1.00 14.82 ? 54  ALA A CB  1 
ATOM 414  N N   . GLY A 1 55  ? -7.516  14.800  5.846   1.00 12.55 ? 55  GLY A N   1 
ATOM 415  C CA  . GLY A 1 55  ? -8.640  14.269  6.586   1.00 12.93 ? 55  GLY A CA  1 
ATOM 416  C C   . GLY A 1 55  ? -8.162  13.672  7.885   1.00 12.83 ? 55  GLY A C   1 
ATOM 417  O O   . GLY A 1 55  ? -7.160  14.106  8.448   1.00 12.97 ? 55  GLY A O   1 
ATOM 418  N N   . GLU A 1 56  ? -8.883  12.672  8.367   1.00 11.83 ? 56  GLU A N   1 
ATOM 419  C CA  . GLU A 1 56  ? -8.500  12.025  9.604   1.00 13.22 ? 56  GLU A CA  1 
ATOM 420  C C   . GLU A 1 56  ? -9.089  10.633  9.713   1.00 13.13 ? 56  GLU A C   1 
ATOM 421  O O   . GLU A 1 56  ? -10.107 10.308  9.090   1.00 12.46 ? 56  GLU A O   1 
ATOM 422  C CB  . GLU A 1 56  ? -8.941  12.869  10.809  1.00 16.77 ? 56  GLU A CB  1 
ATOM 423  C CG  . GLU A 1 56  ? -10.438 13.095  10.931  1.00 20.40 ? 56  GLU A CG  1 
ATOM 424  C CD  . GLU A 1 56  ? -10.799 13.945  12.147  1.00 23.97 ? 56  GLU A CD  1 
ATOM 425  O OE1 . GLU A 1 56  ? -10.192 15.020  12.327  1.00 26.17 ? 56  GLU A OE1 1 
ATOM 426  O OE2 . GLU A 1 56  ? -11.689 13.547  12.921  1.00 26.74 ? 56  GLU A OE2 1 
ATOM 427  N N   . ALA A 1 57  ? -8.409  9.798   10.484  1.00 11.38 ? 57  ALA A N   1 
ATOM 428  C CA  . ALA A 1 57  ? -8.861  8.445   10.735  1.00 12.37 ? 57  ALA A CA  1 
ATOM 429  C C   . ALA A 1 57  ? -9.421  8.490   12.146  1.00 13.37 ? 57  ALA A C   1 
ATOM 430  O O   . ALA A 1 57  ? -8.792  9.049   13.050  1.00 14.48 ? 57  ALA A O   1 
ATOM 431  C CB  . ALA A 1 57  ? -7.694  7.467   10.659  1.00 11.85 ? 57  ALA A CB  1 
ATOM 432  N N   . ILE A 1 58  ? -10.618 7.952   12.322  1.00 13.23 ? 58  ILE A N   1 
ATOM 433  C CA  . ILE A 1 58  ? -11.249 7.910   13.630  1.00 14.98 ? 58  ILE A CA  1 
ATOM 434  C C   . ILE A 1 58  ? -11.254 6.445   14.016  1.00 15.20 ? 58  ILE A C   1 
ATOM 435  O O   . ILE A 1 58  ? -11.949 5.643   13.406  1.00 16.04 ? 58  ILE A O   1 
ATOM 436  C CB  . ILE A 1 58  ? -12.708 8.416   13.588  1.00 15.53 ? 58  ILE A CB  1 
ATOM 437  C CG1 . ILE A 1 58  ? -12.757 9.849   13.045  1.00 17.28 ? 58  ILE A CG1 1 
ATOM 438  C CG2 . ILE A 1 58  ? -13.327 8.345   14.983  1.00 14.39 ? 58  ILE A CG2 1 
ATOM 439  C CD1 . ILE A 1 58  ? -12.490 9.967   11.559  1.00 22.34 ? 58  ILE A CD1 1 
ATOM 440  N N   . VAL A 1 59  ? -10.459 6.081   15.010  1.00 16.27 ? 59  VAL A N   1 
ATOM 441  C CA  . VAL A 1 59  ? -10.430 4.687   15.418  1.00 18.10 ? 59  VAL A CA  1 
ATOM 442  C C   . VAL A 1 59  ? -10.796 4.605   16.884  1.00 19.77 ? 59  VAL A C   1 
ATOM 443  O O   . VAL A 1 59  ? -10.084 5.111   17.743  1.00 18.86 ? 59  VAL A O   1 
ATOM 444  C CB  . VAL A 1 59  ? -9.042  4.036   15.145  1.00 17.60 ? 59  VAL A CB  1 
ATOM 445  C CG1 . VAL A 1 59  ? -7.943  4.833   15.804  1.00 20.62 ? 59  VAL A CG1 1 
ATOM 446  C CG2 . VAL A 1 59  ? -9.039  2.604   15.632  1.00 16.92 ? 59  VAL A CG2 1 
ATOM 447  N N   . ASP A 1 60  ? -11.946 3.999   17.154  1.00 20.89 ? 60  ASP A N   1 
ATOM 448  C CA  . ASP A 1 60  ? -12.429 3.864   18.514  1.00 22.80 ? 60  ASP A CA  1 
ATOM 449  C C   . ASP A 1 60  ? -12.675 5.257   19.070  1.00 21.84 ? 60  ASP A C   1 
ATOM 450  O O   . ASP A 1 60  ? -13.471 6.015   18.506  1.00 22.52 ? 60  ASP A O   1 
ATOM 451  C CB  . ASP A 1 60  ? -11.414 3.098   19.361  1.00 25.16 ? 60  ASP A CB  1 
ATOM 452  C CG  . ASP A 1 60  ? -11.137 1.705   18.812  1.00 27.52 ? 60  ASP A CG  1 
ATOM 453  O OD1 . ASP A 1 60  ? -10.208 1.029   19.312  1.00 29.06 ? 60  ASP A OD1 1 
ATOM 454  O OD2 . ASP A 1 60  ? -11.858 1.283   17.874  1.00 28.89 ? 60  ASP A OD2 1 
ATOM 455  N N   . GLY A 1 61  ? -11.976 5.601   20.147  1.00 19.88 ? 61  GLY A N   1 
ATOM 456  C CA  . GLY A 1 61  ? -12.165 6.904   20.758  1.00 19.45 ? 61  GLY A CA  1 
ATOM 457  C C   . GLY A 1 61  ? -11.103 7.956   20.511  1.00 18.49 ? 61  GLY A C   1 
ATOM 458  O O   . GLY A 1 61  ? -11.017 8.929   21.259  1.00 19.34 ? 61  GLY A O   1 
ATOM 459  N N   . HIS A 1 62  ? -10.295 7.779   19.470  1.00 18.82 ? 62  HIS A N   1 
ATOM 460  C CA  . HIS A 1 62  ? -9.252  8.751   19.158  1.00 18.62 ? 62  HIS A CA  1 
ATOM 461  C C   . HIS A 1 62  ? -9.149  9.034   17.663  1.00 17.95 ? 62  HIS A C   1 
ATOM 462  O O   . HIS A 1 62  ? -9.711  8.308   16.849  1.00 18.14 ? 62  HIS A O   1 
ATOM 463  C CB  . HIS A 1 62  ? -7.896  8.275   19.696  1.00 21.12 ? 62  HIS A CB  1 
ATOM 464  C CG  . HIS A 1 62  ? -7.540  6.877   19.300  1.00 22.01 ? 62  HIS A CG  1 
ATOM 465  N ND1 . HIS A 1 62  ? -8.285  5.781   19.685  1.00 24.39 ? 62  HIS A ND1 1 
ATOM 466  C CD2 . HIS A 1 62  ? -6.520  6.395   18.551  1.00 24.12 ? 62  HIS A CD2 1 
ATOM 467  C CE1 . HIS A 1 62  ? -7.738  4.684   19.189  1.00 24.39 ? 62  HIS A CE1 1 
ATOM 468  N NE2 . HIS A 1 62  ? -6.666  5.029   18.497  1.00 24.61 ? 62  HIS A NE2 1 
ATOM 469  N N   . THR A 1 63  ? -8.435  10.098  17.313  1.00 18.27 ? 63  THR A N   1 
ATOM 470  C CA  . THR A 1 63  ? -8.271  10.467  15.911  1.00 17.90 ? 63  THR A CA  1 
ATOM 471  C C   . THR A 1 63  ? -6.810  10.607  15.521  1.00 17.11 ? 63  THR A C   1 
ATOM 472  O O   . THR A 1 63  ? -5.936  10.774  16.373  1.00 17.92 ? 63  THR A O   1 
ATOM 473  C CB  . THR A 1 63  ? -8.950  11.801  15.594  1.00 19.39 ? 63  THR A CB  1 
ATOM 474  O OG1 . THR A 1 63  ? -8.213  12.863  16.210  1.00 22.40 ? 63  THR A OG1 1 
ATOM 475  C CG2 . THR A 1 63  ? -10.381 11.810  16.102  1.00 18.62 ? 63  THR A CG2 1 
ATOM 476  N N   . GLN A 1 64  ? -6.563  10.525  14.219  1.00 13.88 ? 64  GLN A N   1 
ATOM 477  C CA  . GLN A 1 64  ? -5.229  10.664  13.649  1.00 13.71 ? 64  GLN A CA  1 
ATOM 478  C C   . GLN A 1 64  ? -5.363  11.495  12.383  1.00 13.57 ? 64  GLN A C   1 
ATOM 479  O O   . GLN A 1 64  ? -6.037  11.082  11.441  1.00 13.41 ? 64  GLN A O   1 
ATOM 480  C CB  . GLN A 1 64  ? -4.646  9.302   13.282  1.00 13.90 ? 64  GLN A CB  1 
ATOM 481  C CG  . GLN A 1 64  ? -3.351  9.403   12.491  1.00 14.69 ? 64  GLN A CG  1 
ATOM 482  C CD  . GLN A 1 64  ? -2.274  10.140  13.253  1.00 15.41 ? 64  GLN A CD  1 
ATOM 483  O OE1 . GLN A 1 64  ? -1.803  11.194  12.767  1.00 14.34 ? 64  GLN A OE1 1 
ATOM 484  N NE2 . GLN A 1 64  ? -1.908  9.659   14.342  1.00 15.92 ? 64  GLN A NE2 1 
ATOM 485  N N   . ALA A 1 65  ? -4.725  12.660  12.367  1.00 12.02 ? 65  ALA A N   1 
ATOM 486  C CA  . ALA A 1 65  ? -4.774  13.538  11.211  1.00 12.53 ? 65  ALA A CA  1 
ATOM 487  C C   . ALA A 1 65  ? -4.098  12.883  10.010  1.00 11.79 ? 65  ALA A C   1 
ATOM 488  O O   . ALA A 1 65  ? -3.087  12.205  10.143  1.00 11.93 ? 65  ALA A O   1 
ATOM 489  C CB  . ALA A 1 65  ? -4.088  14.861  11.539  1.00 13.64 ? 65  ALA A CB  1 
ATOM 490  N N   . LEU A 1 66  ? -4.665  13.100  8.828   1.00 11.21 ? 66  LEU A N   1 
ATOM 491  C CA  . LEU A 1 66  ? -4.111  12.539  7.607   1.00 11.57 ? 66  LEU A CA  1 
ATOM 492  C C   . LEU A 1 66  ? -3.823  13.644  6.593   1.00 10.27 ? 66  LEU A C   1 
ATOM 493  O O   . LEU A 1 66  ? -4.605  14.582  6.446   1.00 11.32 ? 66  LEU A O   1 
ATOM 494  C CB  . LEU A 1 66  ? -5.094  11.535  6.995   1.00 10.92 ? 66  LEU A CB  1 
ATOM 495  C CG  . LEU A 1 66  ? -5.474  10.335  7.864   1.00 11.24 ? 66  LEU A CG  1 
ATOM 496  C CD1 . LEU A 1 66  ? -6.485  9.469   7.124   1.00 11.28 ? 66  LEU A CD1 1 
ATOM 497  C CD2 . LEU A 1 66  ? -4.219  9.538   8.217   1.00 12.87 ? 66  LEU A CD2 1 
ATOM 498  N N   . GLN A 1 67  ? -2.696  13.520  5.903   1.00 10.47 ? 67  GLN A N   1 
ATOM 499  C CA  . GLN A 1 67  ? -2.282  14.487  4.891   1.00 11.15 ? 67  GLN A CA  1 
ATOM 500  C C   . GLN A 1 67  ? -1.637  13.703  3.759   1.00 10.79 ? 67  GLN A C   1 
ATOM 501  O O   . GLN A 1 67  ? -1.447  12.492  3.870   1.00 10.55 ? 67  GLN A O   1 
ATOM 502  C CB  . GLN A 1 67  ? -1.266  15.466  5.486   1.00 13.11 ? 67  GLN A CB  1 
ATOM 503  C CG  . GLN A 1 67  ? 0.033   14.809  5.929   1.00 14.67 ? 67  GLN A CG  1 
ATOM 504  C CD  . GLN A 1 67  ? 0.941   15.766  6.667   1.00 16.47 ? 67  GLN A CD  1 
ATOM 505  O OE1 . GLN A 1 67  ? 1.071   15.695  7.891   1.00 19.05 ? 67  GLN A OE1 1 
ATOM 506  N NE2 . GLN A 1 67  ? 1.565   16.671  5.931   1.00 17.27 ? 67  GLN A NE2 1 
ATOM 507  N N   . ALA A 1 68  ? -1.297  14.382  2.668   1.00 10.69 ? 68  ALA A N   1 
ATOM 508  C CA  . ALA A 1 68  ? -0.656  13.695  1.555   1.00 10.91 ? 68  ALA A CA  1 
ATOM 509  C C   . ALA A 1 68  ? 0.626   13.043  2.071   1.00 10.98 ? 68  ALA A C   1 
ATOM 510  O O   . ALA A 1 68  ? 1.449   13.700  2.714   1.00 11.52 ? 68  ALA A O   1 
ATOM 511  C CB  . ALA A 1 68  ? -0.337  14.683  0.443   1.00 12.14 ? 68  ALA A CB  1 
ATOM 512  N N   . GLY A 1 69  ? 0.787   11.751  1.802   1.00 10.60 ? 69  GLY A N   1 
ATOM 513  C CA  . GLY A 1 69  ? 1.974   11.049  2.248   1.00 9.17  ? 69  GLY A CA  1 
ATOM 514  C C   . GLY A 1 69  ? 1.739   10.245  3.513   1.00 8.95  ? 69  GLY A C   1 
ATOM 515  O O   . GLY A 1 69  ? 2.595   9.461   3.928   1.00 9.91  ? 69  GLY A O   1 
ATOM 516  N N   . SER A 1 70  ? 0.584   10.447  4.136   1.00 8.75  ? 70  SER A N   1 
ATOM 517  C CA  . SER A 1 70  ? 0.237   9.725   5.354   1.00 8.86  ? 70  SER A CA  1 
ATOM 518  C C   . SER A 1 70  ? 0.027   8.245   5.104   1.00 9.44  ? 70  SER A C   1 
ATOM 519  O O   . SER A 1 70  ? -0.593  7.855   4.120   1.00 8.84  ? 70  SER A O   1 
ATOM 520  C CB  . SER A 1 70  ? -1.054  10.269  5.967   1.00 9.75  ? 70  SER A CB  1 
ATOM 521  O OG  . SER A 1 70  ? -0.875  11.554  6.523   1.00 10.30 ? 70  SER A OG  1 
ATOM 522  N N   . LEU A 1 71  ? 0.550   7.427   6.009   1.00 9.60  ? 71  LEU A N   1 
ATOM 523  C CA  . LEU A 1 71  ? 0.368   5.987   5.952   1.00 8.27  ? 71  LEU A CA  1 
ATOM 524  C C   . LEU A 1 71  ? -0.104  5.562   7.325   1.00 8.32  ? 71  LEU A C   1 
ATOM 525  O O   . LEU A 1 71  ? 0.549   5.846   8.337   1.00 8.94  ? 71  LEU A O   1 
ATOM 526  C CB  . LEU A 1 71  ? 1.666   5.252   5.628   1.00 9.01  ? 71  LEU A CB  1 
ATOM 527  C CG  . LEU A 1 71  ? 1.510   3.722   5.705   1.00 9.39  ? 71  LEU A CG  1 
ATOM 528  C CD1 . LEU A 1 71  ? 0.560   3.241   4.604   1.00 12.52 ? 71  LEU A CD1 1 
ATOM 529  C CD2 . LEU A 1 71  ? 2.871   3.048   5.570   1.00 11.15 ? 71  LEU A CD2 1 
ATOM 530  N N   . ILE A 1 72  ? -1.241  4.887   7.368   1.00 9.03  ? 72  ILE A N   1 
ATOM 531  C CA  . ILE A 1 72  ? -1.783  4.427   8.628   1.00 9.27  ? 72  ILE A CA  1 
ATOM 532  C C   . ILE A 1 72  ? -2.161  2.957   8.511   1.00 10.30 ? 72  ILE A C   1 
ATOM 533  O O   . ILE A 1 72  ? -2.610  2.495   7.460   1.00 10.94 ? 72  ILE A O   1 
ATOM 534  C CB  . ILE A 1 72  ? -3.014  5.272   9.035   1.00 10.47 ? 72  ILE A CB  1 
ATOM 535  C CG1 . ILE A 1 72  ? -3.478  4.890   10.440  1.00 12.44 ? 72  ILE A CG1 1 
ATOM 536  C CG2 . ILE A 1 72  ? -4.139  5.078   8.032   1.00 10.10 ? 72  ILE A CG2 1 
ATOM 537  C CD1 . ILE A 1 72  ? -4.522  5.826   10.999  1.00 12.98 ? 72  ILE A CD1 1 
ATOM 538  N N   . ALA A 1 73  ? -1.931  2.220   9.588   1.00 9.79  ? 73  ALA A N   1 
ATOM 539  C CA  . ALA A 1 73  ? -2.266  0.809   9.635   1.00 9.31  ? 73  ALA A CA  1 
ATOM 540  C C   . ALA A 1 73  ? -3.185  0.630   10.833  1.00 9.53  ? 73  ALA A C   1 
ATOM 541  O O   . ALA A 1 73  ? -2.778  0.838   11.980  1.00 10.11 ? 73  ALA A O   1 
ATOM 542  C CB  . ALA A 1 73  ? -1.006  -0.032  9.786   1.00 10.16 ? 73  ALA A CB  1 
ATOM 543  N N   . ILE A 1 74  ? -4.431  0.271   10.554  1.00 9.32  ? 74  ILE A N   1 
ATOM 544  C CA  . ILE A 1 74  ? -5.443  0.076   11.581  1.00 10.68 ? 74  ILE A CA  1 
ATOM 545  C C   . ILE A 1 74  ? -5.716  -1.412  11.735  1.00 11.24 ? 74  ILE A C   1 
ATOM 546  O O   . ILE A 1 74  ? -6.215  -2.069  10.817  1.00 11.03 ? 74  ILE A O   1 
ATOM 547  C CB  . ILE A 1 74  ? -6.738  0.826   11.203  1.00 11.46 ? 74  ILE A CB  1 
ATOM 548  C CG1 . ILE A 1 74  ? -6.440  2.323   11.072  1.00 12.61 ? 74  ILE A CG1 1 
ATOM 549  C CG2 . ILE A 1 74  ? -7.815  0.583   12.242  1.00 12.46 ? 74  ILE A CG2 1 
ATOM 550  C CD1 . ILE A 1 74  ? -7.554  3.128   10.428  1.00 15.13 ? 74  ILE A CD1 1 
ATOM 551  N N   . GLU A 1 75  ? -5.383  -1.939  12.905  1.00 11.82 ? 75  GLU A N   1 
ATOM 552  C CA  . GLU A 1 75  ? -5.564  -3.354  13.184  1.00 11.64 ? 75  GLU A CA  1 
ATOM 553  C C   . GLU A 1 75  ? -7.014  -3.824  13.153  1.00 10.98 ? 75  GLU A C   1 
ATOM 554  O O   . GLU A 1 75  ? -7.931  -3.096  13.526  1.00 11.27 ? 75  GLU A O   1 
ATOM 555  C CB  . GLU A 1 75  ? -4.952  -3.703  14.542  1.00 14.91 ? 75  GLU A CB  1 
ATOM 556  C CG  . GLU A 1 75  ? -4.816  -5.193  14.760  1.00 16.91 ? 75  GLU A CG  1 
ATOM 557  C CD  . GLU A 1 75  ? -3.971  -5.534  15.968  1.00 19.54 ? 75  GLU A CD  1 
ATOM 558  O OE1 . GLU A 1 75  ? -3.484  -6.680  16.036  1.00 20.10 ? 75  GLU A OE1 1 
ATOM 559  O OE2 . GLU A 1 75  ? -3.797  -4.663  16.846  1.00 20.79 ? 75  GLU A OE2 1 
ATOM 560  N N   . ARG A 1 76  ? -7.197  -5.060  12.700  1.00 10.50 ? 76  ARG A N   1 
ATOM 561  C CA  . ARG A 1 76  ? -8.513  -5.680  12.617  1.00 11.86 ? 76  ARG A CA  1 
ATOM 562  C C   . ARG A 1 76  ? -9.222  -5.677  13.973  1.00 13.19 ? 76  ARG A C   1 
ATOM 563  O O   . ARG A 1 76  ? -8.580  -5.637  15.024  1.00 13.83 ? 76  ARG A O   1 
ATOM 564  C CB  . ARG A 1 76  ? -8.364  -7.120  12.126  1.00 11.25 ? 76  ARG A CB  1 
ATOM 565  C CG  . ARG A 1 76  ? -7.614  -8.017  13.102  1.00 13.57 ? 76  ARG A CG  1 
ATOM 566  C CD  . ARG A 1 76  ? -7.220  -9.338  12.467  1.00 12.24 ? 76  ARG A CD  1 
ATOM 567  N NE  . ARG A 1 76  ? -6.078  -9.187  11.570  1.00 12.67 ? 76  ARG A NE  1 
ATOM 568  C CZ  . ARG A 1 76  ? -5.567  -10.168 10.833  1.00 13.45 ? 76  ARG A CZ  1 
ATOM 569  N NH1 . ARG A 1 76  ? -4.524  -9.940  10.046  1.00 15.14 ? 76  ARG A NH1 1 
ATOM 570  N NH2 . ARG A 1 76  ? -6.102  -11.382 10.882  1.00 15.03 ? 76  ARG A NH2 1 
ATOM 571  N N   . GLY A 1 77  ? -10.550 -5.720  13.939  1.00 13.34 ? 77  GLY A N   1 
ATOM 572  C CA  . GLY A 1 77  ? -11.326 -5.740  15.166  1.00 15.57 ? 77  GLY A CA  1 
ATOM 573  C C   . GLY A 1 77  ? -11.633 -4.380  15.770  1.00 16.20 ? 77  GLY A C   1 
ATOM 574  O O   . GLY A 1 77  ? -12.078 -4.292  16.917  1.00 17.63 ? 77  GLY A O   1 
ATOM 575  N N   . GLN A 1 78  ? -11.408 -3.313  15.015  1.00 17.32 ? 78  GLN A N   1 
ATOM 576  C CA  . GLN A 1 78  ? -11.675 -1.978  15.531  1.00 18.52 ? 78  GLN A CA  1 
ATOM 577  C C   . GLN A 1 78  ? -12.661 -1.207  14.683  1.00 17.58 ? 78  GLN A C   1 
ATOM 578  O O   . GLN A 1 78  ? -12.501 -1.115  13.467  1.00 16.80 ? 78  GLN A O   1 
ATOM 579  C CB  . GLN A 1 78  ? -10.385 -1.172  15.610  1.00 17.77 ? 78  GLN A CB  1 
ATOM 580  C CG  . GLN A 1 78  ? -9.323  -1.784  16.474  1.00 19.31 ? 78  GLN A CG  1 
ATOM 581  C CD  . GLN A 1 78  ? -8.024  -1.034  16.381  1.00 19.72 ? 78  GLN A CD  1 
ATOM 582  O OE1 . GLN A 1 78  ? -7.385  -1.002  15.328  1.00 20.54 ? 78  GLN A OE1 1 
ATOM 583  N NE2 . GLN A 1 78  ? -7.618  -0.417  17.486  1.00 21.82 ? 78  GLN A NE2 1 
ATOM 584  N N   . ALA A 1 79  ? -13.685 -0.658  15.322  1.00 18.32 ? 79  ALA A N   1 
ATOM 585  C CA  . ALA A 1 79  ? -14.659 0.136   14.597  1.00 17.37 ? 79  ALA A CA  1 
ATOM 586  C C   . ALA A 1 79  ? -13.901 1.397   14.213  1.00 16.61 ? 79  ALA A C   1 
ATOM 587  O O   . ALA A 1 79  ? -13.236 2.005   15.051  1.00 16.57 ? 79  ALA A O   1 
ATOM 588  C CB  . ALA A 1 79  ? -15.836 0.480   15.491  1.00 19.94 ? 79  ALA A CB  1 
ATOM 589  N N   . HIS A 1 80  ? -13.977 1.792   12.951  1.00 15.02 ? 80  HIS A N   1 
ATOM 590  C CA  . HIS A 1 80  ? -13.259 2.981   12.525  1.00 14.51 ? 80  HIS A CA  1 
ATOM 591  C C   . HIS A 1 80  ? -13.786 3.512   11.212  1.00 13.85 ? 80  HIS A C   1 
ATOM 592  O O   . HIS A 1 80  ? -14.492 2.814   10.482  1.00 14.74 ? 80  HIS A O   1 
ATOM 593  C CB  . HIS A 1 80  ? -11.767 2.671   12.388  1.00 14.45 ? 80  HIS A CB  1 
ATOM 594  C CG  . HIS A 1 80  ? -11.452 1.680   11.310  1.00 14.64 ? 80  HIS A CG  1 
ATOM 595  N ND1 . HIS A 1 80  ? -11.074 2.055   10.039  1.00 16.47 ? 80  HIS A ND1 1 
ATOM 596  C CD2 . HIS A 1 80  ? -11.492 0.326   11.307  1.00 13.62 ? 80  HIS A CD2 1 
ATOM 597  C CE1 . HIS A 1 80  ? -10.897 0.975   9.300   1.00 13.98 ? 80  HIS A CE1 1 
ATOM 598  N NE2 . HIS A 1 80  ? -11.145 -0.088  10.043  1.00 16.03 ? 80  HIS A NE2 1 
ATOM 599  N N   . GLU A 1 81  ? -13.443 4.758   10.921  1.00 13.50 ? 81  GLU A N   1 
ATOM 600  C CA  . GLU A 1 81  ? -13.870 5.369   9.681   1.00 14.24 ? 81  GLU A CA  1 
ATOM 601  C C   . GLU A 1 81  ? -12.828 6.388   9.258   1.00 13.76 ? 81  GLU A C   1 
ATOM 602  O O   . GLU A 1 81  ? -12.000 6.822   10.066  1.00 12.67 ? 81  GLU A O   1 
ATOM 603  C CB  . GLU A 1 81  ? -15.226 6.054   9.855   1.00 16.78 ? 81  GLU A CB  1 
ATOM 604  C CG  . GLU A 1 81  ? -15.172 7.330   10.672  1.00 18.21 ? 81  GLU A CG  1 
ATOM 605  C CD  . GLU A 1 81  ? -16.532 7.973   10.844  1.00 20.99 ? 81  GLU A CD  1 
ATOM 606  O OE1 . GLU A 1 81  ? -16.594 9.068   11.437  1.00 22.07 ? 81  GLU A OE1 1 
ATOM 607  O OE2 . GLU A 1 81  ? -17.543 7.393   10.388  1.00 22.94 ? 81  GLU A OE2 1 
ATOM 608  N N   . ILE A 1 82  ? -12.859 6.738   7.979   1.00 12.70 ? 82  ILE A N   1 
ATOM 609  C CA  . ILE A 1 82  ? -11.945 7.721   7.429   1.00 11.26 ? 82  ILE A CA  1 
ATOM 610  C C   . ILE A 1 82  ? -12.844 8.851   6.969   1.00 10.98 ? 82  ILE A C   1 
ATOM 611  O O   . ILE A 1 82  ? -13.855 8.605   6.312   1.00 12.46 ? 82  ILE A O   1 
ATOM 612  C CB  . ILE A 1 82  ? -11.180 7.159   6.203   1.00 11.05 ? 82  ILE A CB  1 
ATOM 613  C CG1 . ILE A 1 82  ? -10.457 5.864   6.592   1.00 11.01 ? 82  ILE A CG1 1 
ATOM 614  C CG2 . ILE A 1 82  ? -10.184 8.195   5.680   1.00 10.97 ? 82  ILE A CG2 1 
ATOM 615  C CD1 . ILE A 1 82  ? -9.481  6.017   7.768   1.00 12.42 ? 82  ILE A CD1 1 
ATOM 616  N N   . ARG A 1 83  ? -12.504 10.085  7.320   1.00 12.85 ? 83  ARG A N   1 
ATOM 617  C CA  . ARG A 1 83  ? -13.335 11.201  6.904   1.00 13.44 ? 83  ARG A CA  1 
ATOM 618  C C   . ARG A 1 83  ? -12.528 12.322  6.273   1.00 12.51 ? 83  ARG A C   1 
ATOM 619  O O   . ARG A 1 83  ? -11.409 12.620  6.690   1.00 12.60 ? 83  ARG A O   1 
ATOM 620  C CB  . ARG A 1 83  ? -14.134 11.729  8.092   1.00 16.94 ? 83  ARG A CB  1 
ATOM 621  C CG  . ARG A 1 83  ? -13.301 12.278  9.211   1.00 18.45 ? 83  ARG A CG  1 
ATOM 622  C CD  . ARG A 1 83  ? -14.200 12.857  10.285  1.00 20.89 ? 83  ARG A CD  1 
ATOM 623  N NE  . ARG A 1 83  ? -13.504 13.886  11.038  1.00 22.29 ? 83  ARG A NE  1 
ATOM 624  C CZ  . ARG A 1 83  ? -14.052 14.609  12.008  1.00 24.68 ? 83  ARG A CZ  1 
ATOM 625  N NH1 . ARG A 1 83  ? -15.315 14.421  12.359  1.00 23.73 ? 83  ARG A NH1 1 
ATOM 626  N NH2 . ARG A 1 83  ? -13.327 15.540  12.615  1.00 25.18 ? 83  ARG A NH2 1 
ATOM 627  N N   . ASN A 1 84  ? -13.112 12.933  5.248   1.00 12.30 ? 84  ASN A N   1 
ATOM 628  C CA  . ASN A 1 84  ? -12.480 14.024  4.529   1.00 13.06 ? 84  ASN A CA  1 
ATOM 629  C C   . ASN A 1 84  ? -12.950 15.339  5.135   1.00 14.88 ? 84  ASN A C   1 
ATOM 630  O O   . ASN A 1 84  ? -14.079 15.776  4.902   1.00 15.82 ? 84  ASN A O   1 
ATOM 631  C CB  . ASN A 1 84  ? -12.861 13.956  3.044   1.00 13.16 ? 84  ASN A CB  1 
ATOM 632  C CG  . ASN A 1 84  ? -12.140 14.995  2.200   1.00 12.90 ? 84  ASN A CG  1 
ATOM 633  O OD1 . ASN A 1 84  ? -12.228 14.976  0.970   1.00 13.86 ? 84  ASN A OD1 1 
ATOM 634  N ND2 . ASN A 1 84  ? -11.429 15.905  2.849   1.00 11.25 ? 84  ASN A ND2 1 
ATOM 635  N N   . THR A 1 85  ? -12.071 15.967  5.907   1.00 15.31 ? 85  THR A N   1 
ATOM 636  C CA  . THR A 1 85  ? -12.387 17.229  6.558   1.00 16.76 ? 85  THR A CA  1 
ATOM 637  C C   . THR A 1 85  ? -11.790 18.400  5.800   1.00 17.71 ? 85  THR A C   1 
ATOM 638  O O   . THR A 1 85  ? -11.760 19.526  6.304   1.00 18.27 ? 85  THR A O   1 
ATOM 639  C CB  . THR A 1 85  ? -11.857 17.255  8.003   1.00 17.76 ? 85  THR A CB  1 
ATOM 640  O OG1 . THR A 1 85  ? -10.441 17.026  8.001   1.00 16.58 ? 85  THR A OG1 1 
ATOM 641  C CG2 . THR A 1 85  ? -12.547 16.185  8.839   1.00 18.30 ? 85  THR A CG2 1 
ATOM 642  N N   . GLY A 1 86  ? -11.306 18.124  4.595   1.00 15.88 ? 86  GLY A N   1 
ATOM 643  C CA  . GLY A 1 86  ? -10.717 19.158  3.766   1.00 16.34 ? 86  GLY A CA  1 
ATOM 644  C C   . GLY A 1 86  ? -11.701 19.571  2.687   1.00 15.87 ? 86  GLY A C   1 
ATOM 645  O O   . GLY A 1 86  ? -12.852 19.137  2.697   1.00 16.97 ? 86  GLY A O   1 
ATOM 646  N N   . ASP A 1 87  ? -11.251 20.405  1.757   1.00 17.32 ? 87  ASP A N   1 
ATOM 647  C CA  . ASP A 1 87  ? -12.125 20.876  0.685   1.00 17.23 ? 87  ASP A CA  1 
ATOM 648  C C   . ASP A 1 87  ? -11.768 20.341  -0.696  1.00 16.40 ? 87  ASP A C   1 
ATOM 649  O O   . ASP A 1 87  ? -12.267 20.821  -1.712  1.00 16.80 ? 87  ASP A O   1 
ATOM 650  C CB  . ASP A 1 87  ? -12.143 22.400  0.685   1.00 20.34 ? 87  ASP A CB  1 
ATOM 651  C CG  . ASP A 1 87  ? -12.716 22.964  1.971   1.00 24.01 ? 87  ASP A CG  1 
ATOM 652  O OD1 . ASP A 1 87  ? -13.892 22.669  2.286   1.00 26.84 ? 87  ASP A OD1 1 
ATOM 653  O OD2 . ASP A 1 87  ? -11.995 23.700  2.675   1.00 26.82 ? 87  ASP A OD2 1 
ATOM 654  N N   . THR A 1 88  ? -10.907 19.332  -0.728  1.00 14.41 ? 88  THR A N   1 
ATOM 655  C CA  . THR A 1 88  ? -10.502 18.711  -1.979  1.00 14.11 ? 88  THR A CA  1 
ATOM 656  C C   . THR A 1 88  ? -10.645 17.202  -1.801  1.00 12.80 ? 88  THR A C   1 
ATOM 657  O O   . THR A 1 88  ? -10.728 16.713  -0.680  1.00 12.59 ? 88  THR A O   1 
ATOM 658  C CB  . THR A 1 88  ? -9.050  19.064  -2.330  1.00 15.73 ? 88  THR A CB  1 
ATOM 659  O OG1 . THR A 1 88  ? -8.191  18.664  -1.256  1.00 16.81 ? 88  THR A OG1 1 
ATOM 660  C CG2 . THR A 1 88  ? -8.910  20.567  -2.558  1.00 17.14 ? 88  THR A CG2 1 
ATOM 661  N N   . PRO A 1 89  ? -10.720 16.450  -2.905  1.00 12.57 ? 89  PRO A N   1 
ATOM 662  C CA  . PRO A 1 89  ? -10.857 14.996  -2.793  1.00 11.86 ? 89  PRO A CA  1 
ATOM 663  C C   . PRO A 1 89  ? -9.747  14.349  -1.971  1.00 9.89  ? 89  PRO A C   1 
ATOM 664  O O   . PRO A 1 89  ? -8.579  14.728  -2.075  1.00 10.73 ? 89  PRO A O   1 
ATOM 665  C CB  . PRO A 1 89  ? -10.825 14.541  -4.248  1.00 12.00 ? 89  PRO A CB  1 
ATOM 666  C CG  . PRO A 1 89  ? -11.484 15.685  -4.954  1.00 12.32 ? 89  PRO A CG  1 
ATOM 667  C CD  . PRO A 1 89  ? -10.810 16.874  -4.314  1.00 12.96 ? 89  PRO A CD  1 
ATOM 668  N N   . LEU A 1 90  ? -10.131 13.384  -1.140  1.00 10.21 ? 90  LEU A N   1 
ATOM 669  C CA  . LEU A 1 90  ? -9.176  12.638  -0.324  1.00 9.28  ? 90  LEU A CA  1 
ATOM 670  C C   . LEU A 1 90  ? -8.966  11.341  -1.106  1.00 9.18  ? 90  LEU A C   1 
ATOM 671  O O   . LEU A 1 90  ? -9.787  10.427  -1.049  1.00 10.13 ? 90  LEU A O   1 
ATOM 672  C CB  . LEU A 1 90  ? -9.756  12.356  1.068   1.00 10.91 ? 90  LEU A CB  1 
ATOM 673  C CG  . LEU A 1 90  ? -8.890  11.522  2.027   1.00 10.00 ? 90  LEU A CG  1 
ATOM 674  C CD1 . LEU A 1 90  ? -7.556  12.212  2.252   1.00 12.33 ? 90  LEU A CD1 1 
ATOM 675  C CD2 . LEU A 1 90  ? -9.619  11.331  3.353   1.00 12.08 ? 90  LEU A CD2 1 
ATOM 676  N N   . LYS A 1 91  ? -7.870  11.294  -1.857  1.00 10.09 ? 91  LYS A N   1 
ATOM 677  C CA  . LYS A 1 91  ? -7.535  10.150  -2.699  1.00 9.05  ? 91  LYS A CA  1 
ATOM 678  C C   . LYS A 1 91  ? -6.606  9.195   -1.971  1.00 8.58  ? 91  LYS A C   1 
ATOM 679  O O   . LYS A 1 91  ? -5.513  9.571   -1.553  1.00 8.53  ? 91  LYS A O   1 
ATOM 680  C CB  . LYS A 1 91  ? -6.892  10.644  -3.996  1.00 9.88  ? 91  LYS A CB  1 
ATOM 681  C CG  . LYS A 1 91  ? -7.783  11.625  -4.760  1.00 12.26 ? 91  LYS A CG  1 
ATOM 682  C CD  . LYS A 1 91  ? -7.058  12.261  -5.930  1.00 14.11 ? 91  LYS A CD  1 
ATOM 683  C CE  . LYS A 1 91  ? -7.967  13.231  -6.662  1.00 14.36 ? 91  LYS A CE  1 
ATOM 684  N NZ  . LYS A 1 91  ? -7.274  13.861  -7.819  1.00 15.61 ? 91  LYS A NZ  1 
ATOM 685  N N   . THR A 1 92  ? -7.040  7.948   -1.832  1.00 8.51  ? 92  THR A N   1 
ATOM 686  C CA  . THR A 1 92  ? -6.249  6.965   -1.107  1.00 8.91  ? 92  THR A CA  1 
ATOM 687  C C   . THR A 1 92  ? -6.172  5.586   -1.753  1.00 8.60  ? 92  THR A C   1 
ATOM 688  O O   . THR A 1 92  ? -7.017  5.212   -2.570  1.00 8.88  ? 92  THR A O   1 
ATOM 689  C CB  . THR A 1 92  ? -6.821  6.756   0.313   1.00 9.53  ? 92  THR A CB  1 
ATOM 690  O OG1 . THR A 1 92  ? -8.009  5.960   0.230   1.00 10.13 ? 92  THR A OG1 1 
ATOM 691  C CG2 . THR A 1 92  ? -7.181  8.089   0.958   1.00 10.64 ? 92  THR A CG2 1 
ATOM 692  N N   . VAL A 1 93  ? -5.140  4.837   -1.379  1.00 8.89  ? 93  VAL A N   1 
ATOM 693  C CA  . VAL A 1 93  ? -4.974  3.468   -1.846  1.00 8.21  ? 93  VAL A CA  1 
ATOM 694  C C   . VAL A 1 93  ? -4.955  2.659   -0.555  1.00 9.69  ? 93  VAL A C   1 
ATOM 695  O O   . VAL A 1 93  ? -4.312  3.049   0.425   1.00 8.31  ? 93  VAL A O   1 
ATOM 696  C CB  . VAL A 1 93  ? -3.678  3.275   -2.679  1.00 9.71  ? 93  VAL A CB  1 
ATOM 697  C CG1 . VAL A 1 93  ? -2.456  3.624   -1.863  1.00 14.85 ? 93  VAL A CG1 1 
ATOM 698  C CG2 . VAL A 1 93  ? -3.606  1.839   -3.190  1.00 9.06  ? 93  VAL A CG2 1 
ATOM 699  N N   . ASN A 1 94  ? -5.681  1.546   -0.547  1.00 7.68  ? 94  ASN A N   1 
ATOM 700  C CA  . ASN A 1 94  ? -5.814  0.730   0.652   1.00 8.28  ? 94  ASN A CA  1 
ATOM 701  C C   . ASN A 1 94  ? -5.453  -0.731  0.489   1.00 7.50  ? 94  ASN A C   1 
ATOM 702  O O   . ASN A 1 94  ? -5.660  -1.317  -0.568  1.00 8.97  ? 94  ASN A O   1 
ATOM 703  C CB  . ASN A 1 94  ? -7.252  0.806   1.158   1.00 8.09  ? 94  ASN A CB  1 
ATOM 704  C CG  . ASN A 1 94  ? -7.674  2.212   1.499   1.00 11.98 ? 94  ASN A CG  1 
ATOM 705  O OD1 . ASN A 1 94  ? -7.701  2.591   2.665   1.00 11.23 ? 94  ASN A OD1 1 
ATOM 706  N ND2 . ASN A 1 94  ? -7.995  3.003   0.477   1.00 10.33 ? 94  ASN A ND2 1 
ATOM 707  N N   . PHE A 1 95  ? -4.929  -1.315  1.561   1.00 7.70  ? 95  PHE A N   1 
ATOM 708  C CA  . PHE A 1 95  ? -4.575  -2.724  1.563   1.00 8.33  ? 95  PHE A CA  1 
ATOM 709  C C   . PHE A 1 95  ? -5.209  -3.390  2.771   1.00 8.36  ? 95  PHE A C   1 
ATOM 710  O O   . PHE A 1 95  ? -5.093  -2.911  3.901   1.00 9.14  ? 95  PHE A O   1 
ATOM 711  C CB  . PHE A 1 95  ? -3.056  -2.903  1.583   1.00 7.84  ? 95  PHE A CB  1 
ATOM 712  C CG  . PHE A 1 95  ? -2.360  -2.208  0.452   1.00 7.63  ? 95  PHE A CG  1 
ATOM 713  C CD1 . PHE A 1 95  ? -2.086  -0.844  0.526   1.00 8.37  ? 95  PHE A CD1 1 
ATOM 714  C CD2 . PHE A 1 95  ? -2.029  -2.895  -0.716  1.00 8.56  ? 95  PHE A CD2 1 
ATOM 715  C CE1 . PHE A 1 95  ? -1.497  -0.172  -0.541  1.00 8.92  ? 95  PHE A CE1 1 
ATOM 716  C CE2 . PHE A 1 95  ? -1.439  -2.228  -1.797  1.00 9.23  ? 95  PHE A CE2 1 
ATOM 717  C CZ  . PHE A 1 95  ? -1.173  -0.864  -1.707  1.00 8.55  ? 95  PHE A CZ  1 
ATOM 718  N N   . TYR A 1 96  ? -5.898  -4.496  2.520   1.00 7.47  ? 96  TYR A N   1 
ATOM 719  C CA  . TYR A 1 96  ? -6.567  -5.227  3.580   1.00 7.55  ? 96  TYR A CA  1 
ATOM 720  C C   . TYR A 1 96  ? -5.968  -6.608  3.774   1.00 8.59  ? 96  TYR A C   1 
ATOM 721  O O   . TYR A 1 96  ? -5.705  -7.336  2.812   1.00 8.29  ? 96  TYR A O   1 
ATOM 722  C CB  . TYR A 1 96  ? -8.064  -5.348  3.276   1.00 7.11  ? 96  TYR A CB  1 
ATOM 723  C CG  . TYR A 1 96  ? -8.740  -4.013  3.050   1.00 7.30  ? 96  TYR A CG  1 
ATOM 724  C CD1 . TYR A 1 96  ? -8.814  -3.455  1.774   1.00 9.19  ? 96  TYR A CD1 1 
ATOM 725  C CD2 . TYR A 1 96  ? -9.291  -3.299  4.116   1.00 7.88  ? 96  TYR A CD2 1 
ATOM 726  C CE1 . TYR A 1 96  ? -9.420  -2.221  1.564   1.00 8.97  ? 96  TYR A CE1 1 
ATOM 727  C CE2 . TYR A 1 96  ? -9.899  -2.060  3.918   1.00 9.63  ? 96  TYR A CE2 1 
ATOM 728  C CZ  . TYR A 1 96  ? -9.959  -1.531  2.638   1.00 10.12 ? 96  TYR A CZ  1 
ATOM 729  O OH  . TYR A 1 96  ? -10.566 -0.314  2.427   1.00 11.38 ? 96  TYR A OH  1 
ATOM 730  N N   . HIS A 1 97  ? -5.745  -6.957  5.034   1.00 7.91  ? 97  HIS A N   1 
ATOM 731  C CA  . HIS A 1 97  ? -5.185  -8.252  5.378   1.00 8.52  ? 97  HIS A CA  1 
ATOM 732  C C   . HIS A 1 97  ? -5.935  -8.831  6.567   1.00 9.16  ? 97  HIS A C   1 
ATOM 733  O O   . HIS A 1 97  ? -5.867  -8.288  7.670   1.00 10.15 ? 97  HIS A O   1 
ATOM 734  C CB  . HIS A 1 97  ? -3.700  -8.117  5.731   1.00 9.20  ? 97  HIS A CB  1 
ATOM 735  C CG  . HIS A 1 97  ? -3.050  -9.415  6.089   1.00 10.55 ? 97  HIS A CG  1 
ATOM 736  N ND1 . HIS A 1 97  ? -2.220  -9.555  7.178   1.00 12.29 ? 97  HIS A ND1 1 
ATOM 737  C CD2 . HIS A 1 97  ? -3.124  -10.637 5.511   1.00 9.34  ? 97  HIS A CD2 1 
ATOM 738  C CE1 . HIS A 1 97  ? -1.811  -10.810 7.259   1.00 11.19 ? 97  HIS A CE1 1 
ATOM 739  N NE2 . HIS A 1 97  ? -2.346  -11.488 6.260   1.00 12.38 ? 97  HIS A NE2 1 
ATOM 740  N N   . PRO A 1 98  ? -6.697  -9.919  6.353   1.00 9.27  ? 98  PRO A N   1 
ATOM 741  C CA  . PRO A 1 98  ? -6.887  -10.612 5.074   1.00 9.95  ? 98  PRO A CA  1 
ATOM 742  C C   . PRO A 1 98  ? -7.862  -9.805  4.218   1.00 8.55  ? 98  PRO A C   1 
ATOM 743  O O   . PRO A 1 98  ? -8.317  -8.744  4.637   1.00 9.67  ? 98  PRO A O   1 
ATOM 744  C CB  . PRO A 1 98  ? -7.485  -11.943 5.502   1.00 11.64 ? 98  PRO A CB  1 
ATOM 745  C CG  . PRO A 1 98  ? -8.355  -11.535 6.630   1.00 13.13 ? 98  PRO A CG  1 
ATOM 746  C CD  . PRO A 1 98  ? -7.467  -10.584 7.419   1.00 11.47 ? 98  PRO A CD  1 
ATOM 747  N N   . PRO A 1 99  ? -8.194  -10.298 3.011   1.00 9.08  ? 99  PRO A N   1 
ATOM 748  C CA  . PRO A 1 99  ? -9.132  -9.574  2.147   1.00 8.41  ? 99  PRO A CA  1 
ATOM 749  C C   . PRO A 1 99  ? -10.419 -9.291  2.922   1.00 8.66  ? 99  PRO A C   1 
ATOM 750  O O   . PRO A 1 99  ? -10.904 -10.152 3.655   1.00 9.80  ? 99  PRO A O   1 
ATOM 751  C CB  . PRO A 1 99  ? -9.356  -10.546 0.993   1.00 9.07  ? 99  PRO A CB  1 
ATOM 752  C CG  . PRO A 1 99  ? -8.063  -11.276 0.899   1.00 9.68  ? 99  PRO A CG  1 
ATOM 753  C CD  . PRO A 1 99  ? -7.691  -11.514 2.347   1.00 9.25  ? 99  PRO A CD  1 
ATOM 754  N N   . ALA A 1 100 ? -10.976 -8.095  2.760   1.00 9.62  ? 100 ALA A N   1 
ATOM 755  C CA  . ALA A 1 100 ? -12.185 -7.727  3.484   1.00 9.94  ? 100 ALA A CA  1 
ATOM 756  C C   . ALA A 1 100 ? -13.433 -7.541  2.627   1.00 8.94  ? 100 ALA A C   1 
ATOM 757  O O   . ALA A 1 100 ? -14.532 -7.447  3.160   1.00 9.14  ? 100 ALA A O   1 
ATOM 758  C CB  . ALA A 1 100 ? -11.928 -6.450  4.300   1.00 12.33 ? 100 ALA A CB  1 
ATOM 759  N N   . TYR A 1 101 ? -13.273 -7.501  1.306   1.00 9.07  ? 101 TYR A N   1 
ATOM 760  C CA  . TYR A 1 101 ? -14.415 -7.270  0.425   1.00 9.89  ? 101 TYR A CA  1 
ATOM 761  C C   . TYR A 1 101 ? -14.451 -8.209  -0.770  1.00 10.26 ? 101 TYR A C   1 
ATOM 762  O O   . TYR A 1 101 ? -13.453 -8.845  -1.099  1.00 9.73  ? 101 TYR A O   1 
ATOM 763  C CB  . TYR A 1 101 ? -14.349 -5.834  -0.103  1.00 10.80 ? 101 TYR A CB  1 
ATOM 764  C CG  . TYR A 1 101 ? -14.299 -4.779  0.977   1.00 9.52  ? 101 TYR A CG  1 
ATOM 765  C CD1 . TYR A 1 101 ? -15.468 -4.319  1.574   1.00 10.12 ? 101 TYR A CD1 1 
ATOM 766  C CD2 . TYR A 1 101 ? -13.082 -4.259  1.416   1.00 9.27  ? 101 TYR A CD2 1 
ATOM 767  C CE1 . TYR A 1 101 ? -15.433 -3.366  2.581   1.00 11.09 ? 101 TYR A CE1 1 
ATOM 768  C CE2 . TYR A 1 101 ? -13.037 -3.302  2.428   1.00 11.96 ? 101 TYR A CE2 1 
ATOM 769  C CZ  . TYR A 1 101 ? -14.216 -2.858  3.003   1.00 11.33 ? 101 TYR A CZ  1 
ATOM 770  O OH  . TYR A 1 101 ? -14.200 -1.891  3.986   1.00 14.49 ? 101 TYR A OH  1 
ATOM 771  N N   . ASP A 1 102 ? -15.617 -8.303  -1.408  1.00 10.91 ? 102 ASP A N   1 
ATOM 772  C CA  . ASP A 1 102 ? -15.726 -9.102  -2.622  1.00 11.03 ? 102 ASP A CA  1 
ATOM 773  C C   . ASP A 1 102 ? -15.372 -8.147  -3.763  1.00 12.30 ? 102 ASP A C   1 
ATOM 774  O O   . ASP A 1 102 ? -15.122 -6.960  -3.524  1.00 11.08 ? 102 ASP A O   1 
ATOM 775  C CB  . ASP A 1 102 ? -17.135 -9.712  -2.811  1.00 10.27 ? 102 ASP A CB  1 
ATOM 776  C CG  . ASP A 1 102 ? -18.249 -8.679  -2.919  1.00 12.52 ? 102 ASP A CG  1 
ATOM 777  O OD1 . ASP A 1 102 ? -18.016 -7.534  -3.357  1.00 11.87 ? 102 ASP A OD1 1 
ATOM 778  O OD2 . ASP A 1 102 ? -19.399 -9.041  -2.586  1.00 12.81 ? 102 ASP A OD2 1 
ATOM 779  N N   . ALA A 1 103 ? -15.341 -8.651  -4.991  1.00 12.67 ? 103 ALA A N   1 
ATOM 780  C CA  . ALA A 1 103 ? -14.972 -7.824  -6.136  1.00 13.84 ? 103 ALA A CA  1 
ATOM 781  C C   . ALA A 1 103 ? -15.837 -6.585  -6.362  1.00 13.47 ? 103 ALA A C   1 
ATOM 782  O O   . ALA A 1 103 ? -15.380 -5.618  -6.971  1.00 13.71 ? 103 ALA A O   1 
ATOM 783  C CB  . ALA A 1 103 ? -14.946 -8.679  -7.392  1.00 13.74 ? 103 ALA A CB  1 
ATOM 784  N N   . GLN A 1 104 ? -17.075 -6.605  -5.882  1.00 13.05 ? 104 GLN A N   1 
ATOM 785  C CA  . GLN A 1 104 ? -17.968 -5.464  -6.056  1.00 14.27 ? 104 GLN A CA  1 
ATOM 786  C C   . GLN A 1 104 ? -17.882 -4.456  -4.916  1.00 14.52 ? 104 GLN A C   1 
ATOM 787  O O   . GLN A 1 104 ? -18.560 -3.428  -4.933  1.00 15.79 ? 104 GLN A O   1 
ATOM 788  C CB  . GLN A 1 104 ? -19.418 -5.939  -6.214  1.00 15.64 ? 104 GLN A CB  1 
ATOM 789  C CG  . GLN A 1 104 ? -19.718 -6.573  -7.562  1.00 19.40 ? 104 GLN A CG  1 
ATOM 790  C CD  . GLN A 1 104 ? -18.846 -7.778  -7.855  1.00 21.78 ? 104 GLN A CD  1 
ATOM 791  O OE1 . GLN A 1 104 ? -18.981 -8.836  -7.223  1.00 23.69 ? 104 GLN A OE1 1 
ATOM 792  N NE2 . GLN A 1 104 ? -17.941 -7.629  -8.811  1.00 22.77 ? 104 GLN A NE2 1 
ATOM 793  N N   . GLY A 1 105 ? -17.056 -4.753  -3.918  1.00 13.65 ? 105 GLY A N   1 
ATOM 794  C CA  . GLY A 1 105 ? -16.904 -3.832  -2.806  1.00 14.48 ? 105 GLY A CA  1 
ATOM 795  C C   . GLY A 1 105 ? -17.822 -4.057  -1.620  1.00 14.03 ? 105 GLY A C   1 
ATOM 796  O O   . GLY A 1 105 ? -17.921 -3.192  -0.751  1.00 14.67 ? 105 GLY A O   1 
ATOM 797  N N   . GLU A 1 106 ? -18.511 -5.192  -1.575  1.00 13.18 ? 106 GLU A N   1 
ATOM 798  C CA  . GLU A 1 106 ? -19.388 -5.495  -0.445  1.00 13.24 ? 106 GLU A CA  1 
ATOM 799  C C   . GLU A 1 106 ? -18.543 -6.286  0.547   1.00 11.80 ? 106 GLU A C   1 
ATOM 800  O O   . GLU A 1 106 ? -17.719 -7.106  0.148   1.00 12.02 ? 106 GLU A O   1 
ATOM 801  C CB  . GLU A 1 106 ? -20.584 -6.335  -0.897  1.00 15.82 ? 106 GLU A CB  1 
ATOM 802  C CG  . GLU A 1 106 ? -21.601 -6.635  0.205   1.00 19.34 ? 106 GLU A CG  1 
ATOM 803  C CD  . GLU A 1 106 ? -22.450 -5.421  0.579   1.00 21.71 ? 106 GLU A CD  1 
ATOM 804  O OE1 . GLU A 1 106 ? -23.225 -5.511  1.560   1.00 24.09 ? 106 GLU A OE1 1 
ATOM 805  O OE2 . GLU A 1 106 ? -22.353 -4.381  -0.114  1.00 21.73 ? 106 GLU A OE2 1 
ATOM 806  N N   . PRO A 1 107 ? -18.724 -6.043  1.853   1.00 11.23 ? 107 PRO A N   1 
ATOM 807  C CA  . PRO A 1 107 ? -17.923 -6.791  2.830   1.00 12.67 ? 107 PRO A CA  1 
ATOM 808  C C   . PRO A 1 107 ? -18.111 -8.302  2.756   1.00 12.98 ? 107 PRO A C   1 
ATOM 809  O O   . PRO A 1 107 ? -19.208 -8.793  2.476   1.00 13.08 ? 107 PRO A O   1 
ATOM 810  C CB  . PRO A 1 107 ? -18.397 -6.228  4.172   1.00 11.58 ? 107 PRO A CB  1 
ATOM 811  C CG  . PRO A 1 107 ? -18.850 -4.845  3.833   1.00 12.65 ? 107 PRO A CG  1 
ATOM 812  C CD  . PRO A 1 107 ? -19.557 -5.027  2.517   1.00 12.70 ? 107 PRO A CD  1 
ATOM 813  N N   . LEU A 1 108 ? -17.034 -9.038  3.001   1.00 11.77 ? 108 LEU A N   1 
ATOM 814  C CA  . LEU A 1 108 ? -17.100 -10.488 3.014   1.00 12.06 ? 108 LEU A CA  1 
ATOM 815  C C   . LEU A 1 108 ? -17.710 -10.827 4.373   1.00 12.20 ? 108 LEU A C   1 
ATOM 816  O O   . LEU A 1 108 ? -17.572 -10.058 5.326   1.00 12.10 ? 108 LEU A O   1 
ATOM 817  C CB  . LEU A 1 108 ? -15.696 -11.085 2.890   1.00 10.71 ? 108 LEU A CB  1 
ATOM 818  C CG  . LEU A 1 108 ? -14.996 -10.841 1.552   1.00 11.45 ? 108 LEU A CG  1 
ATOM 819  C CD1 . LEU A 1 108 ? -13.582 -11.382 1.614   1.00 9.90  ? 108 LEU A CD1 1 
ATOM 820  C CD2 . LEU A 1 108 ? -15.785 -11.505 0.427   1.00 10.86 ? 108 LEU A CD2 1 
ATOM 821  N N   . PRO A 1 109 ? -18.385 -11.979 4.484   1.00 12.94 ? 109 PRO A N   1 
ATOM 822  C CA  . PRO A 1 109 ? -19.007 -12.377 5.750   1.00 12.36 ? 109 PRO A CA  1 
ATOM 823  C C   . PRO A 1 109 ? -18.014 -12.678 6.869   1.00 12.77 ? 109 PRO A C   1 
ATOM 824  O O   . PRO A 1 109 ? -16.856 -13.023 6.616   1.00 12.16 ? 109 PRO A O   1 
ATOM 825  C CB  . PRO A 1 109 ? -19.829 -13.605 5.354   1.00 12.69 ? 109 PRO A CB  1 
ATOM 826  C CG  . PRO A 1 109 ? -18.975 -14.230 4.301   1.00 12.23 ? 109 PRO A CG  1 
ATOM 827  C CD  . PRO A 1 109 ? -18.530 -13.039 3.468   1.00 12.10 ? 109 PRO A CD  1 
ATOM 828  N N   . ALA A 1 110 ? -18.490 -12.536 8.104   1.00 11.48 ? 110 ALA A N   1 
ATOM 829  C CA  . ALA A 1 110 ? -17.688 -12.798 9.295   1.00 13.62 ? 110 ALA A CA  1 
ATOM 830  C C   . ALA A 1 110 ? -17.325 -14.283 9.347   1.00 15.03 ? 110 ALA A C   1 
ATOM 831  O O   . ALA A 1 110 ? -18.167 -15.145 9.092   1.00 14.55 ? 110 ALA A O   1 
ATOM 832  C CB  . ALA A 1 110 ? -18.469 -12.406 10.532  1.00 13.91 ? 110 ALA A CB  1 
ATOM 833  N N   . GLY A 1 111 ? -16.073 -14.574 9.694   1.00 16.86 ? 111 GLY A N   1 
ATOM 834  C CA  . GLY A 1 111 ? -15.616 -15.952 9.757   1.00 19.53 ? 111 GLY A CA  1 
ATOM 835  C C   . GLY A 1 111 ? -15.115 -16.419 8.400   1.00 21.89 ? 111 GLY A C   1 
ATOM 836  O O   . GLY A 1 111 ? -15.448 -17.522 7.955   1.00 23.70 ? 111 GLY A O   1 
ATOM 837  N N   . GLU A 1 112 ? -14.304 -15.574 7.758   1.00 25.62 ? 112 GLU A N   1 
ATOM 838  C CA  . GLU A 1 112 ? -13.732 -15.825 6.431   1.00 26.71 ? 112 GLU A CA  1 
ATOM 839  C C   . GLU A 1 112 ? -14.857 -15.801 5.408   1.00 27.11 ? 112 GLU A C   1 
ATOM 840  O O   . GLU A 1 112 ? -15.075 -14.736 4.791   1.00 27.19 ? 112 GLU A O   1 
ATOM 841  C CB  . GLU A 1 112 ? -13.019 -17.185 6.381   1.00 25.79 ? 112 GLU A CB  1 
ATOM 842  C CG  . GLU A 1 112 ? -11.873 -17.332 7.369   1.00 27.06 ? 112 GLU A CG  1 
ATOM 843  C CD  . GLU A 1 112 ? -11.583 -18.779 7.718   1.00 26.49 ? 112 GLU A CD  1 
ATOM 844  O OE1 . GLU A 1 112 ? -10.634 -19.362 7.145   1.00 27.85 ? 112 GLU A OE1 1 
ATOM 845  O OE2 . GLU A 1 112 ? -12.316 -19.332 8.566   1.00 26.73 ? 112 GLU A OE2 1 
ATOM 846  N N   . GLN B 1 2   ? -0.918  2.259   13.834  1.00 12.01 ? 2   GLN B N   1 
ATOM 847  C CA  . GLN B 1 2   ? 0.433   2.836   13.588  1.00 11.64 ? 2   GLN B CA  1 
ATOM 848  C C   . GLN B 1 2   ? 0.345   3.889   12.506  1.00 12.50 ? 2   GLN B C   1 
ATOM 849  O O   . GLN B 1 2   ? -0.478  3.784   11.592  1.00 10.94 ? 2   GLN B O   1 
ATOM 850  C CG  . GLN B 1 2   ? 1.763   0.824   14.363  1.00 14.14 ? 2   GLN B CG  1 
ATOM 851  C CD  . GLN B 1 2   ? 2.466   -0.438  13.922  1.00 14.66 ? 2   GLN B CD  1 
ATOM 852  O OE1 . GLN B 1 2   ? 1.855   -1.324  13.317  1.00 16.64 ? 2   GLN B OE1 1 
ATOM 853  N NE2 . GLN B 1 2   ? 3.754   -0.530  14.214  1.00 14.76 ? 2   GLN B NE2 1 
ATOM 854  N N   . TYR B 1 3   ? 1.183   4.913   12.616  1.00 11.87 ? 3   TYR B N   1 
ATOM 855  C CA  . TYR B 1 3   ? 1.151   6.000   11.654  1.00 11.27 ? 3   TYR B CA  1 
ATOM 856  C C   . TYR B 1 3   ? 2.505   6.614   11.327  1.00 11.41 ? 3   TYR B C   1 
ATOM 857  O O   . TYR B 1 3   ? 3.417   6.633   12.154  1.00 11.67 ? 3   TYR B O   1 
ATOM 858  C CB  . TYR B 1 3   ? 0.210   7.099   12.169  1.00 11.21 ? 3   TYR B CB  1 
ATOM 859  C CG  . TYR B 1 3   ? 0.236   8.360   11.344  1.00 11.17 ? 3   TYR B CG  1 
ATOM 860  C CD1 . TYR B 1 3   ? 1.246   9.303   11.512  1.00 12.28 ? 3   TYR B CD1 1 
ATOM 861  C CD2 . TYR B 1 3   ? -0.709  8.577   10.343  1.00 11.93 ? 3   TYR B CD2 1 
ATOM 862  C CE1 . TYR B 1 3   ? 1.321   10.425  10.699  1.00 12.44 ? 3   TYR B CE1 1 
ATOM 863  C CE2 . TYR B 1 3   ? -0.640  9.696   9.525   1.00 11.58 ? 3   TYR B CE2 1 
ATOM 864  C CZ  . TYR B 1 3   ? 0.378   10.610  9.708   1.00 11.46 ? 3   TYR B CZ  1 
ATOM 865  O OH  . TYR B 1 3   ? 0.478   11.700  8.884   1.00 12.83 ? 3   TYR B OH  1 
ATOM 866  N N   . ALA B 1 4   ? 2.623   7.120   10.105  1.00 10.75 ? 4   ALA B N   1 
ATOM 867  C CA  . ALA B 1 4   ? 3.835   7.788   9.653   1.00 10.96 ? 4   ALA B CA  1 
ATOM 868  C C   . ALA B 1 4   ? 3.486   8.718   8.499   1.00 11.94 ? 4   ALA B C   1 
ATOM 869  O O   . ALA B 1 4   ? 2.543   8.465   7.754   1.00 11.51 ? 4   ALA B O   1 
ATOM 870  C CB  . ALA B 1 4   ? 4.864   6.764   9.195   1.00 12.89 ? 4   ALA B CB  1 
ATOM 871  N N   . THR B 1 5   ? 4.221   9.816   8.378   1.00 12.33 ? 5   THR B N   1 
ATOM 872  C CA  . THR B 1 5   ? 4.023   10.734  7.262   1.00 12.55 ? 5   THR B CA  1 
ATOM 873  C C   . THR B 1 5   ? 5.242   10.487  6.386   1.00 12.53 ? 5   THR B C   1 
ATOM 874  O O   . THR B 1 5   ? 6.370   10.767  6.793   1.00 14.18 ? 5   THR B O   1 
ATOM 875  C CB  . THR B 1 5   ? 4.030   12.221  7.696   1.00 13.58 ? 5   THR B CB  1 
ATOM 876  O OG1 . THR B 1 5   ? 2.937   12.472  8.585   1.00 15.74 ? 5   THR B OG1 1 
ATOM 877  C CG2 . THR B 1 5   ? 3.899   13.133  6.474   1.00 15.79 ? 5   THR B CG2 1 
ATOM 878  N N   . LEU B 1 6   ? 5.034   9.933   5.197   1.00 10.67 ? 6   LEU B N   1 
ATOM 879  C CA  . LEU B 1 6   ? 6.158   9.668   4.309   1.00 12.44 ? 6   LEU B CA  1 
ATOM 880  C C   . LEU B 1 6   ? 6.603   10.934  3.617   1.00 12.35 ? 6   LEU B C   1 
ATOM 881  O O   . LEU B 1 6   ? 5.792   11.656  3.045   1.00 15.10 ? 6   LEU B O   1 
ATOM 882  C CB  . LEU B 1 6   ? 5.807   8.615   3.257   1.00 12.17 ? 6   LEU B CB  1 
ATOM 883  C CG  . LEU B 1 6   ? 5.881   7.152   3.707   1.00 12.85 ? 6   LEU B CG  1 
ATOM 884  C CD1 . LEU B 1 6   ? 4.765   6.864   4.693   1.00 12.73 ? 6   LEU B CD1 1 
ATOM 885  C CD2 . LEU B 1 6   ? 5.784   6.232   2.490   1.00 15.79 ? 6   LEU B CD2 1 
ATOM 886  N N   . GLU B 1 7   ? 7.900   11.192  3.688   1.00 12.06 ? 7   GLU B N   1 
ATOM 887  C CA  . GLU B 1 7   ? 8.492   12.369  3.071   1.00 14.58 ? 7   GLU B CA  1 
ATOM 888  C C   . GLU B 1 7   ? 8.946   12.042  1.657   1.00 13.81 ? 7   GLU B C   1 
ATOM 889  O O   . GLU B 1 7   ? 9.224   12.935  0.862   1.00 14.59 ? 7   GLU B O   1 
ATOM 890  C CB  . GLU B 1 7   ? 9.686   12.837  3.905   1.00 17.20 ? 7   GLU B CB  1 
ATOM 891  C CG  . GLU B 1 7   ? 9.309   13.490  5.224   1.00 21.82 ? 7   GLU B CG  1 
ATOM 892  C CD  . GLU B 1 7   ? 8.304   12.680  6.008   1.00 25.21 ? 7   GLU B CD  1 
ATOM 893  O OE1 . GLU B 1 7   ? 8.648   11.562  6.459   1.00 27.76 ? 7   GLU B OE1 1 
ATOM 894  O OE2 . GLU B 1 7   ? 7.158   13.157  6.170   1.00 29.21 ? 7   GLU B OE2 1 
ATOM 895  N N   . LEU B 1 8   ? 9.020   10.750  1.352   1.00 12.18 ? 8   LEU B N   1 
ATOM 896  C CA  . LEU B 1 8   ? 9.440   10.292  0.034   1.00 13.20 ? 8   LEU B CA  1 
ATOM 897  C C   . LEU B 1 8   ? 10.766  10.912  -0.410  1.00 13.16 ? 8   LEU B C   1 
ATOM 898  O O   . LEU B 1 8   ? 10.880  11.449  -1.513  1.00 13.29 ? 8   LEU B O   1 
ATOM 899  C CB  . LEU B 1 8   ? 8.339   10.582  -0.997  1.00 14.17 ? 8   LEU B CB  1 
ATOM 900  C CG  . LEU B 1 8   ? 7.012   9.842   -0.764  1.00 14.02 ? 8   LEU B CG  1 
ATOM 901  C CD1 . LEU B 1 8   ? 5.960   10.275  -1.770  1.00 15.84 ? 8   LEU B CD1 1 
ATOM 902  C CD2 . LEU B 1 8   ? 7.256   8.343   -0.851  1.00 14.36 ? 8   LEU B CD2 1 
ATOM 903  N N   . ASN B 1 9   ? 11.768  10.817  0.459   1.00 12.26 ? 9   ASN B N   1 
ATOM 904  C CA  . ASN B 1 9   ? 13.093  11.338  0.156   1.00 13.15 ? 9   ASN B CA  1 
ATOM 905  C C   . ASN B 1 9   ? 14.194  10.366  0.581   1.00 11.97 ? 9   ASN B C   1 
ATOM 906  O O   . ASN B 1 9   ? 15.370  10.727  0.628   1.00 13.71 ? 9   ASN B O   1 
ATOM 907  C CB  . ASN B 1 9   ? 13.287  12.720  0.808   1.00 16.21 ? 9   ASN B CB  1 
ATOM 908  C CG  . ASN B 1 9   ? 12.979  12.737  2.300   1.00 17.60 ? 9   ASN B CG  1 
ATOM 909  O OD1 . ASN B 1 9   ? 12.725  13.806  2.872   1.00 20.30 ? 9   ASN B OD1 1 
ATOM 910  N ND2 . ASN B 1 9   ? 13.017  11.576  2.939   1.00 17.99 ? 9   ASN B ND2 1 
ATOM 911  N N   . ASN B 1 10  ? 13.799  9.121   0.855   1.00 10.03 ? 10  ASN B N   1 
ATOM 912  C CA  . ASN B 1 10  ? 14.727  8.073   1.282   1.00 10.69 ? 10  ASN B CA  1 
ATOM 913  C C   . ASN B 1 10  ? 14.885  6.969   0.242   1.00 10.03 ? 10  ASN B C   1 
ATOM 914  O O   . ASN B 1 10  ? 13.897  6.500   -0.318  1.00 10.64 ? 10  ASN B O   1 
ATOM 915  C CB  . ASN B 1 10  ? 14.235  7.435   2.584   1.00 12.22 ? 10  ASN B CB  1 
ATOM 916  C CG  . ASN B 1 10  ? 14.287  8.386   3.755   1.00 13.03 ? 10  ASN B CG  1 
ATOM 917  O OD1 . ASN B 1 10  ? 15.362  8.684   4.281   1.00 15.46 ? 10  ASN B OD1 1 
ATOM 918  N ND2 . ASN B 1 10  ? 13.126  8.878   4.167   1.00 13.58 ? 10  ASN B ND2 1 
ATOM 919  N N   . ALA B 1 11  ? 16.121  6.546   -0.002  1.00 9.85  ? 11  ALA B N   1 
ATOM 920  C CA  . ALA B 1 11  ? 16.384  5.479   -0.966  1.00 9.66  ? 11  ALA B CA  1 
ATOM 921  C C   . ALA B 1 11  ? 15.583  4.242   -0.551  1.00 9.35  ? 11  ALA B C   1 
ATOM 922  O O   . ALA B 1 11  ? 14.933  3.602   -1.378  1.00 10.83 ? 11  ALA B O   1 
ATOM 923  C CB  . ALA B 1 11  ? 17.874  5.165   -1.006  1.00 11.91 ? 11  ALA B CB  1 
ATOM 924  N N   . PHE B 1 12  ? 15.650  3.899   0.732   1.00 9.70  ? 12  PHE B N   1 
ATOM 925  C CA  . PHE B 1 12  ? 14.888  2.776   1.259   1.00 9.92  ? 12  PHE B CA  1 
ATOM 926  C C   . PHE B 1 12  ? 14.780  2.906   2.768   1.00 10.40 ? 12  PHE B C   1 
ATOM 927  O O   . PHE B 1 12  ? 15.778  2.834   3.486   1.00 11.51 ? 12  PHE B O   1 
ATOM 928  C CB  . PHE B 1 12  ? 15.526  1.427   0.898   1.00 10.58 ? 12  PHE B CB  1 
ATOM 929  C CG  . PHE B 1 12  ? 14.610  0.248   1.131   1.00 10.12 ? 12  PHE B CG  1 
ATOM 930  C CD1 . PHE B 1 12  ? 14.752  -0.554  2.260   1.00 11.87 ? 12  PHE B CD1 1 
ATOM 931  C CD2 . PHE B 1 12  ? 13.586  -0.040  0.229   1.00 10.87 ? 12  PHE B CD2 1 
ATOM 932  C CE1 . PHE B 1 12  ? 13.886  -1.627  2.490   1.00 11.25 ? 12  PHE B CE1 1 
ATOM 933  C CE2 . PHE B 1 12  ? 12.713  -1.111  0.449   1.00 11.27 ? 12  PHE B CE2 1 
ATOM 934  C CZ  . PHE B 1 12  ? 12.866  -1.905  1.585   1.00 11.56 ? 12  PHE B CZ  1 
ATOM 935  N N   . LYS B 1 13  ? 13.560  3.102   3.246   1.00 9.72  ? 13  LYS B N   1 
ATOM 936  C CA  . LYS B 1 13  ? 13.327  3.252   4.674   1.00 10.73 ? 13  LYS B CA  1 
ATOM 937  C C   . LYS B 1 13  ? 12.174  2.378   5.144   1.00 10.60 ? 13  LYS B C   1 
ATOM 938  O O   . LYS B 1 13  ? 11.032  2.558   4.723   1.00 9.24  ? 13  LYS B O   1 
ATOM 939  C CB  . LYS B 1 13  ? 13.021  4.718   5.000   1.00 12.06 ? 13  LYS B CB  1 
ATOM 940  C CG  . LYS B 1 13  ? 12.832  5.018   6.492   1.00 13.28 ? 13  LYS B CG  1 
ATOM 941  C CD  . LYS B 1 13  ? 12.351  6.446   6.704   1.00 16.75 ? 13  LYS B CD  1 
ATOM 942  C CE  . LYS B 1 13  ? 12.267  6.804   8.179   1.00 20.49 ? 13  LYS B CE  1 
ATOM 943  N NZ  . LYS B 1 13  ? 11.581  8.117   8.366   1.00 23.49 ? 13  LYS B NZ  1 
ATOM 944  N N   . VAL B 1 14  ? 12.480  1.426   6.018   1.00 10.03 ? 14  VAL B N   1 
ATOM 945  C CA  . VAL B 1 14  ? 11.457  0.547   6.565   1.00 10.11 ? 14  VAL B CA  1 
ATOM 946  C C   . VAL B 1 14  ? 10.648  1.370   7.566   1.00 11.35 ? 14  VAL B C   1 
ATOM 947  O O   . VAL B 1 14  ? 11.213  2.038   8.434   1.00 11.42 ? 14  VAL B O   1 
ATOM 948  C CB  . VAL B 1 14  ? 12.093  -0.673  7.257   1.00 10.78 ? 14  VAL B CB  1 
ATOM 949  C CG1 . VAL B 1 14  ? 11.017  -1.500  7.949   1.00 11.42 ? 14  VAL B CG1 1 
ATOM 950  C CG2 . VAL B 1 14  ? 12.822  -1.519  6.229   1.00 11.59 ? 14  VAL B CG2 1 
ATOM 951  N N   . LEU B 1 15  ? 9.327   1.332   7.433   1.00 10.96 ? 15  LEU B N   1 
ATOM 952  C CA  . LEU B 1 15  ? 8.439   2.102   8.293   1.00 11.25 ? 15  LEU B CA  1 
ATOM 953  C C   . LEU B 1 15  ? 7.953   1.368   9.541   1.00 13.36 ? 15  LEU B C   1 
ATOM 954  O O   . LEU B 1 15  ? 8.324   1.726   10.656  1.00 16.48 ? 15  LEU B O   1 
ATOM 955  C CB  . LEU B 1 15  ? 7.252   2.602   7.467   1.00 12.18 ? 15  LEU B CB  1 
ATOM 956  C CG  . LEU B 1 15  ? 7.659   3.488   6.283   1.00 13.35 ? 15  LEU B CG  1 
ATOM 957  C CD1 . LEU B 1 15  ? 6.477   3.650   5.326   1.00 14.18 ? 15  LEU B CD1 1 
ATOM 958  C CD2 . LEU B 1 15  ? 8.152   4.844   6.793   1.00 12.88 ? 15  LEU B CD2 1 
ATOM 959  N N   . PHE B 1 16  ? 7.101   0.368   9.357   1.00 11.42 ? 16  PHE B N   1 
ATOM 960  C CA  . PHE B 1 16  ? 6.589   -0.420  10.471  1.00 10.61 ? 16  PHE B CA  1 
ATOM 961  C C   . PHE B 1 16  ? 5.842   -1.633  9.953   1.00 9.86  ? 16  PHE B C   1 
ATOM 962  O O   . PHE B 1 16  ? 5.550   -1.719  8.762   1.00 9.92  ? 16  PHE B O   1 
ATOM 963  C CB  . PHE B 1 16  ? 5.692   0.425   11.400  1.00 11.80 ? 16  PHE B CB  1 
ATOM 964  C CG  . PHE B 1 16  ? 4.642   1.247   10.691  1.00 12.26 ? 16  PHE B CG  1 
ATOM 965  C CD1 . PHE B 1 16  ? 3.488   0.654   10.177  1.00 13.85 ? 16  PHE B CD1 1 
ATOM 966  C CD2 . PHE B 1 16  ? 4.791   2.628   10.575  1.00 14.18 ? 16  PHE B CD2 1 
ATOM 967  C CE1 . PHE B 1 16  ? 2.498   1.429   9.560   1.00 15.65 ? 16  PHE B CE1 1 
ATOM 968  C CE2 . PHE B 1 16  ? 3.808   3.408   9.962   1.00 15.01 ? 16  PHE B CE2 1 
ATOM 969  C CZ  . PHE B 1 16  ? 2.659   2.809   9.454   1.00 13.18 ? 16  PHE B CZ  1 
ATOM 970  N N   . SER B 1 17  ? 5.562   -2.580  10.842  1.00 10.33 ? 17  SER B N   1 
ATOM 971  C CA  . SER B 1 17  ? 4.857   -3.800  10.462  1.00 9.18  ? 17  SER B CA  1 
ATOM 972  C C   . SER B 1 17  ? 3.606   -4.039  11.298  1.00 9.22  ? 17  SER B C   1 
ATOM 973  O O   . SER B 1 17  ? 3.470   -3.530  12.407  1.00 10.10 ? 17  SER B O   1 
ATOM 974  C CB  . SER B 1 17  ? 5.774   -5.022  10.615  1.00 10.85 ? 17  SER B CB  1 
ATOM 975  O OG  . SER B 1 17  ? 6.869   -4.994  9.717   1.00 11.82 ? 17  SER B OG  1 
ATOM 976  N N   . LEU B 1 18  ? 2.684   -4.817  10.741  1.00 9.20  ? 18  LEU B N   1 
ATOM 977  C CA  . LEU B 1 18  ? 1.456   -5.178  11.434  1.00 9.72  ? 18  LEU B CA  1 
ATOM 978  C C   . LEU B 1 18  ? 0.993   -6.515  10.908  1.00 10.36 ? 18  LEU B C   1 
ATOM 979  O O   . LEU B 1 18  ? 0.780   -6.675  9.713   1.00 10.00 ? 18  LEU B O   1 
ATOM 980  C CB  . LEU B 1 18  ? 0.345   -4.147  11.213  1.00 10.85 ? 18  LEU B CB  1 
ATOM 981  C CG  . LEU B 1 18  ? -0.990  -4.589  11.830  1.00 11.84 ? 18  LEU B CG  1 
ATOM 982  C CD1 . LEU B 1 18  ? -0.831  -4.732  13.347  1.00 13.61 ? 18  LEU B CD1 1 
ATOM 983  C CD2 . LEU B 1 18  ? -2.088  -3.597  11.489  1.00 12.50 ? 18  LEU B CD2 1 
ATOM 984  N N   . ARG B 1 19  ? 0.847   -7.480  11.806  1.00 11.43 ? 19  ARG B N   1 
ATOM 985  C CA  . ARG B 1 19  ? 0.392   -8.813  11.438  1.00 11.92 ? 19  ARG B CA  1 
ATOM 986  C C   . ARG B 1 19  ? 0.911   -9.353  10.105  1.00 11.12 ? 19  ARG B C   1 
ATOM 987  O O   . ARG B 1 19  ? 0.135   -9.663  9.198   1.00 12.40 ? 19  ARG B O   1 
ATOM 988  C CB  . ARG B 1 19  ? -1.133  -8.863  11.460  1.00 11.67 ? 19  ARG B CB  1 
ATOM 989  C CG  . ARG B 1 19  ? -1.729  -8.601  12.838  1.00 15.13 ? 19  ARG B CG  1 
ATOM 990  C CD  . ARG B 1 19  ? -3.080  -9.273  12.990  1.00 19.63 ? 19  ARG B CD  1 
ATOM 991  N NE  . ARG B 1 19  ? -3.695  -8.987  14.283  1.00 22.38 ? 19  ARG B NE  1 
ATOM 992  C CZ  . ARG B 1 19  ? -4.593  -9.773  14.867  1.00 21.76 ? 19  ARG B CZ  1 
ATOM 993  N NH1 . ARG B 1 19  ? -4.973  -10.896 14.269  1.00 24.38 ? 19  ARG B NH1 1 
ATOM 994  N NH2 . ARG B 1 19  ? -5.107  -9.437  16.046  1.00 22.91 ? 19  ARG B NH2 1 
ATOM 995  N N   . GLN B 1 20  ? 2.231   -9.453  9.999   1.00 11.94 ? 20  GLN B N   1 
ATOM 996  C CA  . GLN B 1 20  ? 2.905   -9.998  8.831   1.00 11.00 ? 20  GLN B CA  1 
ATOM 997  C C   . GLN B 1 20  ? 2.894   -9.203  7.537   1.00 10.12 ? 20  GLN B C   1 
ATOM 998  O O   . GLN B 1 20  ? 3.080   -9.761  6.455   1.00 11.52 ? 20  GLN B O   1 
ATOM 999  C CB  . GLN B 1 20  ? 2.409   -11.424 8.581   1.00 12.13 ? 20  GLN B CB  1 
ATOM 1000 C CG  . GLN B 1 20  ? 2.848   -12.381 9.687   1.00 17.53 ? 20  GLN B CG  1 
ATOM 1001 C CD  . GLN B 1 20  ? 4.359   -12.479 9.774   1.00 19.25 ? 20  GLN B CD  1 
ATOM 1002 O OE1 . GLN B 1 20  ? 5.009   -13.013 8.876   1.00 23.36 ? 20  GLN B OE1 1 
ATOM 1003 N NE2 . GLN B 1 20  ? 4.928   -11.957 10.851  1.00 23.08 ? 20  GLN B NE2 1 
ATOM 1004 N N   . VAL B 1 21  ? 2.664   -7.899  7.649   1.00 9.70  ? 21  VAL B N   1 
ATOM 1005 C CA  . VAL B 1 21  ? 2.722   -7.016  6.490   1.00 8.15  ? 21  VAL B CA  1 
ATOM 1006 C C   . VAL B 1 21  ? 3.641   -5.877  6.912   1.00 7.84  ? 21  VAL B C   1 
ATOM 1007 O O   . VAL B 1 21  ? 3.489   -5.307  7.999   1.00 8.18  ? 21  VAL B O   1 
ATOM 1008 C CB  . VAL B 1 21  ? 1.339   -6.472  6.080   1.00 7.56  ? 21  VAL B CB  1 
ATOM 1009 C CG1 . VAL B 1 21  ? 1.496   -5.436  4.964   1.00 9.51  ? 21  VAL B CG1 1 
ATOM 1010 C CG2 . VAL B 1 21  ? 0.468   -7.617  5.581   1.00 8.95  ? 21  VAL B CG2 1 
ATOM 1011 N N   . GLN B 1 22  ? 4.603   -5.564  6.053   1.00 7.72  ? 22  GLN B N   1 
ATOM 1012 C CA  . GLN B 1 22  ? 5.590   -4.530  6.341   1.00 7.87  ? 22  GLN B CA  1 
ATOM 1013 C C   . GLN B 1 22  ? 5.614   -3.444  5.276   1.00 7.79  ? 22  GLN B C   1 
ATOM 1014 O O   . GLN B 1 22  ? 5.615   -3.731  4.084   1.00 8.12  ? 22  GLN B O   1 
ATOM 1015 C CB  . GLN B 1 22  ? 6.968   -5.187  6.456   1.00 8.25  ? 22  GLN B CB  1 
ATOM 1016 C CG  . GLN B 1 22  ? 8.152   -4.237  6.521   1.00 9.35  ? 22  GLN B CG  1 
ATOM 1017 C CD  . GLN B 1 22  ? 9.461   -4.991  6.634   1.00 9.57  ? 22  GLN B CD  1 
ATOM 1018 O OE1 . GLN B 1 22  ? 9.836   -5.745  5.735   1.00 8.81  ? 22  GLN B OE1 1 
ATOM 1019 N NE2 . GLN B 1 22  ? 10.157  -4.801  7.748   1.00 9.94  ? 22  GLN B NE2 1 
ATOM 1020 N N   . ALA B 1 23  ? 5.627   -2.192  5.716   1.00 8.41  ? 23  ALA B N   1 
ATOM 1021 C CA  . ALA B 1 23  ? 5.656   -1.070  4.789   1.00 8.35  ? 23  ALA B CA  1 
ATOM 1022 C C   . ALA B 1 23  ? 7.043   -0.441  4.716   1.00 8.68  ? 23  ALA B C   1 
ATOM 1023 O O   . ALA B 1 23  ? 7.790   -0.424  5.696   1.00 8.88  ? 23  ALA B O   1 
ATOM 1024 C CB  . ALA B 1 23  ? 4.631   -0.020  5.209   1.00 9.05  ? 23  ALA B CB  1 
ATOM 1025 N N   . ALA B 1 24  ? 7.384   0.065   3.539   1.00 8.17  ? 24  ALA B N   1 
ATOM 1026 C CA  . ALA B 1 24  ? 8.664   0.720   3.331   1.00 8.17  ? 24  ALA B CA  1 
ATOM 1027 C C   . ALA B 1 24  ? 8.573   1.806   2.270   1.00 8.72  ? 24  ALA B C   1 
ATOM 1028 O O   . ALA B 1 24  ? 7.785   1.713   1.325   1.00 9.63  ? 24  ALA B O   1 
ATOM 1029 C CB  . ALA B 1 24  ? 9.724   -0.297  2.936   1.00 9.41  ? 24  ALA B CB  1 
ATOM 1030 N N   . GLU B 1 25  ? 9.381   2.846   2.438   1.00 8.88  ? 25  GLU B N   1 
ATOM 1031 C CA  . GLU B 1 25  ? 9.442   3.937   1.476   1.00 8.93  ? 25  GLU B CA  1 
ATOM 1032 C C   . GLU B 1 25  ? 10.646  3.656   0.593   1.00 8.46  ? 25  GLU B C   1 
ATOM 1033 O O   . GLU B 1 25  ? 11.703  3.269   1.087   1.00 9.11  ? 25  GLU B O   1 
ATOM 1034 C CB  . GLU B 1 25  ? 9.648   5.275   2.189   1.00 9.85  ? 25  GLU B CB  1 
ATOM 1035 C CG  . GLU B 1 25  ? 9.961   6.425   1.243   1.00 11.82 ? 25  GLU B CG  1 
ATOM 1036 C CD  . GLU B 1 25  ? 10.072  7.743   1.968   1.00 10.63 ? 25  GLU B CD  1 
ATOM 1037 O OE1 . GLU B 1 25  ? 9.058   8.165   2.563   1.00 11.20 ? 25  GLU B OE1 1 
ATOM 1038 O OE2 . GLU B 1 25  ? 11.167  8.351   1.942   1.00 11.86 ? 25  GLU B OE2 1 
ATOM 1039 N N   . MET B 1 26  ? 10.489  3.828   -0.715  1.00 9.05  ? 26  MET B N   1 
ATOM 1040 C CA  . MET B 1 26  ? 11.600  3.594   -1.626  1.00 10.05 ? 26  MET B CA  1 
ATOM 1041 C C   . MET B 1 26  ? 11.590  4.632   -2.739  1.00 10.36 ? 26  MET B C   1 
ATOM 1042 O O   . MET B 1 26  ? 10.620  4.743   -3.487  1.00 10.31 ? 26  MET B O   1 
ATOM 1043 C CB  . MET B 1 26  ? 11.535  2.174   -2.223  1.00 8.94  ? 26  MET B CB  1 
ATOM 1044 C CG  . MET B 1 26  ? 12.694  1.843   -3.177  1.00 10.38 ? 26  MET B CG  1 
ATOM 1045 S SD  . MET B 1 26  ? 12.750  0.104   -3.768  1.00 8.86  ? 26  MET B SD  1 
ATOM 1046 C CE  . MET B 1 26  ? 11.289  0.066   -4.732  1.00 10.99 ? 26  MET B CE  1 
ATOM 1047 N N   . VAL B 1 27  ? 12.660  5.415   -2.816  1.00 10.04 ? 27  VAL B N   1 
ATOM 1048 C CA  . VAL B 1 27  ? 12.784  6.430   -3.853  1.00 9.38  ? 27  VAL B CA  1 
ATOM 1049 C C   . VAL B 1 27  ? 13.997  6.058   -4.681  1.00 9.33  ? 27  VAL B C   1 
ATOM 1050 O O   . VAL B 1 27  ? 15.109  5.938   -4.158  1.00 10.76 ? 27  VAL B O   1 
ATOM 1051 C CB  . VAL B 1 27  ? 12.986  7.844   -3.265  1.00 10.60 ? 27  VAL B CB  1 
ATOM 1052 C CG1 . VAL B 1 27  ? 13.116  8.862   -4.393  1.00 11.84 ? 27  VAL B CG1 1 
ATOM 1053 C CG2 . VAL B 1 27  ? 11.824  8.193   -2.354  1.00 10.73 ? 27  VAL B CG2 1 
ATOM 1054 N N   . ILE B 1 28  ? 13.774  5.867   -5.977  1.00 9.80  ? 28  ILE B N   1 
ATOM 1055 C CA  . ILE B 1 28  ? 14.832  5.478   -6.892  1.00 9.56  ? 28  ILE B CA  1 
ATOM 1056 C C   . ILE B 1 28  ? 15.229  6.626   -7.812  1.00 10.33 ? 28  ILE B C   1 
ATOM 1057 O O   . ILE B 1 28  ? 14.398  7.184   -8.529  1.00 10.67 ? 28  ILE B O   1 
ATOM 1058 C CB  . ILE B 1 28  ? 14.380  4.260   -7.723  1.00 10.60 ? 28  ILE B CB  1 
ATOM 1059 C CG1 . ILE B 1 28  ? 13.981  3.130   -6.771  1.00 10.35 ? 28  ILE B CG1 1 
ATOM 1060 C CG2 . ILE B 1 28  ? 15.508  3.789   -8.634  1.00 10.81 ? 28  ILE B CG2 1 
ATOM 1061 C CD1 . ILE B 1 28  ? 13.462  1.884   -7.466  1.00 11.91 ? 28  ILE B CD1 1 
ATOM 1062 N N   . ALA B 1 29  ? 16.506  6.978   -7.790  1.00 10.83 ? 29  ALA B N   1 
ATOM 1063 C CA  . ALA B 1 29  ? 16.991  8.069   -8.619  1.00 12.27 ? 29  ALA B CA  1 
ATOM 1064 C C   . ALA B 1 29  ? 17.053  7.651   -10.084 1.00 13.11 ? 29  ALA B C   1 
ATOM 1065 O O   . ALA B 1 29  ? 17.092  6.465   -10.400 1.00 11.66 ? 29  ALA B O   1 
ATOM 1066 C CB  . ALA B 1 29  ? 18.372  8.509   -8.142  1.00 12.96 ? 29  ALA B CB  1 
ATOM 1067 N N   . PRO B 1 30  ? 17.054  8.629   -10.998 1.00 13.00 ? 30  PRO B N   1 
ATOM 1068 C CA  . PRO B 1 30  ? 17.118  8.336   -12.433 1.00 14.04 ? 30  PRO B CA  1 
ATOM 1069 C C   . PRO B 1 30  ? 18.304  7.436   -12.783 1.00 15.33 ? 30  PRO B C   1 
ATOM 1070 O O   . PRO B 1 30  ? 19.423  7.674   -12.340 1.00 15.82 ? 30  PRO B O   1 
ATOM 1071 C CB  . PRO B 1 30  ? 17.249  9.721   -13.049 1.00 14.16 ? 30  PRO B CB  1 
ATOM 1072 C CG  . PRO B 1 30  ? 16.428  10.571  -12.129 1.00 14.43 ? 30  PRO B CG  1 
ATOM 1073 C CD  . PRO B 1 30  ? 16.839  10.069  -10.764 1.00 13.59 ? 30  PRO B CD  1 
ATOM 1074 N N   . GLY B 1 31  ? 18.052  6.395   -13.571 1.00 16.23 ? 31  GLY B N   1 
ATOM 1075 C CA  . GLY B 1 31  ? 19.116  5.492   -13.980 1.00 17.50 ? 31  GLY B CA  1 
ATOM 1076 C C   . GLY B 1 31  ? 19.471  4.425   -12.964 1.00 18.19 ? 31  GLY B C   1 
ATOM 1077 O O   . GLY B 1 31  ? 20.299  3.552   -13.230 1.00 20.11 ? 31  GLY B O   1 
ATOM 1078 N N   . ASP B 1 32  ? 18.852  4.497   -11.793 1.00 17.16 ? 32  ASP B N   1 
ATOM 1079 C CA  . ASP B 1 32  ? 19.109  3.530   -10.739 1.00 17.76 ? 32  ASP B CA  1 
ATOM 1080 C C   . ASP B 1 32  ? 18.060  2.425   -10.734 1.00 16.46 ? 32  ASP B C   1 
ATOM 1081 O O   . ASP B 1 32  ? 17.039  2.500   -11.429 1.00 15.92 ? 32  ASP B O   1 
ATOM 1082 C CB  . ASP B 1 32  ? 19.112  4.218   -9.370  1.00 18.27 ? 32  ASP B CB  1 
ATOM 1083 C CG  . ASP B 1 32  ? 20.361  5.048   -9.125  1.00 21.19 ? 32  ASP B CG  1 
ATOM 1084 O OD1 . ASP B 1 32  ? 20.383  5.785   -8.112  1.00 23.87 ? 32  ASP B OD1 1 
ATOM 1085 O OD2 . ASP B 1 32  ? 21.313  4.963   -9.928  1.00 22.52 ? 32  ASP B OD2 1 
ATOM 1086 N N   . ARG B 1 33  ? 18.325  1.394   -9.941  1.00 16.10 ? 33  ARG B N   1 
ATOM 1087 C CA  . ARG B 1 33  ? 17.411  0.273   -9.794  1.00 17.02 ? 33  ARG B CA  1 
ATOM 1088 C C   . ARG B 1 33  ? 17.634  -0.370  -8.433  1.00 17.38 ? 33  ARG B C   1 
ATOM 1089 O O   . ARG B 1 33  ? 18.712  -0.253  -7.855  1.00 18.54 ? 33  ARG B O   1 
ATOM 1090 C CB  . ARG B 1 33  ? 17.640  -0.752  -10.906 1.00 19.21 ? 33  ARG B CB  1 
ATOM 1091 C CG  . ARG B 1 33  ? 19.082  -1.150  -11.095 1.00 20.93 ? 33  ARG B CG  1 
ATOM 1092 C CD  . ARG B 1 33  ? 19.351  -1.459  -12.559 1.00 24.05 ? 33  ARG B CD  1 
ATOM 1093 N NE  . ARG B 1 33  ? 20.782  -1.503  -12.851 1.00 24.90 ? 33  ARG B NE  1 
ATOM 1094 C CZ  . ARG B 1 33  ? 21.601  -2.457  -12.425 1.00 25.19 ? 33  ARG B CZ  1 
ATOM 1095 N NH1 . ARG B 1 33  ? 22.891  -2.411  -12.734 1.00 25.59 ? 33  ARG B NH1 1 
ATOM 1096 N NH2 . ARG B 1 33  ? 21.126  -3.468  -11.702 1.00 25.17 ? 33  ARG B NH2 1 
ATOM 1097 N N   . GLU B 1 34  ? 16.601  -1.016  -7.908  1.00 16.53 ? 34  GLU B N   1 
ATOM 1098 C CA  . GLU B 1 34  ? 16.712  -1.689  -6.625  1.00 17.50 ? 34  GLU B CA  1 
ATOM 1099 C C   . GLU B 1 34  ? 16.112  -3.079  -6.791  1.00 18.42 ? 34  GLU B C   1 
ATOM 1100 O O   . GLU B 1 34  ? 15.067  -3.234  -7.418  1.00 16.83 ? 34  GLU B O   1 
ATOM 1101 C CB  . GLU B 1 34  ? 15.989  -0.883  -5.535  1.00 18.61 ? 34  GLU B CB  1 
ATOM 1102 C CG  . GLU B 1 34  ? 16.604  0.514   -5.321  1.00 20.42 ? 34  GLU B CG  1 
ATOM 1103 C CD  . GLU B 1 34  ? 16.213  1.172   -3.998  1.00 23.26 ? 34  GLU B CD  1 
ATOM 1104 O OE1 . GLU B 1 34  ? 16.381  0.524   -2.940  1.00 25.14 ? 34  GLU B OE1 1 
ATOM 1105 O OE2 . GLU B 1 34  ? 15.754  2.338   -4.006  1.00 24.56 ? 34  GLU B OE2 1 
ATOM 1106 N N   . GLY B 1 35  ? 16.791  -4.084  -6.246  1.00 18.12 ? 35  GLY B N   1 
ATOM 1107 C CA  . GLY B 1 35  ? 16.319  -5.448  -6.379  1.00 21.17 ? 35  GLY B CA  1 
ATOM 1108 C C   . GLY B 1 35  ? 14.886  -5.677  -5.958  1.00 23.11 ? 35  GLY B C   1 
ATOM 1109 O O   . GLY B 1 35  ? 13.936  -5.158  -6.553  1.00 25.05 ? 35  GLY B O   1 
ATOM 1110 N N   . GLY B 1 36  ? 14.742  -6.490  -4.922  1.00 23.04 ? 36  GLY B N   1 
ATOM 1111 C CA  . GLY B 1 36  ? 13.439  -6.827  -4.385  1.00 20.59 ? 36  GLY B CA  1 
ATOM 1112 C C   . GLY B 1 36  ? 13.614  -8.202  -3.784  1.00 18.86 ? 36  GLY B C   1 
ATOM 1113 O O   . GLY B 1 36  ? 14.587  -8.884  -4.111  1.00 20.97 ? 36  GLY B O   1 
ATOM 1114 N N   . PRO B 1 37  ? 12.715  -8.643  -2.899  1.00 16.59 ? 37  PRO B N   1 
ATOM 1115 C CA  . PRO B 1 37  ? 12.899  -9.979  -2.327  1.00 16.71 ? 37  PRO B CA  1 
ATOM 1116 C C   . PRO B 1 37  ? 12.931  -11.062 -3.408  1.00 18.68 ? 37  PRO B C   1 
ATOM 1117 O O   . PRO B 1 37  ? 12.158  -11.024 -4.364  1.00 19.79 ? 37  PRO B O   1 
ATOM 1118 C CB  . PRO B 1 37  ? 11.691  -10.132 -1.404  1.00 16.08 ? 37  PRO B CB  1 
ATOM 1119 C CG  . PRO B 1 37  ? 11.382  -8.711  -1.005  1.00 16.79 ? 37  PRO B CG  1 
ATOM 1120 C CD  . PRO B 1 37  ? 11.556  -7.962  -2.299  1.00 15.76 ? 37  PRO B CD  1 
ATOM 1121 N N   . ASP B 1 38  ? 13.830  -12.021 -3.250  1.00 19.56 ? 38  ASP B N   1 
ATOM 1122 C CA  . ASP B 1 38  ? 13.953  -13.122 -4.196  1.00 20.88 ? 38  ASP B CA  1 
ATOM 1123 C C   . ASP B 1 38  ? 13.946  -14.436 -3.425  1.00 21.01 ? 38  ASP B C   1 
ATOM 1124 O O   . ASP B 1 38  ? 13.161  -14.611 -2.492  1.00 20.71 ? 38  ASP B O   1 
ATOM 1125 C CB  . ASP B 1 38  ? 15.246  -12.987 -5.007  1.00 23.07 ? 38  ASP B CB  1 
ATOM 1126 C CG  . ASP B 1 38  ? 16.450  -12.678 -4.135  1.00 24.96 ? 38  ASP B CG  1 
ATOM 1127 O OD1 . ASP B 1 38  ? 16.574  -13.279 -3.045  1.00 24.33 ? 38  ASP B OD1 1 
ATOM 1128 O OD2 . ASP B 1 38  ? 17.276  -11.829 -4.543  1.00 26.63 ? 38  ASP B OD2 1 
ATOM 1129 N N   . ASN B 1 39  ? 14.829  -15.352 -3.803  1.00 21.20 ? 39  ASN B N   1 
ATOM 1130 C CA  . ASN B 1 39  ? 14.908  -16.648 -3.142  1.00 21.45 ? 39  ASN B CA  1 
ATOM 1131 C C   . ASN B 1 39  ? 16.176  -16.793 -2.297  1.00 20.79 ? 39  ASN B C   1 
ATOM 1132 O O   . ASN B 1 39  ? 16.409  -17.834 -1.699  1.00 21.98 ? 39  ASN B O   1 
ATOM 1133 C CB  . ASN B 1 39  ? 14.857  -17.764 -4.187  1.00 22.97 ? 39  ASN B CB  1 
ATOM 1134 C CG  . ASN B 1 39  ? 13.563  -17.767 -4.963  1.00 24.78 ? 39  ASN B CG  1 
ATOM 1135 O OD1 . ASN B 1 39  ? 12.559  -18.330 -4.520  1.00 26.25 ? 39  ASN B OD1 1 
ATOM 1136 N ND2 . ASN B 1 39  ? 13.569  -17.111 -6.125  1.00 25.70 ? 39  ASN B ND2 1 
ATOM 1137 N N   . ARG B 1 40  ? 16.988  -15.748 -2.245  1.00 19.74 ? 40  ARG B N   1 
ATOM 1138 C CA  . ARG B 1 40  ? 18.233  -15.776 -1.480  1.00 19.78 ? 40  ARG B CA  1 
ATOM 1139 C C   . ARG B 1 40  ? 17.994  -15.562 0.018   1.00 18.16 ? 40  ARG B C   1 
ATOM 1140 O O   . ARG B 1 40  ? 18.604  -16.223 0.864   1.00 18.20 ? 40  ARG B O   1 
ATOM 1141 C CB  . ARG B 1 40  ? 19.176  -14.692 -1.997  1.00 20.75 ? 40  ARG B CB  1 
ATOM 1142 C CG  . ARG B 1 40  ? 20.600  -14.830 -1.495  1.00 22.63 ? 40  ARG B CG  1 
ATOM 1143 C CD  . ARG B 1 40  ? 21.482  -15.582 -2.488  1.00 23.56 ? 40  ARG B CD  1 
ATOM 1144 N NE  . ARG B 1 40  ? 21.827  -14.762 -3.648  1.00 25.86 ? 40  ARG B NE  1 
ATOM 1145 C CZ  . ARG B 1 40  ? 22.377  -13.551 -3.571  1.00 27.11 ? 40  ARG B CZ  1 
ATOM 1146 N NH1 . ARG B 1 40  ? 22.644  -13.023 -2.380  1.00 27.80 ? 40  ARG B NH1 1 
ATOM 1147 N NH2 . ARG B 1 40  ? 22.659  -12.866 -4.675  1.00 28.07 ? 40  ARG B NH2 1 
ATOM 1148 N N   . HIS B 1 41  ? 17.118  -14.617 0.337   1.00 16.81 ? 41  HIS B N   1 
ATOM 1149 C CA  . HIS B 1 41  ? 16.778  -14.309 1.718   1.00 15.95 ? 41  HIS B CA  1 
ATOM 1150 C C   . HIS B 1 41  ? 15.319  -14.681 1.934   1.00 14.59 ? 41  HIS B C   1 
ATOM 1151 O O   . HIS B 1 41  ? 14.769  -15.495 1.186   1.00 15.90 ? 41  HIS B O   1 
ATOM 1152 C CB  . HIS B 1 41  ? 17.009  -12.822 1.974   1.00 16.23 ? 41  HIS B CB  1 
ATOM 1153 C CG  . HIS B 1 41  ? 18.422  -12.392 1.742   1.00 18.59 ? 41  HIS B CG  1 
ATOM 1154 N ND1 . HIS B 1 41  ? 19.453  -12.732 2.593   1.00 21.22 ? 41  HIS B ND1 1 
ATOM 1155 C CD2 . HIS B 1 41  ? 18.981  -11.679 0.737   1.00 20.70 ? 41  HIS B CD2 1 
ATOM 1156 C CE1 . HIS B 1 41  ? 20.587  -12.245 2.121   1.00 19.76 ? 41  HIS B CE1 1 
ATOM 1157 N NE2 . HIS B 1 41  ? 20.328  -11.603 0.995   1.00 22.62 ? 41  HIS B NE2 1 
ATOM 1158 N N   . ARG B 1 42  ? 14.683  -14.097 2.942   1.00 13.63 ? 42  ARG B N   1 
ATOM 1159 C CA  . ARG B 1 42  ? 13.291  -14.425 3.205   1.00 14.30 ? 42  ARG B CA  1 
ATOM 1160 C C   . ARG B 1 42  ? 12.395  -14.061 2.028   1.00 12.97 ? 42  ARG B C   1 
ATOM 1161 O O   . ARG B 1 42  ? 12.428  -12.938 1.526   1.00 13.50 ? 42  ARG B O   1 
ATOM 1162 C CB  . ARG B 1 42  ? 12.789  -13.720 4.462   1.00 14.89 ? 42  ARG B CB  1 
ATOM 1163 C CG  . ARG B 1 42  ? 11.543  -14.366 5.022   1.00 17.31 ? 42  ARG B CG  1 
ATOM 1164 C CD  . ARG B 1 42  ? 10.944  -13.567 6.148   1.00 19.49 ? 42  ARG B CD  1 
ATOM 1165 N NE  . ARG B 1 42  ? 9.831   -14.278 6.771   1.00 19.79 ? 42  ARG B NE  1 
ATOM 1166 C CZ  . ARG B 1 42  ? 8.981   -13.723 7.625   1.00 19.04 ? 42  ARG B CZ  1 
ATOM 1167 N NH1 . ARG B 1 42  ? 7.999   -14.439 8.152   1.00 19.89 ? 42  ARG B NH1 1 
ATOM 1168 N NH2 . ARG B 1 42  ? 9.109   -12.443 7.949   1.00 14.28 ? 42  ARG B NH2 1 
ATOM 1169 N N   . GLY B 1 43  ? 11.583  -15.021 1.596   1.00 13.43 ? 43  GLY B N   1 
ATOM 1170 C CA  . GLY B 1 43  ? 10.687  -14.784 0.474   1.00 13.35 ? 43  GLY B CA  1 
ATOM 1171 C C   . GLY B 1 43  ? 9.493   -13.942 0.876   1.00 11.49 ? 43  GLY B C   1 
ATOM 1172 O O   . GLY B 1 43  ? 8.938   -14.131 1.950   1.00 13.01 ? 43  GLY B O   1 
ATOM 1173 N N   . ALA B 1 44  ? 9.093   -13.004 0.023   1.00 10.74 ? 44  ALA B N   1 
ATOM 1174 C CA  . ALA B 1 44  ? 7.953   -12.159 0.349   1.00 9.90  ? 44  ALA B CA  1 
ATOM 1175 C C   . ALA B 1 44  ? 7.319   -11.544 -0.885  1.00 9.43  ? 44  ALA B C   1 
ATOM 1176 O O   . ALA B 1 44  ? 8.002   -11.275 -1.873  1.00 10.68 ? 44  ALA B O   1 
ATOM 1177 C CB  . ALA B 1 44  ? 8.389   -11.044 1.313   1.00 11.27 ? 44  ALA B CB  1 
ATOM 1178 N N   . ASP B 1 45  ? 6.007   -11.344 -0.833  1.00 9.00  ? 45  ASP B N   1 
ATOM 1179 C CA  . ASP B 1 45  ? 5.324   -10.701 -1.945  1.00 9.17  ? 45  ASP B CA  1 
ATOM 1180 C C   . ASP B 1 45  ? 5.658   -9.227  -1.794  1.00 9.27  ? 45  ASP B C   1 
ATOM 1181 O O   . ASP B 1 45  ? 5.841   -8.743  -0.673  1.00 9.29  ? 45  ASP B O   1 
ATOM 1182 C CB  . ASP B 1 45  ? 3.803   -10.850 -1.855  1.00 8.60  ? 45  ASP B CB  1 
ATOM 1183 C CG  . ASP B 1 45  ? 3.355   -12.287 -1.691  1.00 9.50  ? 45  ASP B CG  1 
ATOM 1184 O OD1 . ASP B 1 45  ? 3.957   -13.177 -2.317  1.00 10.78 ? 45  ASP B OD1 1 
ATOM 1185 O OD2 . ASP B 1 45  ? 2.384   -12.508 -0.944  1.00 9.67  ? 45  ASP B OD2 1 
ATOM 1186 N N   . GLN B 1 46  ? 5.752   -8.515  -2.908  1.00 8.81  ? 46  GLN B N   1 
ATOM 1187 C CA  . GLN B 1 46  ? 6.029   -7.086  -2.864  1.00 8.83  ? 46  GLN B CA  1 
ATOM 1188 C C   . GLN B 1 46  ? 4.923   -6.325  -3.582  1.00 8.42  ? 46  GLN B C   1 
ATOM 1189 O O   . GLN B 1 46  ? 4.649   -6.567  -4.757  1.00 8.99  ? 46  GLN B O   1 
ATOM 1190 C CB  . GLN B 1 46  ? 7.377   -6.745  -3.517  1.00 9.02  ? 46  GLN B CB  1 
ATOM 1191 C CG  . GLN B 1 46  ? 7.679   -5.234  -3.489  1.00 9.43  ? 46  GLN B CG  1 
ATOM 1192 C CD  . GLN B 1 46  ? 9.019   -4.845  -4.104  1.00 10.78 ? 46  GLN B CD  1 
ATOM 1193 O OE1 . GLN B 1 46  ? 9.319   -3.629  -4.139  1.00 13.50 ? 46  GLN B OE1 1 
ATOM 1194 N NE2 . GLN B 1 46  ? 9.768   -5.734  -4.549  1.00 12.94 ? 46  GLN B NE2 1 
ATOM 1195 N N   . TRP B 1 47  ? 4.277   -5.419  -2.860  1.00 8.48  ? 47  TRP B N   1 
ATOM 1196 C CA  . TRP B 1 47  ? 3.229   -4.577  -3.424  1.00 7.59  ? 47  TRP B CA  1 
ATOM 1197 C C   . TRP B 1 47  ? 3.885   -3.213  -3.540  1.00 7.94  ? 47  TRP B C   1 
ATOM 1198 O O   . TRP B 1 47  ? 4.385   -2.681  -2.553  1.00 8.80  ? 47  TRP B O   1 
ATOM 1199 C CB  . TRP B 1 47  ? 2.025   -4.483  -2.486  1.00 8.19  ? 47  TRP B CB  1 
ATOM 1200 C CG  . TRP B 1 47  ? 1.261   -5.756  -2.312  1.00 7.55  ? 47  TRP B CG  1 
ATOM 1201 C CD1 . TRP B 1 47  ? 1.634   -6.855  -1.591  1.00 7.65  ? 47  TRP B CD1 1 
ATOM 1202 C CD2 . TRP B 1 47  ? -0.034  -6.046  -2.847  1.00 8.05  ? 47  TRP B CD2 1 
ATOM 1203 N NE1 . TRP B 1 47  ? 0.641   -7.810  -1.637  1.00 8.60  ? 47  TRP B NE1 1 
ATOM 1204 C CE2 . TRP B 1 47  ? -0.393  -7.338  -2.401  1.00 8.44  ? 47  TRP B CE2 1 
ATOM 1205 C CE3 . TRP B 1 47  ? -0.932  -5.335  -3.658  1.00 9.90  ? 47  TRP B CE3 1 
ATOM 1206 C CZ2 . TRP B 1 47  ? -1.612  -7.935  -2.739  1.00 8.82  ? 47  TRP B CZ2 1 
ATOM 1207 C CZ3 . TRP B 1 47  ? -2.145  -5.929  -3.994  1.00 9.05  ? 47  TRP B CZ3 1 
ATOM 1208 C CH2 . TRP B 1 47  ? -2.474  -7.218  -3.533  1.00 10.22 ? 47  TRP B CH2 1 
ATOM 1209 N N   . LEU B 1 48  ? 3.895   -2.651  -4.740  1.00 7.83  ? 48  LEU B N   1 
ATOM 1210 C CA  . LEU B 1 48  ? 4.526   -1.359  -4.950  1.00 7.88  ? 48  LEU B CA  1 
ATOM 1211 C C   . LEU B 1 48  ? 3.565   -0.374  -5.595  1.00 8.97  ? 48  LEU B C   1 
ATOM 1212 O O   . LEU B 1 48  ? 2.974   -0.666  -6.632  1.00 9.11  ? 48  LEU B O   1 
ATOM 1213 C CB  . LEU B 1 48  ? 5.774   -1.530  -5.830  1.00 8.55  ? 48  LEU B CB  1 
ATOM 1214 C CG  . LEU B 1 48  ? 6.651   -0.300  -6.112  1.00 10.13 ? 48  LEU B CG  1 
ATOM 1215 C CD1 . LEU B 1 48  ? 8.047   -0.761  -6.456  1.00 9.79  ? 48  LEU B CD1 1 
ATOM 1216 C CD2 . LEU B 1 48  ? 6.052   0.553   -7.246  1.00 9.11  ? 48  LEU B CD2 1 
ATOM 1217 N N   . PHE B 1 49  ? 3.402   0.781   -4.962  1.00 8.36  ? 49  PHE B N   1 
ATOM 1218 C CA  . PHE B 1 49  ? 2.539   1.823   -5.490  1.00 8.58  ? 49  PHE B CA  1 
ATOM 1219 C C   . PHE B 1 49  ? 3.407   3.022   -5.839  1.00 8.37  ? 49  PHE B C   1 
ATOM 1220 O O   . PHE B 1 49  ? 4.220   3.470   -5.030  1.00 9.81  ? 49  PHE B O   1 
ATOM 1221 C CB  . PHE B 1 49  ? 1.477   2.229   -4.467  1.00 7.99  ? 49  PHE B CB  1 
ATOM 1222 C CG  . PHE B 1 49  ? 0.663   3.413   -4.893  1.00 8.80  ? 49  PHE B CG  1 
ATOM 1223 C CD1 . PHE B 1 49  ? 0.938   4.682   -4.387  1.00 9.14  ? 49  PHE B CD1 1 
ATOM 1224 C CD2 . PHE B 1 49  ? -0.345  3.270   -5.842  1.00 10.77 ? 49  PHE B CD2 1 
ATOM 1225 C CE1 . PHE B 1 49  ? 0.219   5.794   -4.824  1.00 9.59  ? 49  PHE B CE1 1 
ATOM 1226 C CE2 . PHE B 1 49  ? -1.068  4.368   -6.286  1.00 11.01 ? 49  PHE B CE2 1 
ATOM 1227 C CZ  . PHE B 1 49  ? -0.790  5.636   -5.779  1.00 10.07 ? 49  PHE B CZ  1 
ATOM 1228 N N   . VAL B 1 50  ? 3.235   3.540   -7.048  1.00 9.08  ? 50  VAL B N   1 
ATOM 1229 C CA  . VAL B 1 50  ? 4.020   4.675   -7.498  1.00 8.83  ? 50  VAL B CA  1 
ATOM 1230 C C   . VAL B 1 50  ? 3.336   6.005   -7.223  1.00 8.34  ? 50  VAL B C   1 
ATOM 1231 O O   . VAL B 1 50  ? 2.256   6.292   -7.751  1.00 8.67  ? 50  VAL B O   1 
ATOM 1232 C CB  . VAL B 1 50  ? 4.321   4.559   -9.002  1.00 9.65  ? 50  VAL B CB  1 
ATOM 1233 C CG1 . VAL B 1 50  ? 5.175   5.745   -9.467  1.00 9.52  ? 50  VAL B CG1 1 
ATOM 1234 C CG2 . VAL B 1 50  ? 5.043   3.255   -9.262  1.00 9.79  ? 50  VAL B CG2 1 
ATOM 1235 N N   . VAL B 1 51  ? 3.976   6.810   -6.381  1.00 9.95  ? 51  VAL B N   1 
ATOM 1236 C CA  . VAL B 1 51  ? 3.456   8.129   -6.049  1.00 11.16 ? 51  VAL B CA  1 
ATOM 1237 C C   . VAL B 1 51  ? 3.830   9.102   -7.168  1.00 11.15 ? 51  VAL B C   1 
ATOM 1238 O O   . VAL B 1 51  ? 3.020   9.939   -7.568  1.00 12.94 ? 51  VAL B O   1 
ATOM 1239 C CB  . VAL B 1 51  ? 4.036   8.642   -4.716  1.00 11.17 ? 51  VAL B CB  1 
ATOM 1240 C CG1 . VAL B 1 51  ? 3.412   9.984   -4.362  1.00 13.30 ? 51  VAL B CG1 1 
ATOM 1241 C CG2 . VAL B 1 51  ? 3.784   7.621   -3.612  1.00 11.68 ? 51  VAL B CG2 1 
ATOM 1242 N N   . ASP B 1 52  ? 5.054   8.991   -7.674  1.00 10.93 ? 52  ASP B N   1 
ATOM 1243 C CA  . ASP B 1 52  ? 5.493   9.861   -8.752  1.00 11.86 ? 52  ASP B CA  1 
ATOM 1244 C C   . ASP B 1 52  ? 6.668   9.280   -9.519  1.00 11.72 ? 52  ASP B C   1 
ATOM 1245 O O   . ASP B 1 52  ? 7.398   8.425   -9.019  1.00 11.63 ? 52  ASP B O   1 
ATOM 1246 C CB  . ASP B 1 52  ? 5.863   11.247  -8.216  1.00 16.61 ? 52  ASP B CB  1 
ATOM 1247 C CG  . ASP B 1 52  ? 6.023   12.270  -9.325  1.00 20.29 ? 52  ASP B CG  1 
ATOM 1248 O OD1 . ASP B 1 52  ? 5.127   12.346  -10.197 1.00 23.65 ? 52  ASP B OD1 1 
ATOM 1249 O OD2 . ASP B 1 52  ? 7.034   12.997  -9.329  1.00 24.78 ? 52  ASP B OD2 1 
ATOM 1250 N N   . GLY B 1 53  ? 6.847   9.749   -10.747 1.00 12.12 ? 53  GLY B N   1 
ATOM 1251 C CA  . GLY B 1 53  ? 7.935   9.254   -11.561 1.00 10.84 ? 53  GLY B CA  1 
ATOM 1252 C C   . GLY B 1 53  ? 7.468   8.161   -12.496 1.00 11.68 ? 53  GLY B C   1 
ATOM 1253 O O   . GLY B 1 53  ? 6.292   7.794   -12.502 1.00 12.71 ? 53  GLY B O   1 
ATOM 1254 N N   . ALA B 1 54  ? 8.399   7.648   -13.286 1.00 11.57 ? 54  ALA B N   1 
ATOM 1255 C CA  . ALA B 1 54  ? 8.101   6.597   -14.243 1.00 13.02 ? 54  ALA B CA  1 
ATOM 1256 C C   . ALA B 1 54  ? 9.232   5.593   -14.222 1.00 12.40 ? 54  ALA B C   1 
ATOM 1257 O O   . ALA B 1 54  ? 10.392  5.936   -13.980 1.00 15.21 ? 54  ALA B O   1 
ATOM 1258 C CB  . ALA B 1 54  ? 7.946   7.182   -15.649 1.00 15.06 ? 54  ALA B CB  1 
ATOM 1259 N N   . GLY B 1 55  ? 8.894   4.339   -14.469 1.00 11.85 ? 55  GLY B N   1 
ATOM 1260 C CA  . GLY B 1 55  ? 9.917   3.322   -14.477 1.00 13.44 ? 55  GLY B CA  1 
ATOM 1261 C C   . GLY B 1 55  ? 9.410   2.003   -14.992 1.00 13.02 ? 55  GLY B C   1 
ATOM 1262 O O   . GLY B 1 55  ? 8.470   1.939   -15.787 1.00 13.30 ? 55  GLY B O   1 
ATOM 1263 N N   . GLU B 1 56  ? 10.034  0.939   -14.522 1.00 11.73 ? 56  GLU B N   1 
ATOM 1264 C CA  . GLU B 1 56  ? 9.648   -0.383  -14.951 1.00 13.64 ? 56  GLU B CA  1 
ATOM 1265 C C   . GLU B 1 56  ? 10.000  -1.418  -13.900 1.00 12.87 ? 56  GLU B C   1 
ATOM 1266 O O   . GLU B 1 56  ? 10.953  -1.252  -13.132 1.00 11.92 ? 56  GLU B O   1 
ATOM 1267 C CB  . GLU B 1 56  ? 10.362  -0.698  -16.265 1.00 16.97 ? 56  GLU B CB  1 
ATOM 1268 C CG  . GLU B 1 56  ? 10.104  -2.064  -16.832 1.00 23.33 ? 56  GLU B CG  1 
ATOM 1269 C CD  . GLU B 1 56  ? 10.687  -2.204  -18.222 1.00 26.21 ? 56  GLU B CD  1 
ATOM 1270 O OE1 . GLU B 1 56  ? 11.922  -2.077  -18.379 1.00 27.56 ? 56  GLU B OE1 1 
ATOM 1271 O OE2 . GLU B 1 56  ? 9.901   -2.434  -19.165 1.00 30.28 ? 56  GLU B OE2 1 
ATOM 1272 N N   . ALA B 1 57  ? 9.196   -2.470  -13.857 1.00 11.64 ? 57  ALA B N   1 
ATOM 1273 C CA  . ALA B 1 57  ? 9.423   -3.578  -12.951 1.00 11.76 ? 57  ALA B CA  1 
ATOM 1274 C C   . ALA B 1 57  ? 9.870   -4.715  -13.863 1.00 12.61 ? 57  ALA B C   1 
ATOM 1275 O O   . ALA B 1 57  ? 9.222   -4.987  -14.878 1.00 14.08 ? 57  ALA B O   1 
ATOM 1276 C CB  . ALA B 1 57  ? 8.128   -3.952  -12.234 1.00 12.03 ? 57  ALA B CB  1 
ATOM 1277 N N   . ILE B 1 58  ? 10.985  -5.349  -13.523 1.00 12.92 ? 58  ILE B N   1 
ATOM 1278 C CA  . ILE B 1 58  ? 11.520  -6.458  -14.308 1.00 13.97 ? 58  ILE B CA  1 
ATOM 1279 C C   . ILE B 1 58  ? 11.280  -7.732  -13.494 1.00 14.98 ? 58  ILE B C   1 
ATOM 1280 O O   . ILE B 1 58  ? 11.715  -7.813  -12.351 1.00 16.13 ? 58  ILE B O   1 
ATOM 1281 C CB  . ILE B 1 58  ? 13.044  -6.302  -14.526 1.00 14.25 ? 58  ILE B CB  1 
ATOM 1282 C CG1 . ILE B 1 58  ? 13.379  -4.874  -14.983 1.00 15.94 ? 58  ILE B CG1 1 
ATOM 1283 C CG2 . ILE B 1 58  ? 13.532  -7.342  -15.528 1.00 13.49 ? 58  ILE B CG2 1 
ATOM 1284 C CD1 . ILE B 1 58  ? 12.773  -4.486  -16.303 1.00 18.07 ? 58  ILE B CD1 1 
ATOM 1285 N N   . VAL B 1 59  ? 10.589  -8.720  -14.057 1.00 16.40 ? 59  VAL B N   1 
ATOM 1286 C CA  . VAL B 1 59  ? 10.350  -9.949  -13.303 1.00 18.31 ? 59  VAL B CA  1 
ATOM 1287 C C   . VAL B 1 59  ? 10.315  -11.229 -14.143 1.00 20.20 ? 59  VAL B C   1 
ATOM 1288 O O   . VAL B 1 59  ? 9.609   -11.302 -15.143 1.00 20.67 ? 59  VAL B O   1 
ATOM 1289 C CB  . VAL B 1 59  ? 9.038   -9.844  -12.468 1.00 18.77 ? 59  VAL B CB  1 
ATOM 1290 C CG1 . VAL B 1 59  ? 7.851   -9.616  -13.375 1.00 20.22 ? 59  VAL B CG1 1 
ATOM 1291 C CG2 . VAL B 1 59  ? 8.841   -11.112 -11.638 1.00 17.79 ? 59  VAL B CG2 1 
ATOM 1292 N N   . ASP B 1 60  ? 11.095  -12.224 -13.716 1.00 23.68 ? 60  ASP B N   1 
ATOM 1293 C CA  . ASP B 1 60  ? 11.196  -13.534 -14.377 1.00 24.38 ? 60  ASP B CA  1 
ATOM 1294 C C   . ASP B 1 60  ? 11.716  -13.563 -15.813 1.00 24.64 ? 60  ASP B C   1 
ATOM 1295 O O   . ASP B 1 60  ? 12.420  -14.502 -16.198 1.00 26.70 ? 60  ASP B O   1 
ATOM 1296 C CB  . ASP B 1 60  ? 9.855   -14.272 -14.345 1.00 26.04 ? 60  ASP B CB  1 
ATOM 1297 C CG  . ASP B 1 60  ? 9.570   -14.920 -12.994 1.00 26.59 ? 60  ASP B CG  1 
ATOM 1298 O OD1 . ASP B 1 60  ? 10.524  -15.391 -12.335 1.00 27.70 ? 60  ASP B OD1 1 
ATOM 1299 O OD2 . ASP B 1 60  ? 8.386   -14.978 -12.602 1.00 27.12 ? 60  ASP B OD2 1 
ATOM 1300 N N   . GLY B 1 61  ? 11.367  -12.558 -16.604 1.00 22.21 ? 61  GLY B N   1 
ATOM 1301 C CA  . GLY B 1 61  ? 11.811  -12.519 -17.986 1.00 21.21 ? 61  GLY B CA  1 
ATOM 1302 C C   . GLY B 1 61  ? 11.015  -11.532 -18.809 1.00 19.76 ? 61  GLY B C   1 
ATOM 1303 O O   . GLY B 1 61  ? 11.151  -11.477 -20.035 1.00 20.65 ? 61  GLY B O   1 
ATOM 1304 N N   . HIS B 1 62  ? 10.169  -10.760 -18.135 1.00 19.14 ? 62  HIS B N   1 
ATOM 1305 C CA  . HIS B 1 62  ? 9.356   -9.759  -18.806 1.00 18.73 ? 62  HIS B CA  1 
ATOM 1306 C C   . HIS B 1 62  ? 9.325   -8.458  -18.004 1.00 18.62 ? 62  HIS B C   1 
ATOM 1307 O O   . HIS B 1 62  ? 9.862   -8.389  -16.890 1.00 18.09 ? 62  HIS B O   1 
ATOM 1308 C CB  . HIS B 1 62  ? 7.936   -10.285 -19.051 1.00 20.83 ? 62  HIS B CB  1 
ATOM 1309 C CG  . HIS B 1 62  ? 7.142   -10.510 -17.804 1.00 21.43 ? 62  HIS B CG  1 
ATOM 1310 N ND1 . HIS B 1 62  ? 7.440   -11.502 -16.896 1.00 23.85 ? 62  HIS B ND1 1 
ATOM 1311 C CD2 . HIS B 1 62  ? 6.057   -9.865  -17.314 1.00 22.94 ? 62  HIS B CD2 1 
ATOM 1312 C CE1 . HIS B 1 62  ? 6.572   -11.460 -15.898 1.00 24.05 ? 62  HIS B CE1 1 
ATOM 1313 N NE2 . HIS B 1 62  ? 5.723   -10.474 -16.129 1.00 24.35 ? 62  HIS B NE2 1 
ATOM 1314 N N   . THR B 1 63  ? 8.694   -7.435  -18.570 1.00 18.68 ? 63  THR B N   1 
ATOM 1315 C CA  . THR B 1 63  ? 8.633   -6.136  -17.915 1.00 18.01 ? 63  THR B CA  1 
ATOM 1316 C C   . THR B 1 63  ? 7.240   -5.545  -17.818 1.00 17.33 ? 63  THR B C   1 
ATOM 1317 O O   . THR B 1 63  ? 6.355   -5.875  -18.605 1.00 18.28 ? 63  THR B O   1 
ATOM 1318 C CB  . THR B 1 63  ? 9.472   -5.122  -18.661 1.00 18.79 ? 63  THR B CB  1 
ATOM 1319 O OG1 . THR B 1 63  ? 8.818   -4.805  -19.894 1.00 21.08 ? 63  THR B OG1 1 
ATOM 1320 C CG2 . THR B 1 63  ? 10.859  -5.674  -18.941 1.00 18.81 ? 63  THR B CG2 1 
ATOM 1321 N N   . GLN B 1 64  ? 7.065   -4.659  -16.843 1.00 13.90 ? 64  GLN B N   1 
ATOM 1322 C CA  . GLN B 1 64  ? 5.810   -3.962  -16.627 1.00 13.80 ? 64  GLN B CA  1 
ATOM 1323 C C   . GLN B 1 64  ? 6.127   -2.482  -16.463 1.00 13.51 ? 64  GLN B C   1 
ATOM 1324 O O   . GLN B 1 64  ? 6.863   -2.105  -15.550 1.00 13.26 ? 64  GLN B O   1 
ATOM 1325 C CB  . GLN B 1 64  ? 5.119   -4.457  -15.359 1.00 14.24 ? 64  GLN B CB  1 
ATOM 1326 C CG  . GLN B 1 64  ? 3.870   -3.657  -15.013 1.00 14.47 ? 64  GLN B CG  1 
ATOM 1327 C CD  . GLN B 1 64  ? 2.843   -3.685  -16.127 1.00 15.39 ? 64  GLN B CD  1 
ATOM 1328 O OE1 . GLN B 1 64  ? 2.340   -4.748  -16.493 1.00 16.30 ? 64  GLN B OE1 1 
ATOM 1329 N NE2 . GLN B 1 64  ? 2.533   -2.519  -16.676 1.00 13.49 ? 64  GLN B NE2 1 
ATOM 1330 N N   . ALA B 1 65  ? 5.576   -1.648  -17.339 1.00 13.05 ? 65  ALA B N   1 
ATOM 1331 C CA  . ALA B 1 65  ? 5.802   -0.214  -17.260 1.00 12.82 ? 65  ALA B CA  1 
ATOM 1332 C C   . ALA B 1 65  ? 5.141   0.345   -16.006 1.00 12.24 ? 65  ALA B C   1 
ATOM 1333 O O   . ALA B 1 65  ? 4.056   -0.085  -15.613 1.00 12.46 ? 65  ALA B O   1 
ATOM 1334 C CB  . ALA B 1 65  ? 5.246   0.482   -18.498 1.00 13.26 ? 65  ALA B CB  1 
ATOM 1335 N N   . LEU B 1 66  ? 5.803   1.320   -15.397 1.00 11.55 ? 66  LEU B N   1 
ATOM 1336 C CA  . LEU B 1 66  ? 5.320   1.954   -14.184 1.00 12.18 ? 66  LEU B CA  1 
ATOM 1337 C C   . LEU B 1 66  ? 5.181   3.466   -14.362 1.00 10.33 ? 66  LEU B C   1 
ATOM 1338 O O   . LEU B 1 66  ? 6.059   4.118   -14.923 1.00 11.37 ? 66  LEU B O   1 
ATOM 1339 C CB  . LEU B 1 66  ? 6.293   1.666   -13.035 1.00 10.97 ? 66  LEU B CB  1 
ATOM 1340 C CG  . LEU B 1 66  ? 6.515   0.197   -12.667 1.00 11.65 ? 66  LEU B CG  1 
ATOM 1341 C CD1 . LEU B 1 66  ? 7.458   0.102   -11.472 1.00 10.41 ? 66  LEU B CD1 1 
ATOM 1342 C CD2 . LEU B 1 66  ? 5.172   -0.453  -12.344 1.00 13.72 ? 66  LEU B CD2 1 
ATOM 1343 N N   . GLN B 1 67  ? 4.075   4.014   -13.870 1.00 9.67  ? 67  GLN B N   1 
ATOM 1344 C CA  . GLN B 1 67  ? 3.802   5.446   -13.962 1.00 11.39 ? 67  GLN B CA  1 
ATOM 1345 C C   . GLN B 1 67  ? 3.106   5.877   -12.682 1.00 11.06 ? 67  GLN B C   1 
ATOM 1346 O O   . GLN B 1 67  ? 2.748   5.037   -11.859 1.00 10.21 ? 67  GLN B O   1 
ATOM 1347 C CB  . GLN B 1 67  ? 2.892   5.737   -15.164 1.00 12.45 ? 67  GLN B CB  1 
ATOM 1348 C CG  . GLN B 1 67  ? 1.589   4.941   -15.146 1.00 14.67 ? 67  GLN B CG  1 
ATOM 1349 C CD  . GLN B 1 67  ? 0.672   5.260   -16.318 1.00 17.65 ? 67  GLN B CD  1 
ATOM 1350 O OE1 . GLN B 1 67  ? 0.212   6.392   -16.473 1.00 17.44 ? 67  GLN B OE1 1 
ATOM 1351 N NE2 . GLN B 1 67  ? 0.395   4.254   -17.138 1.00 18.91 ? 67  GLN B NE2 1 
ATOM 1352 N N   . ALA B 1 68  ? 2.914   7.180   -12.510 1.00 10.96 ? 68  ALA B N   1 
ATOM 1353 C CA  . ALA B 1 68  ? 2.240   7.670   -11.318 1.00 11.28 ? 68  ALA B CA  1 
ATOM 1354 C C   . ALA B 1 68  ? 0.873   7.004   -11.217 1.00 11.86 ? 68  ALA B C   1 
ATOM 1355 O O   . ALA B 1 68  ? 0.077   7.051   -12.161 1.00 12.13 ? 68  ALA B O   1 
ATOM 1356 C CB  . ALA B 1 68  ? 2.084   9.185   -11.386 1.00 13.23 ? 68  ALA B CB  1 
ATOM 1357 N N   . GLY B 1 69  ? 0.611   6.377   -10.073 1.00 10.62 ? 69  GLY B N   1 
ATOM 1358 C CA  . GLY B 1 69  ? -0.661  5.708   -9.868  1.00 9.75  ? 69  GLY B CA  1 
ATOM 1359 C C   . GLY B 1 69  ? -0.604  4.208   -10.074 1.00 8.85  ? 69  GLY B C   1 
ATOM 1360 O O   . GLY B 1 69  ? -1.560  3.499   -9.755  1.00 9.25  ? 69  GLY B O   1 
ATOM 1361 N N   . SER B 1 70  ? 0.506   3.714   -10.612 1.00 8.25  ? 70  SER B N   1 
ATOM 1362 C CA  . SER B 1 70  ? 0.644   2.282   -10.838 1.00 9.51  ? 70  SER B CA  1 
ATOM 1363 C C   . SER B 1 70  ? 0.710   1.506   -9.539  1.00 8.67  ? 70  SER B C   1 
ATOM 1364 O O   . SER B 1 70  ? 1.323   1.939   -8.563  1.00 8.32  ? 70  SER B O   1 
ATOM 1365 C CB  . SER B 1 70  ? 1.911   1.947   -11.624 1.00 10.18 ? 70  SER B CB  1 
ATOM 1366 O OG  . SER B 1 70  ? 1.887   2.463   -12.940 1.00 10.41 ? 70  SER B OG  1 
ATOM 1367 N N   . LEU B 1 71  ? 0.065   0.352   -9.540  1.00 9.13  ? 71  LEU B N   1 
ATOM 1368 C CA  . LEU B 1 71  ? 0.086   -0.548  -8.402  1.00 8.32  ? 71  LEU B CA  1 
ATOM 1369 C C   . LEU B 1 71  ? 0.448   -1.905  -8.971  1.00 8.82  ? 71  LEU B C   1 
ATOM 1370 O O   . LEU B 1 71  ? -0.198  -2.392  -9.902  1.00 9.19  ? 71  LEU B O   1 
ATOM 1371 C CB  . LEU B 1 71  ? -1.275  -0.630  -7.716  1.00 8.60  ? 71  LEU B CB  1 
ATOM 1372 C CG  . LEU B 1 71  ? -1.304  -1.675  -6.591  1.00 9.72  ? 71  LEU B CG  1 
ATOM 1373 C CD1 . LEU B 1 71  ? -0.363  -1.228  -5.473  1.00 12.32 ? 71  LEU B CD1 1 
ATOM 1374 C CD2 . LEU B 1 71  ? -2.718  -1.850  -6.054  1.00 11.10 ? 71  LEU B CD2 1 
ATOM 1375 N N   . ILE B 1 72  ? 1.478   -2.515  -8.413  1.00 9.26  ? 72  ILE B N   1 
ATOM 1376 C CA  . ILE B 1 72  ? 1.928   -3.803  -8.887  1.00 9.97  ? 72  ILE B CA  1 
ATOM 1377 C C   . ILE B 1 72  ? 2.139   -4.729  -7.698  1.00 10.04 ? 72  ILE B C   1 
ATOM 1378 O O   . ILE B 1 72  ? 2.608   -4.302  -6.648  1.00 10.27 ? 72  ILE B O   1 
ATOM 1379 C CB  . ILE B 1 72  ? 3.239   -3.625  -9.689  1.00 11.63 ? 72  ILE B CB  1 
ATOM 1380 C CG1 . ILE B 1 72  ? 3.618   -4.908  -10.414 1.00 14.26 ? 72  ILE B CG1 1 
ATOM 1381 C CG2 . ILE B 1 72  ? 4.368   -3.217  -8.763  1.00 10.86 ? 72  ILE B CG2 1 
ATOM 1382 C CD1 . ILE B 1 72  ? 4.804   -4.701  -11.310 1.00 15.27 ? 72  ILE B CD1 1 
ATOM 1383 N N   . ALA B 1 73  ? 1.740   -5.985  -7.852  1.00 9.41  ? 73  ALA B N   1 
ATOM 1384 C CA  . ALA B 1 73  ? 1.919   -6.980  -6.806  1.00 9.34  ? 73  ALA B CA  1 
ATOM 1385 C C   . ALA B 1 73  ? 2.768   -8.085  -7.420  1.00 9.86  ? 73  ALA B C   1 
ATOM 1386 O O   . ALA B 1 73  ? 2.350   -8.746  -8.376  1.00 10.02 ? 73  ALA B O   1 
ATOM 1387 C CB  . ALA B 1 73  ? 0.564   -7.531  -6.340  1.00 10.17 ? 73  ALA B CB  1 
ATOM 1388 N N   . ILE B 1 74  ? 3.975   -8.255  -6.892  1.00 9.48  ? 74  ILE B N   1 
ATOM 1389 C CA  . ILE B 1 74  ? 4.908   -9.272  -7.372  1.00 10.38 ? 74  ILE B CA  1 
ATOM 1390 C C   . ILE B 1 74  ? 4.997   -10.389 -6.335  1.00 10.51 ? 74  ILE B C   1 
ATOM 1391 O O   . ILE B 1 74  ? 5.455   -10.176 -5.211  1.00 10.12 ? 74  ILE B O   1 
ATOM 1392 C CB  . ILE B 1 74  ? 6.308   -8.665  -7.593  1.00 10.30 ? 74  ILE B CB  1 
ATOM 1393 C CG1 . ILE B 1 74  ? 6.219   -7.532  -8.620  1.00 12.70 ? 74  ILE B CG1 1 
ATOM 1394 C CG2 . ILE B 1 74  ? 7.287   -9.732  -8.064  1.00 12.38 ? 74  ILE B CG2 1 
ATOM 1395 C CD1 . ILE B 1 74  ? 7.510   -6.751  -8.780  1.00 14.38 ? 74  ILE B CD1 1 
ATOM 1396 N N   . GLU B 1 75  ? 4.553   -11.579 -6.720  1.00 11.58 ? 75  GLU B N   1 
ATOM 1397 C CA  . GLU B 1 75  ? 4.549   -12.725 -5.825  1.00 11.02 ? 75  GLU B CA  1 
ATOM 1398 C C   . GLU B 1 75  ? 5.937   -13.195 -5.391  1.00 10.58 ? 75  GLU B C   1 
ATOM 1399 O O   . GLU B 1 75  ? 6.898   -13.148 -6.157  1.00 11.40 ? 75  GLU B O   1 
ATOM 1400 C CB  . GLU B 1 75  ? 3.801   -13.885 -6.488  1.00 14.16 ? 75  GLU B CB  1 
ATOM 1401 C CG  . GLU B 1 75  ? 3.478   -15.035 -5.551  1.00 15.65 ? 75  GLU B CG  1 
ATOM 1402 C CD  . GLU B 1 75  ? 2.534   -16.053 -6.175  1.00 18.90 ? 75  GLU B CD  1 
ATOM 1403 O OE1 . GLU B 1 75  ? 1.975   -16.881 -5.427  1.00 20.53 ? 75  GLU B OE1 1 
ATOM 1404 O OE2 . GLU B 1 75  ? 2.351   -16.021 -7.412  1.00 20.95 ? 75  GLU B OE2 1 
ATOM 1405 N N   . ARG B 1 76  ? 6.024   -13.644 -4.143  1.00 9.95  ? 76  ARG B N   1 
ATOM 1406 C CA  . ARG B 1 76  ? 7.270   -14.141 -3.575  1.00 11.25 ? 76  ARG B CA  1 
ATOM 1407 C C   . ARG B 1 76  ? 7.882   -15.257 -4.435  1.00 12.93 ? 76  ARG B C   1 
ATOM 1408 O O   . ARG B 1 76  ? 7.172   -15.950 -5.161  1.00 13.18 ? 76  ARG B O   1 
ATOM 1409 C CB  . ARG B 1 76  ? 7.001   -14.679 -2.166  1.00 11.47 ? 76  ARG B CB  1 
ATOM 1410 C CG  . ARG B 1 76  ? 6.133   -15.935 -2.165  1.00 12.42 ? 76  ARG B CG  1 
ATOM 1411 C CD  . ARG B 1 76  ? 5.614   -16.258 -0.773  1.00 12.17 ? 76  ARG B CD  1 
ATOM 1412 N NE  . ARG B 1 76  ? 4.569   -15.326 -0.360  1.00 11.74 ? 76  ARG B NE  1 
ATOM 1413 C CZ  . ARG B 1 76  ? 3.956   -15.360 0.819   1.00 11.90 ? 76  ARG B CZ  1 
ATOM 1414 N NH1 . ARG B 1 76  ? 3.007   -14.476 1.109   1.00 12.70 ? 76  ARG B NH1 1 
ATOM 1415 N NH2 . ARG B 1 76  ? 4.289   -16.284 1.712   1.00 13.28 ? 76  ARG B NH2 1 
ATOM 1416 N N   . GLY B 1 77  ? 9.198   -15.424 -4.336  1.00 14.20 ? 77  GLY B N   1 
ATOM 1417 C CA  . GLY B 1 77  ? 9.890   -16.459 -5.087  1.00 15.31 ? 77  GLY B CA  1 
ATOM 1418 C C   . GLY B 1 77  ? 10.366  -16.069 -6.477  1.00 17.16 ? 77  GLY B C   1 
ATOM 1419 O O   . GLY B 1 77  ? 10.737  -16.930 -7.276  1.00 17.75 ? 77  GLY B O   1 
ATOM 1420 N N   . GLN B 1 78  ? 10.376  -14.777 -6.772  1.00 17.80 ? 78  GLN B N   1 
ATOM 1421 C CA  . GLN B 1 78  ? 10.789  -14.314 -8.090  1.00 18.51 ? 78  GLN B CA  1 
ATOM 1422 C C   . GLN B 1 78  ? 11.880  -13.268 -8.055  1.00 18.23 ? 78  GLN B C   1 
ATOM 1423 O O   . GLN B 1 78  ? 11.774  -12.273 -7.341  1.00 18.02 ? 78  GLN B O   1 
ATOM 1424 C CB  . GLN B 1 78  ? 9.596   -13.724 -8.833  1.00 18.31 ? 78  GLN B CB  1 
ATOM 1425 C CG  . GLN B 1 78  ? 8.433   -14.660 -9.002  1.00 19.26 ? 78  GLN B CG  1 
ATOM 1426 C CD  . GLN B 1 78  ? 7.243   -13.953 -9.597  1.00 19.09 ? 78  GLN B CD  1 
ATOM 1427 O OE1 . GLN B 1 78  ? 6.615   -13.117 -8.948  1.00 19.82 ? 78  GLN B OE1 1 
ATOM 1428 N NE2 . GLN B 1 78  ? 6.931   -14.274 -10.846 1.00 19.97 ? 78  GLN B NE2 1 
ATOM 1429 N N   . ALA B 1 79  ? 12.939  -13.493 -8.823  1.00 18.38 ? 79  ALA B N   1 
ATOM 1430 C CA  . ALA B 1 79  ? 14.010  -12.517 -8.888  1.00 17.35 ? 79  ALA B CA  1 
ATOM 1431 C C   . ALA B 1 79  ? 13.393  -11.347 -9.633  1.00 16.66 ? 79  ALA B C   1 
ATOM 1432 O O   . ALA B 1 79  ? 12.754  -11.531 -10.672 1.00 16.45 ? 79  ALA B O   1 
ATOM 1433 C CB  . ALA B 1 79  ? 15.189  -13.068 -9.667  1.00 19.75 ? 79  ALA B CB  1 
ATOM 1434 N N   . HIS B 1 80  ? 13.559  -10.144 -9.107  1.00 14.59 ? 80  HIS B N   1 
ATOM 1435 C CA  . HIS B 1 80  ? 12.997  -8.981  -9.775  1.00 14.88 ? 80  HIS B CA  1 
ATOM 1436 C C   . HIS B 1 80  ? 13.660  -7.710  -9.303  1.00 14.32 ? 80  HIS B C   1 
ATOM 1437 O O   . HIS B 1 80  ? 14.380  -7.702  -8.305  1.00 14.53 ? 80  HIS B O   1 
ATOM 1438 C CB  . HIS B 1 80  ? 11.490  -8.882  -9.527  1.00 14.50 ? 80  HIS B CB  1 
ATOM 1439 C CG  . HIS B 1 80  ? 11.125  -8.601  -8.102  1.00 14.59 ? 80  HIS B CG  1 
ATOM 1440 N ND1 . HIS B 1 80  ? 11.243  -9.544  -7.104  1.00 14.58 ? 80  HIS B ND1 1 
ATOM 1441 C CD2 . HIS B 1 80  ? 10.657  -7.479  -7.508  1.00 14.96 ? 80  HIS B CD2 1 
ATOM 1442 C CE1 . HIS B 1 80  ? 10.864  -9.013  -5.955  1.00 14.17 ? 80  HIS B CE1 1 
ATOM 1443 N NE2 . HIS B 1 80  ? 10.505  -7.761  -6.172  1.00 14.28 ? 80  HIS B NE2 1 
ATOM 1444 N N   . GLU B 1 81  ? 13.412  -6.633  -10.028 1.00 14.89 ? 81  GLU B N   1 
ATOM 1445 C CA  . GLU B 1 81  ? 13.976  -5.347  -9.665  1.00 14.58 ? 81  GLU B CA  1 
ATOM 1446 C C   . GLU B 1 81  ? 13.059  -4.273  -10.207 1.00 14.10 ? 81  GLU B C   1 
ATOM 1447 O O   . GLU B 1 81  ? 12.241  -4.531  -11.091 1.00 13.28 ? 81  GLU B O   1 
ATOM 1448 C CB  . GLU B 1 81  ? 15.369  -5.175  -10.268 1.00 17.27 ? 81  GLU B CB  1 
ATOM 1449 C CG  . GLU B 1 81  ? 15.350  -4.975  -11.763 1.00 19.37 ? 81  GLU B CG  1 
ATOM 1450 C CD  . GLU B 1 81  ? 16.731  -4.772  -12.338 1.00 22.77 ? 81  GLU B CD  1 
ATOM 1451 O OE1 . GLU B 1 81  ? 16.829  -4.522  -13.557 1.00 23.45 ? 81  GLU B OE1 1 
ATOM 1452 O OE2 . GLU B 1 81  ? 17.723  -4.859  -11.575 1.00 24.36 ? 81  GLU B OE2 1 
ATOM 1453 N N   . ILE B 1 82  ? 13.189  -3.077  -9.655  1.00 13.27 ? 82  ILE B N   1 
ATOM 1454 C CA  . ILE B 1 82  ? 12.403  -1.935  -10.082 1.00 12.02 ? 82  ILE B CA  1 
ATOM 1455 C C   . ILE B 1 82  ? 13.457  -0.962  -10.572 1.00 11.50 ? 82  ILE B C   1 
ATOM 1456 O O   . ILE B 1 82  ? 14.448  -0.725  -9.882  1.00 12.54 ? 82  ILE B O   1 
ATOM 1457 C CB  . ILE B 1 82  ? 11.636  -1.303  -8.901  1.00 11.30 ? 82  ILE B CB  1 
ATOM 1458 C CG1 . ILE B 1 82  ? 10.773  -2.362  -8.212  1.00 11.47 ? 82  ILE B CG1 1 
ATOM 1459 C CG2 . ILE B 1 82  ? 10.767  -0.159  -9.392  1.00 12.13 ? 82  ILE B CG2 1 
ATOM 1460 C CD1 . ILE B 1 82  ? 9.770   -3.076  -9.132  1.00 12.31 ? 82  ILE B CD1 1 
ATOM 1461 N N   . ARG B 1 83  ? 13.266  -0.416  -11.766 1.00 13.30 ? 83  ARG B N   1 
ATOM 1462 C CA  . ARG B 1 83  ? 14.243  0.515   -12.311 1.00 13.44 ? 83  ARG B CA  1 
ATOM 1463 C C   . ARG B 1 83  ? 13.625  1.825   -12.746 1.00 12.53 ? 83  ARG B C   1 
ATOM 1464 O O   . ARG B 1 83  ? 12.533  1.854   -13.305 1.00 12.55 ? 83  ARG B O   1 
ATOM 1465 C CB  . ARG B 1 83  ? 14.975  -0.124  -13.483 1.00 16.24 ? 83  ARG B CB  1 
ATOM 1466 C CG  . ARG B 1 83  ? 14.072  -0.705  -14.544 1.00 19.44 ? 83  ARG B CG  1 
ATOM 1467 C CD  . ARG B 1 83  ? 14.724  -1.947  -15.122 1.00 22.74 ? 83  ARG B CD  1 
ATOM 1468 N NE  . ARG B 1 83  ? 16.077  -1.674  -15.594 1.00 24.36 ? 83  ARG B NE  1 
ATOM 1469 C CZ  . ARG B 1 83  ? 16.358  -0.863  -16.609 1.00 25.07 ? 83  ARG B CZ  1 
ATOM 1470 N NH1 . ARG B 1 83  ? 15.375  -0.254  -17.259 1.00 26.32 ? 83  ARG B NH1 1 
ATOM 1471 N NH2 . ARG B 1 83  ? 17.616  -0.664  -16.979 1.00 26.22 ? 83  ARG B NH2 1 
ATOM 1472 N N   . ASN B 1 84  ? 14.328  2.918   -12.461 1.00 11.25 ? 84  ASN B N   1 
ATOM 1473 C CA  . ASN B 1 84  ? 13.860  4.240   -12.840 1.00 12.15 ? 84  ASN B CA  1 
ATOM 1474 C C   . ASN B 1 84  ? 14.420  4.523   -14.223 1.00 14.67 ? 84  ASN B C   1 
ATOM 1475 O O   . ASN B 1 84  ? 15.628  4.726   -14.384 1.00 16.05 ? 84  ASN B O   1 
ATOM 1476 C CB  . ASN B 1 84  ? 14.366  5.301   -11.861 1.00 12.07 ? 84  ASN B CB  1 
ATOM 1477 C CG  . ASN B 1 84  ? 13.790  6.677   -12.152 1.00 12.09 ? 84  ASN B CG  1 
ATOM 1478 O OD1 . ASN B 1 84  ? 13.245  6.918   -13.226 1.00 13.74 ? 84  ASN B OD1 1 
ATOM 1479 N ND2 . ASN B 1 84  ? 13.915  7.587   -11.200 1.00 11.50 ? 84  ASN B ND2 1 
ATOM 1480 N N   . THR B 1 85  ? 13.537  4.531   -15.214 1.00 14.62 ? 85  THR B N   1 
ATOM 1481 C CA  . THR B 1 85  ? 13.928  4.769   -16.591 1.00 17.12 ? 85  THR B CA  1 
ATOM 1482 C C   . THR B 1 85  ? 13.602  6.187   -17.038 1.00 17.52 ? 85  THR B C   1 
ATOM 1483 O O   . THR B 1 85  ? 13.787  6.530   -18.211 1.00 18.95 ? 85  THR B O   1 
ATOM 1484 C CB  . THR B 1 85  ? 13.228  3.772   -17.520 1.00 17.93 ? 85  THR B CB  1 
ATOM 1485 O OG1 . THR B 1 85  ? 11.808  3.893   -17.364 1.00 17.56 ? 85  THR B OG1 1 
ATOM 1486 C CG2 . THR B 1 85  ? 13.658  2.346   -17.178 1.00 20.07 ? 85  THR B CG2 1 
ATOM 1487 N N   . GLY B 1 86  ? 13.117  7.000   -16.103 1.00 15.77 ? 86  GLY B N   1 
ATOM 1488 C CA  . GLY B 1 86  ? 12.776  8.381   -16.403 1.00 15.73 ? 86  GLY B CA  1 
ATOM 1489 C C   . GLY B 1 86  ? 13.852  9.320   -15.886 1.00 15.57 ? 86  GLY B C   1 
ATOM 1490 O O   . GLY B 1 86  ? 14.902  8.866   -15.430 1.00 16.96 ? 86  GLY B O   1 
ATOM 1491 N N   . ASP B 1 87  ? 13.610  10.624  -15.954 1.00 17.19 ? 87  ASP B N   1 
ATOM 1492 C CA  . ASP B 1 87  ? 14.614  11.574  -15.480 1.00 16.93 ? 87  ASP B CA  1 
ATOM 1493 C C   . ASP B 1 87  ? 14.277  12.287  -14.176 1.00 16.50 ? 87  ASP B C   1 
ATOM 1494 O O   . ASP B 1 87  ? 14.969  13.223  -13.785 1.00 16.37 ? 87  ASP B O   1 
ATOM 1495 C CB  . ASP B 1 87  ? 14.931  12.602  -16.571 1.00 20.79 ? 87  ASP B CB  1 
ATOM 1496 C CG  . ASP B 1 87  ? 13.693  13.144  -17.246 1.00 24.02 ? 87  ASP B CG  1 
ATOM 1497 O OD1 . ASP B 1 87  ? 12.734  13.517  -16.537 1.00 25.89 ? 87  ASP B OD1 1 
ATOM 1498 O OD2 . ASP B 1 87  ? 13.688  13.210  -18.501 1.00 27.82 ? 87  ASP B OD2 1 
ATOM 1499 N N   . THR B 1 88  ? 13.227  11.831  -13.498 1.00 14.46 ? 88  THR B N   1 
ATOM 1500 C CA  . THR B 1 88  ? 12.811  12.411  -12.226 1.00 13.90 ? 88  THR B CA  1 
ATOM 1501 C C   . THR B 1 88  ? 12.791  11.284  -11.195 1.00 13.34 ? 88  THR B C   1 
ATOM 1502 O O   . THR B 1 88  ? 12.776  10.117  -11.556 1.00 13.35 ? 88  THR B O   1 
ATOM 1503 C CB  . THR B 1 88  ? 11.402  12.999  -12.323 1.00 15.48 ? 88  THR B CB  1 
ATOM 1504 O OG1 . THR B 1 88  ? 10.503  11.973  -12.757 1.00 16.59 ? 88  THR B OG1 1 
ATOM 1505 C CG2 . THR B 1 88  ? 11.375  14.164  -13.308 1.00 17.00 ? 88  THR B CG2 1 
ATOM 1506 N N   . PRO B 1 89  ? 12.815  11.618  -9.899  1.00 12.45 ? 89  PRO B N   1 
ATOM 1507 C CA  . PRO B 1 89  ? 12.791  10.551  -8.895  1.00 11.34 ? 89  PRO B CA  1 
ATOM 1508 C C   . PRO B 1 89  ? 11.545  9.670   -8.989  1.00 9.59  ? 89  PRO B C   1 
ATOM 1509 O O   . PRO B 1 89  ? 10.437  10.157  -9.232  1.00 10.89 ? 89  PRO B O   1 
ATOM 1510 C CB  . PRO B 1 89  ? 12.844  11.322  -7.577  1.00 12.59 ? 89  PRO B CB  1 
ATOM 1511 C CG  . PRO B 1 89  ? 13.658  12.530  -7.940  1.00 12.53 ? 89  PRO B CG  1 
ATOM 1512 C CD  . PRO B 1 89  ? 13.075  12.927  -9.274  1.00 13.27 ? 89  PRO B CD  1 
ATOM 1513 N N   . LEU B 1 90  ? 11.751  8.368   -8.821  1.00 9.86  ? 90  LEU B N   1 
ATOM 1514 C CA  . LEU B 1 90  ? 10.664  7.396   -8.824  1.00 9.77  ? 90  LEU B CA  1 
ATOM 1515 C C   . LEU B 1 90  ? 10.363  7.183   -7.336  1.00 8.62  ? 90  LEU B C   1 
ATOM 1516 O O   . LEU B 1 90  ? 11.110  6.505   -6.629  1.00 9.81  ? 90  LEU B O   1 
ATOM 1517 C CB  . LEU B 1 90  ? 11.115  6.089   -9.488  1.00 11.64 ? 90  LEU B CB  1 
ATOM 1518 C CG  . LEU B 1 90  ? 10.110  4.930   -9.549  1.00 10.10 ? 90  LEU B CG  1 
ATOM 1519 C CD1 . LEU B 1 90  ? 8.861   5.354   -10.320 1.00 12.44 ? 90  LEU B CD1 1 
ATOM 1520 C CD2 . LEU B 1 90  ? 10.768  3.727   -10.219 1.00 12.95 ? 90  LEU B CD2 1 
ATOM 1521 N N   . LYS B 1 91  ? 9.286   7.802   -6.866  1.00 9.68  ? 91  LYS B N   1 
ATOM 1522 C CA  . LYS B 1 91  ? 8.890   7.732   -5.463  1.00 8.76  ? 91  LYS B CA  1 
ATOM 1523 C C   . LYS B 1 91  ? 7.834   6.669   -5.246  1.00 8.70  ? 91  LYS B C   1 
ATOM 1524 O O   . LYS B 1 91  ? 6.750   6.728   -5.815  1.00 8.85  ? 91  LYS B O   1 
ATOM 1525 C CB  . LYS B 1 91  ? 8.371   9.099   -5.007  1.00 10.13 ? 91  LYS B CB  1 
ATOM 1526 C CG  . LYS B 1 91  ? 9.381   10.217  -5.224  1.00 12.00 ? 91  LYS B CG  1 
ATOM 1527 C CD  . LYS B 1 91  ? 8.821   11.574  -4.862  1.00 12.27 ? 91  LYS B CD  1 
ATOM 1528 C CE  . LYS B 1 91  ? 9.867   12.641  -5.101  1.00 15.32 ? 91  LYS B CE  1 
ATOM 1529 N NZ  . LYS B 1 91  ? 9.312   13.994  -4.854  1.00 16.15 ? 91  LYS B NZ  1 
ATOM 1530 N N   . THR B 1 92  ? 8.153   5.699   -4.394  1.00 8.53  ? 92  THR B N   1 
ATOM 1531 C CA  . THR B 1 92  ? 7.229   4.600   -4.157  1.00 8.78  ? 92  THR B CA  1 
ATOM 1532 C C   . THR B 1 92  ? 7.015   4.215   -2.699  1.00 9.03  ? 92  THR B C   1 
ATOM 1533 O O   . THR B 1 92  ? 7.836   4.513   -1.826  1.00 8.56  ? 92  THR B O   1 
ATOM 1534 C CB  . THR B 1 92  ? 7.700   3.325   -4.909  1.00 9.45  ? 92  THR B CB  1 
ATOM 1535 O OG1 . THR B 1 92  ? 8.815   2.735   -4.219  1.00 9.76  ? 92  THR B OG1 1 
ATOM 1536 C CG2 . THR B 1 92  ? 8.132   3.673   -6.331  1.00 11.52 ? 92  THR B CG2 1 
ATOM 1537 N N   . VAL B 1 93  ? 5.883   3.562   -2.452  1.00 8.47  ? 93  VAL B N   1 
ATOM 1538 C CA  . VAL B 1 93  ? 5.550   3.057   -1.131  1.00 8.31  ? 93  VAL B CA  1 
ATOM 1539 C C   . VAL B 1 93  ? 5.346   1.568   -1.371  1.00 9.69  ? 93  VAL B C   1 
ATOM 1540 O O   . VAL B 1 93  ? 4.656   1.161   -2.312  1.00 6.55  ? 93  VAL B O   1 
ATOM 1541 C CB  . VAL B 1 93  ? 4.284   3.740   -0.527  1.00 10.51 ? 93  VAL B CB  1 
ATOM 1542 C CG1 . VAL B 1 93  ? 3.071   3.514   -1.401  1.00 15.02 ? 93  VAL B CG1 1 
ATOM 1543 C CG2 . VAL B 1 93  ? 4.035   3.212   0.887   1.00 10.71 ? 93  VAL B CG2 1 
ATOM 1544 N N   . ASN B 1 94  ? 5.980   0.757   -0.533  1.00 8.02  ? 94  ASN B N   1 
ATOM 1545 C CA  . ASN B 1 94  ? 5.929   -0.691  -0.689  1.00 8.98  ? 94  ASN B CA  1 
ATOM 1546 C C   . ASN B 1 94  ? 5.409   -1.447  0.521   1.00 8.04  ? 94  ASN B C   1 
ATOM 1547 O O   . ASN B 1 94  ? 5.586   -1.016  1.661   1.00 8.92  ? 94  ASN B O   1 
ATOM 1548 C CB  . ASN B 1 94  ? 7.327   -1.213  -1.013  1.00 8.53  ? 94  ASN B CB  1 
ATOM 1549 C CG  . ASN B 1 94  ? 7.901   -0.599  -2.261  1.00 11.17 ? 94  ASN B CG  1 
ATOM 1550 O OD1 . ASN B 1 94  ? 7.919   -1.224  -3.317  1.00 11.32 ? 94  ASN B OD1 1 
ATOM 1551 N ND2 . ASN B 1 94  ? 8.367   0.645   -2.149  1.00 9.79  ? 94  ASN B ND2 1 
ATOM 1552 N N   . PHE B 1 95  ? 4.777   -2.586  0.255   1.00 7.81  ? 95  PHE B N   1 
ATOM 1553 C CA  . PHE B 1 95  ? 4.261   -3.450  1.308   1.00 7.86  ? 95  PHE B CA  1 
ATOM 1554 C C   . PHE B 1 95  ? 4.728   -4.869  1.038   1.00 8.73  ? 95  PHE B C   1 
ATOM 1555 O O   . PHE B 1 95  ? 4.525   -5.412  -0.052  1.00 8.44  ? 95  PHE B O   1 
ATOM 1556 C CB  . PHE B 1 95  ? 2.736   -3.397  1.368   1.00 7.49  ? 95  PHE B CB  1 
ATOM 1557 C CG  . PHE B 1 95  ? 2.191   -2.013  1.519   1.00 7.06  ? 95  PHE B CG  1 
ATOM 1558 C CD1 . PHE B 1 95  ? 2.053   -1.183  0.408   1.00 7.87  ? 95  PHE B CD1 1 
ATOM 1559 C CD2 . PHE B 1 95  ? 1.858   -1.511  2.775   1.00 8.29  ? 95  PHE B CD2 1 
ATOM 1560 C CE1 . PHE B 1 95  ? 1.598   0.120   0.545   1.00 8.51  ? 95  PHE B CE1 1 
ATOM 1561 C CE2 . PHE B 1 95  ? 1.401   -0.205  2.923   1.00 8.67  ? 95  PHE B CE2 1 
ATOM 1562 C CZ  . PHE B 1 95  ? 1.270   0.613   1.807   1.00 8.69  ? 95  PHE B CZ  1 
ATOM 1563 N N   . TYR B 1 96  ? 5.355   -5.465  2.042   1.00 8.28  ? 96  TYR B N   1 
ATOM 1564 C CA  . TYR B 1 96  ? 5.882   -6.821  1.934   1.00 7.62  ? 96  TYR B CA  1 
ATOM 1565 C C   . TYR B 1 96  ? 5.105   -7.790  2.812   1.00 8.58  ? 96  TYR B C   1 
ATOM 1566 O O   . TYR B 1 96  ? 4.807   -7.498  3.973   1.00 8.79  ? 96  TYR B O   1 
ATOM 1567 C CB  . TYR B 1 96  ? 7.355   -6.823  2.335   1.00 7.94  ? 96  TYR B CB  1 
ATOM 1568 C CG  . TYR B 1 96  ? 8.180   -5.875  1.502   1.00 7.13  ? 96  TYR B CG  1 
ATOM 1569 C CD1 . TYR B 1 96  ? 8.693   -6.268  0.269   1.00 8.04  ? 96  TYR B CD1 1 
ATOM 1570 C CD2 . TYR B 1 96  ? 8.417   -4.568  1.928   1.00 9.83  ? 96  TYR B CD2 1 
ATOM 1571 C CE1 . TYR B 1 96  ? 9.425   -5.390  -0.520  1.00 9.10  ? 96  TYR B CE1 1 
ATOM 1572 C CE2 . TYR B 1 96  ? 9.141   -3.680  1.145   1.00 9.21  ? 96  TYR B CE2 1 
ATOM 1573 C CZ  . TYR B 1 96  ? 9.644   -4.097  -0.077  1.00 9.73  ? 96  TYR B CZ  1 
ATOM 1574 O OH  . TYR B 1 96  ? 10.371  -3.226  -0.848  1.00 11.47 ? 96  TYR B OH  1 
ATOM 1575 N N   . HIS B 1 97  ? 4.769   -8.943  2.240   1.00 8.10  ? 97  HIS B N   1 
ATOM 1576 C CA  . HIS B 1 97  ? 4.029   -9.976  2.955   1.00 8.10  ? 97  HIS B CA  1 
ATOM 1577 C C   . HIS B 1 97  ? 4.663   -11.332 2.674   1.00 9.45  ? 97  HIS B C   1 
ATOM 1578 O O   . HIS B 1 97  ? 4.629   -11.807 1.541   1.00 9.97  ? 97  HIS B O   1 
ATOM 1579 C CB  . HIS B 1 97  ? 2.566   -10.013 2.499   1.00 9.34  ? 97  HIS B CB  1 
ATOM 1580 C CG  . HIS B 1 97  ? 1.742   -11.035 3.217   1.00 10.06 ? 97  HIS B CG  1 
ATOM 1581 N ND1 . HIS B 1 97  ? 0.814   -11.833 2.579   1.00 11.90 ? 97  HIS B ND1 1 
ATOM 1582 C CD2 . HIS B 1 97  ? 1.704   -11.390 4.522   1.00 8.76  ? 97  HIS B CD2 1 
ATOM 1583 C CE1 . HIS B 1 97  ? 0.243   -12.636 3.460   1.00 10.90 ? 97  HIS B CE1 1 
ATOM 1584 N NE2 . HIS B 1 97  ? 0.765   -12.387 4.647   1.00 12.02 ? 97  HIS B NE2 1 
ATOM 1585 N N   . PRO B 1 98  ? 5.294   -11.954 3.688   1.00 9.26  ? 98  PRO B N   1 
ATOM 1586 C CA  . PRO B 1 98  ? 5.461   -11.483 5.067   1.00 10.64 ? 98  PRO B CA  1 
ATOM 1587 C C   . PRO B 1 98  ? 6.560   -10.426 5.082   1.00 9.16  ? 98  PRO B C   1 
ATOM 1588 O O   . PRO B 1 98  ? 7.102   -10.084 4.034   1.00 9.72  ? 98  PRO B O   1 
ATOM 1589 C CB  . PRO B 1 98  ? 5.885   -12.748 5.805   1.00 12.18 ? 98  PRO B CB  1 
ATOM 1590 C CG  . PRO B 1 98  ? 6.725   -13.436 4.784   1.00 14.17 ? 98  PRO B CG  1 
ATOM 1591 C CD  . PRO B 1 98  ? 5.894   -13.290 3.522   1.00 11.90 ? 98  PRO B CD  1 
ATOM 1592 N N   . PRO B 1 99  ? 6.910   -9.901  6.268   1.00 9.18  ? 99  PRO B N   1 
ATOM 1593 C CA  . PRO B 1 99  ? 7.967   -8.886  6.323   1.00 9.25  ? 99  PRO B CA  1 
ATOM 1594 C C   . PRO B 1 99  ? 9.236   -9.422  5.663   1.00 9.28  ? 99  PRO B C   1 
ATOM 1595 O O   . PRO B 1 99  ? 9.586   -10.587 5.843   1.00 10.18 ? 99  PRO B O   1 
ATOM 1596 C CB  . PRO B 1 99  ? 8.140   -8.656  7.819   1.00 9.45  ? 99  PRO B CB  1 
ATOM 1597 C CG  . PRO B 1 99  ? 6.768   -8.890  8.360   1.00 9.87  ? 99  PRO B CG  1 
ATOM 1598 C CD  . PRO B 1 99  ? 6.302   -10.108 7.594   1.00 10.06 ? 99  PRO B CD  1 
ATOM 1599 N N   . ALA B 1 100 ? 9.932   -8.579  4.907   1.00 8.90  ? 100 ALA B N   1 
ATOM 1600 C CA  . ALA B 1 100 ? 11.136  -9.025  4.215   1.00 9.87  ? 100 ALA B CA  1 
ATOM 1601 C C   . ALA B 1 100 ? 12.438  -8.407  4.707   1.00 8.91  ? 100 ALA B C   1 
ATOM 1602 O O   . ALA B 1 100 ? 13.513  -8.896  4.378   1.00 9.24  ? 100 ALA B O   1 
ATOM 1603 C CB  . ALA B 1 100 ? 10.984  -8.774  2.711   1.00 11.64 ? 100 ALA B CB  1 
ATOM 1604 N N   . TYR B 1 101 ? 12.348  -7.359  5.518   1.00 9.85  ? 101 TYR B N   1 
ATOM 1605 C CA  . TYR B 1 101 ? 13.558  -6.687  5.989   1.00 9.54  ? 101 TYR B CA  1 
ATOM 1606 C C   . TYR B 1 101 ? 13.541  -6.410  7.482   1.00 10.07 ? 101 TYR B C   1 
ATOM 1607 O O   . TYR B 1 101 ? 12.483  -6.445  8.110   1.00 9.79  ? 101 TYR B O   1 
ATOM 1608 C CB  . TYR B 1 101 ? 13.698  -5.348  5.264   1.00 10.54 ? 101 TYR B CB  1 
ATOM 1609 C CG  . TYR B 1 101 ? 13.698  -5.455  3.758   1.00 9.22  ? 101 TYR B CG  1 
ATOM 1610 C CD1 . TYR B 1 101 ? 14.873  -5.716  3.069   1.00 9.82  ? 101 TYR B CD1 1 
ATOM 1611 C CD2 . TYR B 1 101 ? 12.516  -5.325  3.026   1.00 9.43  ? 101 TYR B CD2 1 
ATOM 1612 C CE1 . TYR B 1 101 ? 14.881  -5.850  1.690   1.00 10.65 ? 101 TYR B CE1 1 
ATOM 1613 C CE2 . TYR B 1 101 ? 12.513  -5.456  1.638   1.00 10.87 ? 101 TYR B CE2 1 
ATOM 1614 C CZ  . TYR B 1 101 ? 13.700  -5.718  0.980   1.00 10.55 ? 101 TYR B CZ  1 
ATOM 1615 O OH  . TYR B 1 101 ? 13.721  -5.860  -0.391  1.00 13.55 ? 101 TYR B OH  1 
ATOM 1616 N N   . ASP B 1 102 ? 14.721  -6.146  8.045   1.00 11.23 ? 102 ASP B N   1 
ATOM 1617 C CA  . ASP B 1 102 ? 14.808  -5.765  9.446   1.00 11.49 ? 102 ASP B CA  1 
ATOM 1618 C C   . ASP B 1 102 ? 14.643  -4.245  9.426   1.00 12.62 ? 102 ASP B C   1 
ATOM 1619 O O   . ASP B 1 102 ? 14.515  -3.657  8.352   1.00 10.88 ? 102 ASP B O   1 
ATOM 1620 C CB  . ASP B 1 102 ? 16.151  -6.181  10.093  1.00 11.39 ? 102 ASP B CB  1 
ATOM 1621 C CG  . ASP B 1 102 ? 17.374  -5.551  9.437   1.00 13.38 ? 102 ASP B CG  1 
ATOM 1622 O OD1 . ASP B 1 102 ? 17.277  -4.454  8.854   1.00 11.14 ? 102 ASP B OD1 1 
ATOM 1623 O OD2 . ASP B 1 102 ? 18.462  -6.160  9.533   1.00 12.84 ? 102 ASP B OD2 1 
ATOM 1624 N N   . ALA B 1 103 ? 14.643  -3.616  10.595  1.00 12.80 ? 103 ALA B N   1 
ATOM 1625 C CA  . ALA B 1 103 ? 14.452  -2.169  10.688  1.00 13.97 ? 103 ALA B CA  1 
ATOM 1626 C C   . ALA B 1 103 ? 15.466  -1.314  9.937   1.00 14.23 ? 103 ALA B C   1 
ATOM 1627 O O   . ALA B 1 103 ? 15.169  -0.173  9.582   1.00 14.02 ? 103 ALA B O   1 
ATOM 1628 C CB  . ALA B 1 103 ? 14.415  -1.756  12.156  1.00 14.08 ? 103 ALA B CB  1 
ATOM 1629 N N   . GLN B 1 104 ? 16.659  -1.852  9.700   1.00 12.94 ? 104 GLN B N   1 
ATOM 1630 C CA  . GLN B 1 104 ? 17.702  -1.112  8.998   1.00 14.54 ? 104 GLN B CA  1 
ATOM 1631 C C   . GLN B 1 104 ? 17.666  -1.289  7.477   1.00 14.66 ? 104 GLN B C   1 
ATOM 1632 O O   . GLN B 1 104 ? 18.497  -0.732  6.763   1.00 15.91 ? 104 GLN B O   1 
ATOM 1633 C CB  . GLN B 1 104 ? 19.087  -1.518  9.523   1.00 15.58 ? 104 GLN B CB  1 
ATOM 1634 C CG  . GLN B 1 104 ? 19.438  -0.993  10.913  1.00 19.70 ? 104 GLN B CG  1 
ATOM 1635 C CD  . GLN B 1 104 ? 18.382  -1.297  11.953  1.00 22.20 ? 104 GLN B CD  1 
ATOM 1636 O OE1 . GLN B 1 104 ? 17.490  -0.482  12.207  1.00 23.34 ? 104 GLN B OE1 1 
ATOM 1637 N NE2 . GLN B 1 104 ? 18.463  -2.485  12.554  1.00 22.22 ? 104 GLN B NE2 1 
ATOM 1638 N N   . GLY B 1 105 ? 16.714  -2.074  6.984   1.00 14.19 ? 105 GLY B N   1 
ATOM 1639 C CA  . GLY B 1 105 ? 16.614  -2.283  5.548   1.00 14.38 ? 105 GLY B CA  1 
ATOM 1640 C C   . GLY B 1 105 ? 17.421  -3.453  5.010   1.00 14.27 ? 105 GLY B C   1 
ATOM 1641 O O   . GLY B 1 105 ? 17.555  -3.620  3.798   1.00 13.69 ? 105 GLY B O   1 
ATOM 1642 N N   . GLU B 1 106 ? 17.973  -4.262  5.904   1.00 13.37 ? 106 GLU B N   1 
ATOM 1643 C CA  . GLU B 1 106 ? 18.748  -5.428  5.496   1.00 13.42 ? 106 GLU B CA  1 
ATOM 1644 C C   . GLU B 1 106 ? 17.771  -6.587  5.386   1.00 11.37 ? 106 GLU B C   1 
ATOM 1645 O O   . GLU B 1 106 ? 16.876  -6.727  6.213   1.00 11.22 ? 106 GLU B O   1 
ATOM 1646 C CB  . GLU B 1 106 ? 19.811  -5.750  6.546   1.00 14.55 ? 106 GLU B CB  1 
ATOM 1647 C CG  . GLU B 1 106 ? 20.648  -6.970  6.230   1.00 18.29 ? 106 GLU B CG  1 
ATOM 1648 C CD  . GLU B 1 106 ? 21.658  -6.709  5.135   1.00 20.88 ? 106 GLU B CD  1 
ATOM 1649 O OE1 . GLU B 1 106 ? 22.393  -7.647  4.769   1.00 23.67 ? 106 GLU B OE1 1 
ATOM 1650 O OE2 . GLU B 1 106 ? 21.721  -5.563  4.644   1.00 21.56 ? 106 GLU B OE2 1 
ATOM 1651 N N   . PRO B 1 107 ? 17.916  -7.429  4.352   1.00 12.03 ? 107 PRO B N   1 
ATOM 1652 C CA  . PRO B 1 107 ? 16.991  -8.556  4.217   1.00 12.63 ? 107 PRO B CA  1 
ATOM 1653 C C   . PRO B 1 107 ? 17.000  -9.518  5.404   1.00 12.76 ? 107 PRO B C   1 
ATOM 1654 O O   . PRO B 1 107 ? 18.047  -9.773  6.006   1.00 13.75 ? 107 PRO B O   1 
ATOM 1655 C CB  . PRO B 1 107 ? 17.466  -9.239  2.938   1.00 12.42 ? 107 PRO B CB  1 
ATOM 1656 C CG  . PRO B 1 107 ? 17.999  -8.112  2.134   1.00 12.50 ? 107 PRO B CG  1 
ATOM 1657 C CD  . PRO B 1 107 ? 18.780  -7.317  3.166   1.00 12.57 ? 107 PRO B CD  1 
ATOM 1658 N N   . LEU B 1 108 ? 15.824  -10.040 5.736   1.00 12.48 ? 108 LEU B N   1 
ATOM 1659 C CA  . LEU B 1 108 ? 15.680  -11.015 6.809   1.00 13.20 ? 108 LEU B CA  1 
ATOM 1660 C C   . LEU B 1 108 ? 16.202  -12.325 6.213   1.00 12.05 ? 108 LEU B C   1 
ATOM 1661 O O   . LEU B 1 108 ? 16.163  -12.509 4.998   1.00 11.37 ? 108 LEU B O   1 
ATOM 1662 C CB  . LEU B 1 108 ? 14.200  -11.155 7.184   1.00 12.63 ? 108 LEU B CB  1 
ATOM 1663 C CG  . LEU B 1 108 ? 13.605  -10.471 8.422   1.00 18.50 ? 108 LEU B CG  1 
ATOM 1664 C CD1 . LEU B 1 108 ? 14.495  -9.347  8.929   1.00 17.38 ? 108 LEU B CD1 1 
ATOM 1665 C CD2 . LEU B 1 108 ? 12.201  -9.993  8.095   1.00 12.46 ? 108 LEU B CD2 1 
ATOM 1666 N N   . PRO B 1 109 ? 16.689  -13.252 7.056   1.00 12.37 ? 109 PRO B N   1 
ATOM 1667 C CA  . PRO B 1 109 ? 17.218  -14.535 6.575   1.00 11.82 ? 109 PRO B CA  1 
ATOM 1668 C C   . PRO B 1 109 ? 16.168  -15.479 5.983   1.00 12.22 ? 109 PRO B C   1 
ATOM 1669 O O   . PRO B 1 109 ? 15.001  -15.443 6.368   1.00 12.26 ? 109 PRO B O   1 
ATOM 1670 C CB  . PRO B 1 109 ? 17.877  -15.119 7.825   1.00 12.59 ? 109 PRO B CB  1 
ATOM 1671 C CG  . PRO B 1 109 ? 16.978  -14.639 8.907   1.00 13.38 ? 109 PRO B CG  1 
ATOM 1672 C CD  . PRO B 1 109 ? 16.737  -13.188 8.527   1.00 11.37 ? 109 PRO B CD  1 
ATOM 1673 N N   . ALA B 1 110 ? 16.608  -16.325 5.056   1.00 11.24 ? 110 ALA B N   1 
ATOM 1674 C CA  . ALA B 1 110 ? 15.728  -17.298 4.412   1.00 13.19 ? 110 ALA B CA  1 
ATOM 1675 C C   . ALA B 1 110 ? 15.199  -18.281 5.450   1.00 14.63 ? 110 ALA B C   1 
ATOM 1676 O O   . ALA B 1 110 ? 15.948  -18.770 6.298   1.00 14.07 ? 110 ALA B O   1 
ATOM 1677 C CB  . ALA B 1 110 ? 16.482  -18.039 3.330   1.00 13.22 ? 110 ALA B CB  1 
ATOM 1678 N N   . GLY B 1 111 ? 13.907  -18.575 5.370   1.00 15.93 ? 111 GLY B N   1 
ATOM 1679 C CA  . GLY B 1 111 ? 13.282  -19.484 6.314   1.00 17.69 ? 111 GLY B CA  1 
ATOM 1680 C C   . GLY B 1 111 ? 13.092  -18.832 7.673   1.00 18.42 ? 111 GLY B C   1 
ATOM 1681 O O   . GLY B 1 111 ? 12.981  -19.562 8.686   1.00 20.69 ? 111 GLY B O   1 
# 
